data_4KTO
#
_entry.id   4KTO
#
_cell.length_a   89.912
_cell.length_b   115.158
_cell.length_c   143.619
_cell.angle_alpha   90.00
_cell.angle_beta   90.00
_cell.angle_gamma   90.00
#
_symmetry.space_group_name_H-M   'P 21 21 21'
#
loop_
_entity.id
_entity.type
_entity.pdbx_description
1 polymer 'isovaleryl-CoA dehydrogenase'
2 non-polymer 'FLAVIN-ADENINE DINUCLEOTIDE'
3 non-polymer 2-AMINO-2-HYDROXYMETHYL-PROPANE-1,3-DIOL
4 water water
#
_entity_poly.entity_id   1
_entity_poly.type   'polypeptide(L)'
_entity_poly.pdbx_seq_one_letter_code
;(MSE)HHHHHHSSGVDLGTENLYFQS(MSE)(MSE)FEAGLNFALGEEIDALRASVRRFASERIAPLADDADRSNAFP
(MSE)SLWRE(MSE)GELGLLGITADEAHGGAGLGYLAHCVA(MSE)EEISRASASVGLSYGAHSNLCVNQINRNGKPAQ
KSRYLPKLISGEHVGALA(MSE)SEPGAGSDVVS(MSE)KLKADKRGDRYVLNGSK(MSE)WITNGPDADVLVVYAKTDP
AAGPRGITAFLVEKAFPGFSAGQKLDKLG(MSE)RGSNTSELIFTDCEVPEENVLGGVGEGVKVL(MSE)SGLDYERVVL
SAGPLGI(MSE)AACLDVVVPYLHERKQFGQPIGEFQL(MSE)QGKLAD(MSE)YVT(MSE)NAARAYVYAVAAACDRGE
TARKDAAGCILYAAEKATA(MSE)ALEAIQALGGNGYTNDYPAGRLLRDAKLYEIGAGTSEIRR(MSE)LIGRELFAETK
;
_entity_poly.pdbx_strand_id   A,B,C,D
#
loop_
_chem_comp.id
_chem_comp.type
_chem_comp.name
_chem_comp.formula
FAD non-polymer 'FLAVIN-ADENINE DINUCLEOTIDE' 'C27 H33 N9 O15 P2'
TRS non-polymer 2-AMINO-2-HYDROXYMETHYL-PROPANE-1,3-DIOL 'C4 H12 N O3 1'
#
# COMPACT_ATOMS: atom_id res chain seq x y z
N MSE A 24 -28.62 1.82 2.39
CA MSE A 24 -28.72 2.05 3.82
C MSE A 24 -27.70 3.09 4.32
O MSE A 24 -28.04 3.94 5.15
CB MSE A 24 -28.59 0.73 4.58
CG MSE A 24 -29.00 0.84 6.04
SE MSE A 24 -29.52 -0.86 6.85
CE MSE A 24 -31.46 -0.68 6.75
N PHE A 25 -26.46 3.03 3.83
CA PHE A 25 -25.49 4.10 4.06
C PHE A 25 -25.58 5.11 2.92
N GLU A 26 -26.02 6.31 3.22
CA GLU A 26 -26.29 7.26 2.14
C GLU A 26 -25.49 8.56 2.25
N ALA A 27 -24.46 8.57 3.08
CA ALA A 27 -23.55 9.69 3.09
C ALA A 27 -22.80 9.66 1.77
N GLY A 28 -22.31 10.80 1.34
CA GLY A 28 -21.58 10.87 0.09
C GLY A 28 -21.63 12.28 -0.47
N LEU A 29 -20.69 12.56 -1.36
CA LEU A 29 -20.59 13.85 -2.01
C LEU A 29 -21.70 14.00 -3.04
N ASN A 30 -22.41 15.13 -3.03
CA ASN A 30 -23.35 15.41 -4.11
C ASN A 30 -22.61 15.80 -5.40
N PHE A 31 -22.83 15.05 -6.47
CA PHE A 31 -22.20 15.31 -7.77
C PHE A 31 -23.04 16.15 -8.75
N ALA A 32 -24.25 16.53 -8.34
CA ALA A 32 -25.15 17.37 -9.14
C ALA A 32 -25.35 16.85 -10.56
N LEU A 33 -25.75 15.59 -10.68
CA LEU A 33 -25.92 14.95 -11.96
C LEU A 33 -27.21 15.38 -12.65
N GLY A 34 -28.05 16.14 -11.95
CA GLY A 34 -29.30 16.60 -12.52
C GLY A 34 -30.53 15.79 -12.11
N GLU A 35 -31.70 16.37 -12.34
CA GLU A 35 -32.96 15.78 -11.91
C GLU A 35 -33.28 14.45 -12.58
N GLU A 36 -32.97 14.34 -13.87
CA GLU A 36 -33.29 13.11 -14.59
C GLU A 36 -32.45 11.95 -14.07
N ILE A 37 -31.17 12.20 -13.86
CA ILE A 37 -30.31 11.15 -13.32
C ILE A 37 -30.63 10.87 -11.85
N ASP A 38 -30.95 11.90 -11.08
CA ASP A 38 -31.34 11.68 -9.69
C ASP A 38 -32.60 10.80 -9.59
N ALA A 39 -33.57 11.08 -10.45
CA ALA A 39 -34.81 10.31 -10.50
C ALA A 39 -34.55 8.87 -10.94
N LEU A 40 -33.69 8.71 -11.94
CA LEU A 40 -33.30 7.38 -12.39
C LEU A 40 -32.68 6.59 -11.23
N ARG A 41 -31.76 7.22 -10.51
CA ARG A 41 -31.12 6.59 -9.38
C ARG A 41 -32.16 6.13 -8.36
N ALA A 42 -33.12 7.00 -8.07
CA ALA A 42 -34.22 6.63 -7.17
C ALA A 42 -35.02 5.41 -7.64
N SER A 43 -35.36 5.35 -8.94
CA SER A 43 -36.13 4.21 -9.46
C SER A 43 -35.35 2.91 -9.37
N VAL A 44 -34.12 2.95 -9.84
CA VAL A 44 -33.28 1.77 -9.82
C VAL A 44 -33.00 1.32 -8.39
N ARG A 45 -32.76 2.27 -7.49
CA ARG A 45 -32.48 1.90 -6.10
C ARG A 45 -33.67 1.22 -5.48
N ARG A 46 -34.87 1.74 -5.78
CA ARG A 46 -36.09 1.10 -5.28
C ARG A 46 -36.21 -0.33 -5.78
N PHE A 47 -36.05 -0.51 -7.09
CA PHE A 47 -36.11 -1.84 -7.69
C PHE A 47 -35.07 -2.81 -7.11
N ALA A 48 -33.83 -2.34 -6.99
CA ALA A 48 -32.71 -3.13 -6.51
C ALA A 48 -32.88 -3.57 -5.07
N SER A 49 -33.33 -2.66 -4.22
CA SER A 49 -33.51 -3.00 -2.82
C SER A 49 -34.73 -3.89 -2.60
N GLU A 50 -35.81 -3.66 -3.35
CA GLU A 50 -37.04 -4.40 -3.14
C GLU A 50 -37.04 -5.79 -3.77
N ARG A 51 -36.38 -5.89 -4.91
CA ARG A 51 -36.48 -7.05 -5.77
C ARG A 51 -35.15 -7.80 -5.86
N ILE A 52 -34.07 -7.04 -6.11
CA ILE A 52 -32.78 -7.69 -6.35
C ILE A 52 -32.06 -8.20 -5.10
N ALA A 53 -31.91 -7.34 -4.09
CA ALA A 53 -31.20 -7.73 -2.86
C ALA A 53 -31.73 -8.99 -2.16
N PRO A 54 -33.07 -9.17 -2.08
CA PRO A 54 -33.52 -10.37 -1.35
C PRO A 54 -33.21 -11.68 -2.08
N LEU A 55 -32.80 -11.62 -3.34
CA LEU A 55 -32.43 -12.85 -4.02
C LEU A 55 -30.92 -12.97 -4.34
N ALA A 56 -30.15 -11.98 -3.90
CA ALA A 56 -28.71 -11.97 -4.17
C ALA A 56 -27.98 -13.21 -3.57
N ASP A 57 -28.29 -13.52 -2.30
CA ASP A 57 -27.72 -14.71 -1.66
C ASP A 57 -28.14 -15.98 -2.42
N ASP A 58 -29.40 -16.01 -2.86
CA ASP A 58 -29.94 -17.19 -3.53
C ASP A 58 -29.23 -17.42 -4.84
N ALA A 59 -28.94 -16.33 -5.54
CA ALA A 59 -28.27 -16.40 -6.83
C ALA A 59 -26.85 -16.93 -6.62
N ASP A 60 -26.19 -16.45 -5.58
CA ASP A 60 -24.83 -16.92 -5.29
C ASP A 60 -24.84 -18.41 -4.92
N ARG A 61 -25.86 -18.81 -4.16
CA ARG A 61 -25.91 -20.19 -3.67
C ARG A 61 -26.30 -21.20 -4.74
N SER A 62 -27.28 -20.86 -5.56
CA SER A 62 -27.74 -21.79 -6.59
C SER A 62 -26.86 -21.70 -7.82
N ASN A 63 -25.91 -20.75 -7.81
CA ASN A 63 -24.99 -20.53 -8.93
C ASN A 63 -25.73 -20.34 -10.24
N ALA A 64 -26.79 -19.54 -10.21
CA ALA A 64 -27.58 -19.31 -11.42
C ALA A 64 -28.27 -17.96 -11.42
N PHE A 65 -28.38 -17.36 -12.61
CA PHE A 65 -29.11 -16.13 -12.75
C PHE A 65 -30.62 -16.39 -12.61
N PRO A 66 -31.32 -15.54 -11.84
CA PRO A 66 -32.79 -15.52 -11.72
C PRO A 66 -33.44 -14.89 -12.96
N MSE A 67 -33.82 -15.75 -13.90
CA MSE A 67 -34.18 -15.34 -15.25
C MSE A 67 -35.36 -14.38 -15.32
O MSE A 67 -35.44 -13.53 -16.22
CB MSE A 67 -34.45 -16.58 -16.10
CG MSE A 67 -33.27 -17.53 -16.14
SE MSE A 67 -31.64 -16.71 -16.90
CE MSE A 67 -32.22 -16.49 -18.76
N SER A 68 -36.24 -14.48 -14.33
CA SER A 68 -37.43 -13.65 -14.29
C SER A 68 -37.09 -12.16 -14.15
N LEU A 69 -35.87 -11.85 -13.74
CA LEU A 69 -35.43 -10.46 -13.67
C LEU A 69 -35.34 -9.78 -15.03
N TRP A 70 -35.02 -10.54 -16.09
CA TRP A 70 -34.83 -9.91 -17.40
C TRP A 70 -36.06 -9.06 -17.82
N ARG A 71 -37.23 -9.69 -17.87
CA ARG A 71 -38.42 -8.95 -18.26
C ARG A 71 -38.69 -7.79 -17.30
N GLU A 72 -38.40 -7.97 -16.02
CA GLU A 72 -38.67 -6.90 -15.08
C GLU A 72 -37.77 -5.71 -15.37
N MSE A 73 -36.51 -5.98 -15.66
CA MSE A 73 -35.59 -4.89 -15.95
C MSE A 73 -36.00 -4.28 -17.28
O MSE A 73 -35.89 -3.07 -17.47
CB MSE A 73 -34.14 -5.37 -15.93
CG MSE A 73 -33.75 -5.83 -14.56
SE MSE A 73 -31.83 -6.12 -14.33
CE MSE A 73 -31.66 -7.74 -15.43
N GLY A 74 -36.54 -5.14 -18.15
CA GLY A 74 -37.02 -4.70 -19.45
C GLY A 74 -38.15 -3.72 -19.23
N GLU A 75 -39.03 -4.03 -18.30
CA GLU A 75 -40.22 -3.22 -18.07
C GLU A 75 -39.83 -1.83 -17.58
N LEU A 76 -38.83 -1.79 -16.70
CA LEU A 76 -38.35 -0.53 -16.14
C LEU A 76 -37.52 0.33 -17.10
N GLY A 77 -37.28 -0.17 -18.31
CA GLY A 77 -36.51 0.56 -19.29
C GLY A 77 -35.00 0.54 -19.06
N LEU A 78 -34.53 -0.43 -18.30
CA LEU A 78 -33.11 -0.47 -17.95
C LEU A 78 -32.25 -1.16 -19.00
N LEU A 79 -32.82 -2.09 -19.74
CA LEU A 79 -32.00 -2.89 -20.64
C LEU A 79 -31.54 -2.11 -21.88
N GLY A 80 -32.34 -1.13 -22.29
CA GLY A 80 -32.02 -0.34 -23.47
C GLY A 80 -31.74 1.12 -23.12
N ILE A 81 -31.15 1.30 -21.95
CA ILE A 81 -30.95 2.62 -21.38
C ILE A 81 -30.11 3.57 -22.28
N THR A 82 -29.12 3.03 -23.01
CA THR A 82 -28.39 3.88 -23.97
C THR A 82 -28.79 3.60 -25.42
N ALA A 83 -29.83 2.81 -25.63
CA ALA A 83 -30.27 2.51 -26.98
C ALA A 83 -31.20 3.61 -27.44
N ASP A 84 -31.33 3.80 -28.75
CA ASP A 84 -32.13 4.89 -29.29
C ASP A 84 -33.60 4.70 -28.96
N GLU A 85 -34.28 5.81 -28.73
CA GLU A 85 -35.72 5.80 -28.54
C GLU A 85 -36.48 5.24 -29.75
N ALA A 86 -35.94 5.42 -30.96
CA ALA A 86 -36.58 4.88 -32.16
C ALA A 86 -36.73 3.36 -32.09
N HIS A 87 -35.83 2.70 -31.37
CA HIS A 87 -35.96 1.26 -31.26
C HIS A 87 -36.48 0.84 -29.91
N GLY A 88 -37.00 1.83 -29.17
CA GLY A 88 -37.65 1.55 -27.90
C GLY A 88 -36.75 1.75 -26.69
N GLY A 89 -35.51 2.18 -26.93
CA GLY A 89 -34.60 2.44 -25.84
C GLY A 89 -34.92 3.71 -25.09
N ALA A 90 -34.15 4.01 -24.06
CA ALA A 90 -34.40 5.21 -23.27
C ALA A 90 -33.66 6.42 -23.84
N GLY A 91 -32.71 6.16 -24.75
CA GLY A 91 -31.86 7.22 -25.29
C GLY A 91 -31.02 8.03 -24.30
N LEU A 92 -30.63 7.45 -23.18
CA LEU A 92 -29.76 8.14 -22.21
C LEU A 92 -28.28 7.86 -22.52
N GLY A 93 -27.38 8.38 -21.68
CA GLY A 93 -25.96 8.24 -21.94
C GLY A 93 -25.22 7.35 -20.95
N TYR A 94 -23.90 7.44 -20.98
CA TYR A 94 -23.06 6.56 -20.16
C TYR A 94 -23.06 6.97 -18.70
N LEU A 95 -23.20 8.26 -18.40
CA LEU A 95 -23.35 8.67 -17.00
C LEU A 95 -24.59 8.04 -16.37
N ALA A 96 -25.72 8.19 -17.06
CA ALA A 96 -26.96 7.51 -16.65
C ALA A 96 -26.73 6.01 -16.47
N HIS A 97 -26.11 5.41 -17.46
CA HIS A 97 -25.94 3.95 -17.43
C HIS A 97 -25.06 3.51 -16.26
N CYS A 98 -24.01 4.29 -15.98
CA CYS A 98 -23.15 4.03 -14.84
C CYS A 98 -23.96 4.08 -13.57
N VAL A 99 -24.80 5.11 -13.44
CA VAL A 99 -25.63 5.18 -12.24
C VAL A 99 -26.55 3.95 -12.07
N ALA A 100 -27.22 3.54 -13.15
CA ALA A 100 -28.08 2.35 -13.08
C ALA A 100 -27.29 1.09 -12.68
N MSE A 101 -26.16 0.90 -13.34
CA MSE A 101 -25.26 -0.22 -13.08
C MSE A 101 -24.79 -0.27 -11.62
O MSE A 101 -24.77 -1.33 -10.99
CB MSE A 101 -24.05 -0.16 -14.03
CG MSE A 101 -22.94 -1.14 -13.68
SE MSE A 101 -23.46 -2.98 -14.11
CE MSE A 101 -21.73 -3.86 -13.91
N GLU A 102 -24.44 0.90 -11.10
CA GLU A 102 -24.03 1.06 -9.70
C GLU A 102 -25.16 0.63 -8.74
N GLU A 103 -26.37 1.14 -8.95
CA GLU A 103 -27.45 0.80 -8.02
C GLU A 103 -27.81 -0.68 -8.08
N ILE A 104 -27.76 -1.26 -9.27
CA ILE A 104 -28.03 -2.69 -9.40
C ILE A 104 -26.93 -3.54 -8.74
N SER A 105 -25.68 -3.18 -9.00
CA SER A 105 -24.53 -3.92 -8.48
C SER A 105 -24.49 -3.85 -6.95
N ARG A 106 -24.94 -2.72 -6.41
CA ARG A 106 -24.99 -2.53 -4.97
C ARG A 106 -25.88 -3.60 -4.30
N ALA A 107 -26.90 -4.04 -5.02
CA ALA A 107 -27.83 -5.04 -4.52
C ALA A 107 -27.35 -6.47 -4.78
N SER A 108 -26.88 -6.72 -6.00
CA SER A 108 -26.23 -7.96 -6.37
C SER A 108 -25.23 -7.70 -7.46
N ALA A 109 -23.95 -7.94 -7.17
CA ALA A 109 -22.91 -7.72 -8.17
C ALA A 109 -23.05 -8.69 -9.35
N SER A 110 -23.57 -9.90 -9.09
CA SER A 110 -23.82 -10.87 -10.17
C SER A 110 -24.83 -10.34 -11.16
N VAL A 111 -25.96 -9.86 -10.62
CA VAL A 111 -27.01 -9.33 -11.46
C VAL A 111 -26.43 -8.15 -12.21
N GLY A 112 -25.62 -7.34 -11.53
CA GLY A 112 -24.97 -6.21 -12.18
C GLY A 112 -24.10 -6.57 -13.36
N LEU A 113 -23.25 -7.60 -13.19
CA LEU A 113 -22.39 -8.02 -14.27
C LEU A 113 -23.23 -8.49 -15.46
N SER A 114 -24.21 -9.34 -15.20
CA SER A 114 -25.06 -9.83 -16.29
C SER A 114 -25.77 -8.69 -17.00
N TYR A 115 -26.31 -7.77 -16.22
CA TYR A 115 -26.98 -6.59 -16.74
C TYR A 115 -26.04 -5.77 -17.64
N GLY A 116 -24.81 -5.56 -17.18
CA GLY A 116 -23.84 -4.77 -17.93
C GLY A 116 -23.52 -5.43 -19.26
N ALA A 117 -23.29 -6.74 -19.22
CA ALA A 117 -22.97 -7.46 -20.44
C ALA A 117 -24.11 -7.37 -21.44
N HIS A 118 -25.35 -7.48 -20.95
CA HIS A 118 -26.52 -7.37 -21.81
C HIS A 118 -26.70 -5.96 -22.39
N SER A 119 -26.67 -4.96 -21.52
CA SER A 119 -27.20 -3.66 -21.88
C SER A 119 -26.10 -2.80 -22.49
N ASN A 120 -24.86 -3.01 -22.05
CA ASN A 120 -23.75 -2.32 -22.70
C ASN A 120 -23.01 -3.15 -23.74
N LEU A 121 -22.41 -4.25 -23.32
CA LEU A 121 -21.53 -5.01 -24.21
C LEU A 121 -22.29 -5.44 -25.45
N CYS A 122 -23.54 -5.80 -25.29
CA CYS A 122 -24.33 -6.25 -26.43
C CYS A 122 -25.22 -5.15 -27.01
N VAL A 123 -26.18 -4.68 -26.23
CA VAL A 123 -27.14 -3.72 -26.75
C VAL A 123 -26.51 -2.43 -27.28
N ASN A 124 -25.50 -1.90 -26.56
CA ASN A 124 -24.90 -0.64 -26.99
C ASN A 124 -24.02 -0.82 -28.21
N GLN A 125 -23.33 -1.95 -28.33
CA GLN A 125 -22.56 -2.26 -29.55
C GLN A 125 -23.47 -2.26 -30.78
N ILE A 126 -24.69 -2.76 -30.59
CA ILE A 126 -25.64 -2.85 -31.68
C ILE A 126 -26.21 -1.48 -31.97
N ASN A 127 -26.56 -0.75 -30.92
CA ASN A 127 -27.02 0.60 -31.10
C ASN A 127 -26.00 1.50 -31.83
N ARG A 128 -24.73 1.45 -31.42
CA ARG A 128 -23.68 2.27 -32.03
C ARG A 128 -23.33 1.84 -33.44
N ASN A 129 -23.23 0.53 -33.67
CA ASN A 129 -22.63 0.07 -34.92
C ASN A 129 -23.59 -0.55 -35.93
N GLY A 130 -24.83 -0.75 -35.54
CA GLY A 130 -25.75 -1.49 -36.38
C GLY A 130 -26.32 -0.60 -37.44
N LYS A 131 -26.61 -1.16 -38.60
CA LYS A 131 -27.48 -0.48 -39.57
C LYS A 131 -28.90 -0.44 -38.98
N PRO A 132 -29.74 0.48 -39.46
CA PRO A 132 -31.14 0.56 -39.00
C PRO A 132 -31.88 -0.80 -39.00
N ALA A 133 -31.72 -1.60 -40.05
CA ALA A 133 -32.42 -2.88 -40.11
C ALA A 133 -31.93 -3.92 -39.08
N GLN A 134 -30.63 -3.94 -38.83
CA GLN A 134 -30.11 -4.84 -37.79
C GLN A 134 -30.66 -4.42 -36.43
N LYS A 135 -30.69 -3.11 -36.19
CA LYS A 135 -31.22 -2.58 -34.94
C LYS A 135 -32.70 -2.88 -34.75
N SER A 136 -33.50 -2.74 -35.80
CA SER A 136 -34.91 -3.04 -35.70
C SER A 136 -35.16 -4.54 -35.54
N ARG A 137 -34.33 -5.36 -36.14
CA ARG A 137 -34.53 -6.80 -35.98
C ARG A 137 -34.13 -7.29 -34.58
N TYR A 138 -33.01 -6.81 -34.07
CA TYR A 138 -32.49 -7.37 -32.82
C TYR A 138 -32.80 -6.58 -31.53
N LEU A 139 -32.79 -5.26 -31.61
CA LEU A 139 -32.99 -4.44 -30.41
C LEU A 139 -34.31 -4.63 -29.63
N PRO A 140 -35.47 -4.71 -30.33
CA PRO A 140 -36.73 -4.77 -29.56
C PRO A 140 -36.85 -5.87 -28.47
N LYS A 141 -36.45 -7.09 -28.77
CA LYS A 141 -36.56 -8.16 -27.75
C LYS A 141 -35.44 -8.06 -26.71
N LEU A 142 -34.33 -7.46 -27.09
CA LEU A 142 -33.24 -7.22 -26.16
C LEU A 142 -33.63 -6.12 -25.17
N ILE A 143 -34.34 -5.12 -25.66
CA ILE A 143 -34.77 -4.02 -24.81
C ILE A 143 -35.92 -4.44 -23.85
N SER A 144 -36.87 -5.24 -24.34
CA SER A 144 -37.93 -5.76 -23.48
C SER A 144 -37.45 -6.84 -22.50
N GLY A 145 -36.36 -7.51 -22.85
CA GLY A 145 -35.89 -8.58 -22.00
C GLY A 145 -36.41 -9.95 -22.39
N GLU A 146 -37.18 -10.03 -23.48
CA GLU A 146 -37.61 -11.33 -23.97
C GLU A 146 -36.39 -12.10 -24.46
N HIS A 147 -35.40 -11.33 -24.92
CA HIS A 147 -34.12 -11.87 -25.34
C HIS A 147 -32.99 -11.38 -24.43
N VAL A 148 -32.01 -12.24 -24.23
CA VAL A 148 -30.84 -11.91 -23.45
C VAL A 148 -29.69 -11.78 -24.43
N GLY A 149 -28.73 -10.91 -24.10
CA GLY A 149 -27.68 -10.55 -25.02
C GLY A 149 -26.31 -10.77 -24.42
N ALA A 150 -25.32 -11.03 -25.27
CA ALA A 150 -23.95 -11.23 -24.81
C ALA A 150 -22.95 -10.76 -25.87
N LEU A 151 -21.69 -10.72 -25.48
CA LEU A 151 -20.61 -10.33 -26.37
C LEU A 151 -19.48 -11.34 -26.23
N ALA A 152 -18.98 -11.84 -27.35
CA ALA A 152 -17.94 -12.86 -27.35
C ALA A 152 -16.69 -12.43 -28.14
N MSE A 153 -15.60 -12.23 -27.41
CA MSE A 153 -14.34 -11.82 -28.00
C MSE A 153 -13.17 -12.71 -27.57
O MSE A 153 -12.34 -13.11 -28.40
CB MSE A 153 -14.07 -10.37 -27.57
CG MSE A 153 -12.67 -9.86 -27.83
SE MSE A 153 -12.37 -8.26 -26.73
CE MSE A 153 -14.20 -7.54 -26.68
N SER A 154 -13.10 -13.02 -26.28
CA SER A 154 -11.96 -13.74 -25.71
C SER A 154 -11.86 -15.21 -26.12
N GLU A 155 -10.64 -15.67 -26.35
CA GLU A 155 -10.35 -17.08 -26.68
C GLU A 155 -9.21 -17.64 -25.82
N PRO A 156 -9.25 -18.96 -25.54
CA PRO A 156 -8.23 -19.70 -24.78
C PRO A 156 -6.79 -19.37 -25.19
N GLY A 157 -6.55 -19.15 -26.48
CA GLY A 157 -5.21 -18.80 -26.94
C GLY A 157 -5.03 -17.31 -27.16
N VAL A 163 -6.22 -9.76 -29.79
CA VAL A 163 -6.65 -9.68 -31.18
C VAL A 163 -5.74 -10.50 -32.09
N SER A 164 -5.14 -11.53 -31.50
CA SER A 164 -4.51 -12.61 -32.24
C SER A 164 -5.51 -13.76 -32.24
N MSE A 165 -6.79 -13.40 -32.18
CA MSE A 165 -7.86 -14.37 -32.01
C MSE A 165 -7.91 -15.35 -33.16
O MSE A 165 -7.39 -15.10 -34.24
CB MSE A 165 -9.20 -13.65 -31.90
CG MSE A 165 -9.55 -12.91 -33.16
SE MSE A 165 -11.30 -12.11 -32.98
CE MSE A 165 -10.95 -11.00 -31.42
N LYS A 166 -8.56 -16.49 -32.93
CA LYS A 166 -8.47 -17.58 -33.89
C LYS A 166 -9.81 -18.01 -34.45
N LEU A 167 -10.90 -17.55 -33.84
CA LEU A 167 -12.23 -17.84 -34.37
C LEU A 167 -12.30 -17.45 -35.85
N LYS A 168 -12.67 -18.40 -36.69
CA LYS A 168 -12.58 -18.22 -38.13
C LYS A 168 -13.95 -17.94 -38.73
N ALA A 169 -14.05 -16.95 -39.62
CA ALA A 169 -15.26 -16.75 -40.41
C ALA A 169 -14.91 -16.84 -41.88
N ASP A 170 -15.49 -17.81 -42.58
CA ASP A 170 -15.25 -17.96 -44.03
C ASP A 170 -16.51 -17.71 -44.81
N LYS A 171 -16.39 -17.08 -45.97
CA LYS A 171 -17.55 -16.83 -46.79
C LYS A 171 -18.00 -18.14 -47.44
N ARG A 172 -19.32 -18.36 -47.45
CA ARG A 172 -19.91 -19.48 -48.16
C ARG A 172 -21.20 -18.95 -48.80
N GLY A 173 -21.19 -18.79 -50.12
CA GLY A 173 -22.28 -18.12 -50.81
C GLY A 173 -22.54 -16.77 -50.18
N ASP A 174 -23.80 -16.51 -49.84
CA ASP A 174 -24.19 -15.24 -49.23
C ASP A 174 -24.18 -15.31 -47.71
N ARG A 175 -23.40 -16.24 -47.17
CA ARG A 175 -23.31 -16.43 -45.73
C ARG A 175 -21.85 -16.48 -45.26
N TYR A 176 -21.66 -16.33 -43.95
CA TYR A 176 -20.38 -16.57 -43.29
C TYR A 176 -20.49 -17.77 -42.37
N VAL A 177 -19.46 -18.59 -42.38
CA VAL A 177 -19.40 -19.78 -41.58
C VAL A 177 -18.35 -19.57 -40.51
N LEU A 178 -18.78 -19.71 -39.26
CA LEU A 178 -17.92 -19.50 -38.10
C LEU A 178 -17.43 -20.82 -37.51
N ASN A 179 -16.12 -20.90 -37.25
CA ASN A 179 -15.53 -22.09 -36.66
C ASN A 179 -14.53 -21.74 -35.56
N GLY A 180 -14.73 -22.31 -34.38
CA GLY A 180 -13.84 -22.10 -33.27
C GLY A 180 -14.58 -21.97 -31.95
N SER A 181 -13.92 -21.36 -30.97
CA SER A 181 -14.58 -21.13 -29.69
C SER A 181 -14.27 -19.75 -29.09
N LYS A 182 -15.17 -19.31 -28.22
CA LYS A 182 -14.97 -18.14 -27.40
C LYS A 182 -15.10 -18.62 -25.97
N MSE A 183 -14.40 -17.96 -25.05
CA MSE A 183 -14.36 -18.40 -23.65
C MSE A 183 -14.81 -17.28 -22.73
O MSE A 183 -14.76 -16.10 -23.11
CB MSE A 183 -12.96 -18.85 -23.25
CG MSE A 183 -11.95 -17.70 -23.18
SE MSE A 183 -10.20 -18.14 -22.36
CE MSE A 183 -9.49 -16.33 -22.21
N TRP A 184 -15.24 -17.65 -21.54
CA TRP A 184 -15.61 -16.67 -20.52
C TRP A 184 -16.70 -15.71 -20.94
N ILE A 185 -17.82 -16.21 -21.46
CA ILE A 185 -18.85 -15.31 -21.94
C ILE A 185 -19.99 -15.14 -20.92
N THR A 186 -20.13 -13.92 -20.41
CA THR A 186 -21.25 -13.58 -19.54
C THR A 186 -22.57 -13.64 -20.31
N ASN A 187 -23.55 -14.29 -19.68
CA ASN A 187 -24.85 -14.64 -20.29
C ASN A 187 -24.74 -15.70 -21.39
N GLY A 188 -23.53 -16.25 -21.55
CA GLY A 188 -23.22 -17.25 -22.55
C GLY A 188 -24.26 -18.33 -22.74
N PRO A 189 -24.65 -19.03 -21.65
CA PRO A 189 -25.58 -20.15 -21.84
C PRO A 189 -27.02 -19.71 -22.09
N ASP A 190 -27.33 -18.43 -21.91
CA ASP A 190 -28.71 -17.95 -22.06
C ASP A 190 -28.90 -17.01 -23.26
N ALA A 191 -27.82 -16.42 -23.76
CA ALA A 191 -27.94 -15.37 -24.77
C ALA A 191 -28.63 -15.84 -26.04
N ASP A 192 -29.61 -15.05 -26.47
CA ASP A 192 -30.34 -15.30 -27.72
C ASP A 192 -29.68 -14.52 -28.83
N VAL A 193 -29.09 -13.38 -28.48
CA VAL A 193 -28.35 -12.57 -29.44
C VAL A 193 -26.94 -12.28 -28.93
N LEU A 194 -25.96 -12.51 -29.80
CA LEU A 194 -24.57 -12.33 -29.42
C LEU A 194 -23.81 -11.47 -30.42
N VAL A 195 -22.98 -10.56 -29.90
CA VAL A 195 -22.03 -9.89 -30.76
C VAL A 195 -20.78 -10.73 -30.70
N VAL A 196 -20.23 -11.15 -31.84
CA VAL A 196 -19.09 -12.07 -31.83
C VAL A 196 -17.99 -11.57 -32.76
N TYR A 197 -16.76 -11.48 -32.27
CA TYR A 197 -15.66 -11.09 -33.15
C TYR A 197 -14.94 -12.30 -33.79
N ALA A 198 -14.69 -12.23 -35.09
CA ALA A 198 -14.03 -13.35 -35.79
C ALA A 198 -13.03 -12.90 -36.84
N LYS A 199 -12.07 -13.77 -37.14
CA LYS A 199 -11.10 -13.53 -38.20
C LYS A 199 -11.72 -13.79 -39.56
N THR A 200 -11.79 -12.76 -40.39
CA THR A 200 -12.20 -12.94 -41.78
C THR A 200 -10.98 -12.98 -42.68
N ASP A 201 -9.87 -12.43 -42.20
CA ASP A 201 -8.64 -12.48 -42.99
C ASP A 201 -7.37 -12.37 -42.15
N PRO A 202 -6.77 -13.52 -41.81
CA PRO A 202 -5.41 -13.55 -41.25
C PRO A 202 -4.37 -13.32 -42.35
N PRO A 206 -5.16 -9.22 -38.07
CA PRO A 206 -4.72 -7.83 -37.89
C PRO A 206 -5.88 -6.87 -38.13
N ARG A 207 -5.94 -6.36 -39.35
CA ARG A 207 -7.03 -5.53 -39.81
C ARG A 207 -8.00 -6.43 -40.58
N GLY A 208 -7.93 -7.71 -40.25
CA GLY A 208 -8.80 -8.71 -40.84
C GLY A 208 -9.71 -9.29 -39.78
N ILE A 209 -10.31 -8.43 -38.96
CA ILE A 209 -11.31 -8.83 -37.98
C ILE A 209 -12.66 -8.27 -38.39
N THR A 210 -13.71 -9.06 -38.14
CA THR A 210 -15.07 -8.66 -38.45
C THR A 210 -15.99 -9.01 -37.28
N ALA A 211 -16.91 -8.11 -36.93
CA ALA A 211 -17.93 -8.39 -35.90
C ALA A 211 -19.21 -8.92 -36.53
N PHE A 212 -19.86 -9.87 -35.85
CA PHE A 212 -21.05 -10.51 -36.37
C PHE A 212 -22.17 -10.54 -35.33
N LEU A 213 -23.40 -10.43 -35.81
CA LEU A 213 -24.57 -10.68 -34.97
C LEU A 213 -24.96 -12.13 -35.14
N VAL A 214 -24.96 -12.86 -34.02
CA VAL A 214 -25.25 -14.28 -34.04
C VAL A 214 -26.49 -14.58 -33.21
N GLU A 215 -27.35 -15.47 -33.70
CA GLU A 215 -28.52 -15.88 -32.94
C GLU A 215 -28.29 -17.24 -32.30
N LYS A 216 -28.81 -17.43 -31.09
CA LYS A 216 -28.85 -18.76 -30.47
C LYS A 216 -29.46 -19.78 -31.42
N ALA A 217 -30.40 -19.33 -32.24
CA ALA A 217 -31.12 -20.19 -33.17
C ALA A 217 -30.29 -20.76 -34.32
N PHE A 218 -29.22 -20.07 -34.71
CA PHE A 218 -28.40 -20.54 -35.83
C PHE A 218 -27.84 -21.92 -35.51
N PRO A 219 -27.99 -22.88 -36.44
CA PRO A 219 -27.39 -24.19 -36.17
C PRO A 219 -25.86 -24.10 -36.11
N GLY A 220 -25.22 -24.91 -35.27
CA GLY A 220 -23.78 -24.99 -35.24
C GLY A 220 -23.23 -24.15 -34.12
N PHE A 221 -24.16 -23.51 -33.42
CA PHE A 221 -23.83 -22.69 -32.28
C PHE A 221 -24.26 -23.41 -31.01
N SER A 222 -23.37 -23.48 -30.03
CA SER A 222 -23.79 -23.98 -28.72
C SER A 222 -22.98 -23.36 -27.60
N ALA A 223 -23.46 -23.48 -26.37
CA ALA A 223 -22.74 -23.01 -25.22
C ALA A 223 -22.24 -24.21 -24.43
N GLY A 224 -21.09 -24.07 -23.78
CA GLY A 224 -20.56 -25.13 -22.95
C GLY A 224 -21.23 -25.11 -21.58
N GLN A 225 -20.79 -25.97 -20.68
CA GLN A 225 -21.33 -25.95 -19.31
C GLN A 225 -21.00 -24.62 -18.65
N LYS A 226 -21.86 -24.19 -17.72
CA LYS A 226 -21.61 -22.94 -17.02
C LYS A 226 -20.45 -23.08 -16.02
N LEU A 227 -19.67 -22.02 -15.90
CA LEU A 227 -18.47 -22.03 -15.08
C LEU A 227 -18.76 -22.04 -13.59
N ASP A 228 -17.83 -22.61 -12.83
CA ASP A 228 -17.95 -22.69 -11.38
C ASP A 228 -16.95 -21.70 -10.75
N LYS A 229 -17.43 -20.52 -10.41
CA LYS A 229 -16.57 -19.37 -10.11
C LYS A 229 -16.52 -19.01 -8.63
N LEU A 230 -15.42 -18.38 -8.23
CA LEU A 230 -15.24 -17.90 -6.87
C LEU A 230 -16.38 -16.96 -6.45
N GLY A 231 -16.75 -16.08 -7.37
CA GLY A 231 -17.81 -15.11 -7.12
C GLY A 231 -18.53 -14.87 -8.42
N MSE A 232 -19.32 -13.80 -8.47
CA MSE A 232 -20.23 -13.56 -9.58
C MSE A 232 -20.99 -14.85 -9.94
O MSE A 232 -21.27 -15.11 -11.11
CB MSE A 232 -19.45 -13.07 -10.81
CG MSE A 232 -18.75 -11.76 -10.56
SE MSE A 232 -20.00 -10.44 -9.97
CE MSE A 232 -19.00 -8.85 -10.42
N ARG A 233 -21.29 -15.66 -8.92
CA ARG A 233 -21.92 -16.97 -9.10
C ARG A 233 -23.35 -16.86 -9.64
N GLY A 234 -24.03 -15.76 -9.34
CA GLY A 234 -25.35 -15.54 -9.95
C GLY A 234 -25.33 -15.07 -11.40
N SER A 235 -24.15 -15.01 -11.98
CA SER A 235 -23.97 -14.56 -13.37
C SER A 235 -23.50 -15.74 -14.22
N ASN A 236 -24.32 -16.13 -15.19
CA ASN A 236 -24.07 -17.35 -15.95
C ASN A 236 -22.96 -17.16 -16.99
N THR A 237 -21.87 -17.90 -16.83
CA THR A 237 -20.69 -17.75 -17.68
C THR A 237 -20.33 -19.08 -18.30
N SER A 238 -19.99 -19.07 -19.58
CA SER A 238 -19.53 -20.31 -20.22
C SER A 238 -18.70 -20.02 -21.45
N GLU A 239 -18.20 -21.07 -22.07
CA GLU A 239 -17.57 -20.92 -23.37
C GLU A 239 -18.66 -21.06 -24.43
N LEU A 240 -18.34 -20.61 -25.64
CA LEU A 240 -19.22 -20.82 -26.80
C LEU A 240 -18.46 -21.59 -27.87
N ILE A 241 -19.16 -22.51 -28.52
CA ILE A 241 -18.56 -23.33 -29.55
C ILE A 241 -19.29 -23.17 -30.87
N PHE A 242 -18.54 -22.75 -31.88
CA PHE A 242 -19.08 -22.49 -33.21
C PHE A 242 -18.60 -23.58 -34.17
N THR A 243 -19.55 -24.38 -34.62
CA THR A 243 -19.20 -25.50 -35.48
C THR A 243 -19.86 -25.31 -36.83
N ASP A 244 -19.14 -24.65 -37.73
CA ASP A 244 -19.67 -24.26 -39.03
C ASP A 244 -20.98 -23.51 -38.86
N CYS A 245 -20.96 -22.55 -37.96
CA CYS A 245 -22.17 -21.81 -37.63
C CYS A 245 -22.46 -20.74 -38.67
N GLU A 246 -23.63 -20.84 -39.28
CA GLU A 246 -24.01 -19.99 -40.42
C GLU A 246 -24.69 -18.68 -40.07
N VAL A 247 -24.09 -17.59 -40.55
CA VAL A 247 -24.52 -16.25 -40.24
C VAL A 247 -24.77 -15.55 -41.56
N PRO A 248 -25.96 -14.96 -41.72
CA PRO A 248 -26.22 -14.29 -43.00
C PRO A 248 -25.28 -13.11 -43.16
N GLU A 249 -24.94 -12.75 -44.40
CA GLU A 249 -23.96 -11.69 -44.63
C GLU A 249 -24.51 -10.36 -44.15
N GLU A 250 -25.84 -10.25 -44.14
CA GLU A 250 -26.50 -9.07 -43.59
C GLU A 250 -26.33 -8.89 -42.07
N ASN A 251 -25.74 -9.89 -41.40
CA ASN A 251 -25.48 -9.78 -39.98
C ASN A 251 -24.07 -9.30 -39.65
N VAL A 252 -23.34 -8.85 -40.67
CA VAL A 252 -22.03 -8.26 -40.43
C VAL A 252 -22.21 -6.94 -39.69
N LEU A 253 -21.53 -6.80 -38.57
CA LEU A 253 -21.71 -5.63 -37.72
C LEU A 253 -20.59 -4.63 -37.93
N GLY A 254 -20.91 -3.52 -38.56
CA GLY A 254 -19.96 -2.45 -38.78
C GLY A 254 -18.97 -2.61 -39.93
N GLY A 255 -19.23 -3.54 -40.84
CA GLY A 255 -18.38 -3.67 -42.01
C GLY A 255 -17.26 -4.71 -41.85
N VAL A 256 -17.03 -5.47 -42.91
CA VAL A 256 -16.06 -6.56 -42.84
C VAL A 256 -14.65 -6.00 -42.88
N GLY A 257 -13.77 -6.57 -42.07
CA GLY A 257 -12.42 -6.04 -41.95
C GLY A 257 -12.35 -4.86 -41.00
N GLU A 258 -13.50 -4.41 -40.51
CA GLU A 258 -13.54 -3.24 -39.65
C GLU A 258 -13.77 -3.58 -38.19
N GLY A 259 -13.69 -4.87 -37.88
CA GLY A 259 -13.98 -5.36 -36.55
C GLY A 259 -13.10 -4.76 -35.45
N VAL A 260 -11.87 -4.41 -35.79
CA VAL A 260 -10.96 -3.89 -34.78
C VAL A 260 -11.46 -2.54 -34.24
N LYS A 261 -12.00 -1.71 -35.12
CA LYS A 261 -12.55 -0.43 -34.70
C LYS A 261 -13.77 -0.61 -33.78
N VAL A 262 -14.70 -1.48 -34.21
CA VAL A 262 -15.87 -1.82 -33.41
C VAL A 262 -15.49 -2.35 -32.02
N LEU A 263 -14.49 -3.23 -32.01
CA LEU A 263 -13.98 -3.84 -30.78
C LEU A 263 -13.37 -2.79 -29.83
N MSE A 264 -12.49 -1.95 -30.36
CA MSE A 264 -11.81 -0.92 -29.56
C MSE A 264 -12.79 0.03 -28.90
O MSE A 264 -12.77 0.23 -27.66
CB MSE A 264 -10.86 -0.09 -30.43
CG MSE A 264 -9.74 -0.84 -31.08
SE MSE A 264 -8.14 -0.98 -29.97
CE MSE A 264 -8.57 -2.64 -29.11
N SER A 265 -13.66 0.64 -29.73
CA SER A 265 -14.67 1.54 -29.20
C SER A 265 -15.54 0.84 -28.14
N GLY A 266 -16.00 -0.36 -28.49
CA GLY A 266 -16.74 -1.20 -27.55
C GLY A 266 -16.05 -1.33 -26.21
N LEU A 267 -14.73 -1.50 -26.24
CA LEU A 267 -13.95 -1.66 -25.01
C LEU A 267 -13.93 -0.40 -24.17
N ASP A 268 -13.76 0.76 -24.81
CA ASP A 268 -13.84 2.01 -24.07
C ASP A 268 -15.14 2.12 -23.27
N TYR A 269 -16.27 1.94 -23.97
CA TYR A 269 -17.57 2.09 -23.29
C TYR A 269 -17.86 1.00 -22.27
N GLU A 270 -17.38 -0.20 -22.56
CA GLU A 270 -17.48 -1.33 -21.66
C GLU A 270 -16.79 -0.98 -20.35
N ARG A 271 -15.55 -0.50 -20.43
CA ARG A 271 -14.80 -0.18 -19.23
C ARG A 271 -15.49 0.91 -18.42
N VAL A 272 -16.01 1.94 -19.09
CA VAL A 272 -16.69 2.98 -18.35
C VAL A 272 -17.89 2.43 -17.58
N VAL A 273 -18.79 1.74 -18.28
CA VAL A 273 -20.01 1.24 -17.62
C VAL A 273 -19.71 0.14 -16.58
N LEU A 274 -18.83 -0.79 -16.92
CA LEU A 274 -18.48 -1.83 -15.97
C LEU A 274 -17.76 -1.27 -14.74
N SER A 275 -17.07 -0.12 -14.85
CA SER A 275 -16.46 0.41 -13.64
C SER A 275 -17.47 0.78 -12.55
N ALA A 276 -18.73 0.98 -12.92
CA ALA A 276 -19.78 1.23 -11.92
C ALA A 276 -20.12 -0.04 -11.14
N GLY A 277 -19.68 -1.18 -11.64
CA GLY A 277 -19.81 -2.43 -10.92
C GLY A 277 -19.01 -2.37 -9.62
N PRO A 278 -17.68 -2.13 -9.72
CA PRO A 278 -16.92 -1.89 -8.49
C PRO A 278 -17.54 -0.76 -7.63
N LEU A 279 -18.14 0.26 -8.24
CA LEU A 279 -18.75 1.32 -7.43
C LEU A 279 -19.90 0.78 -6.59
N GLY A 280 -20.73 -0.09 -7.16
CA GLY A 280 -21.88 -0.60 -6.43
C GLY A 280 -21.41 -1.53 -5.33
N ILE A 281 -20.38 -2.32 -5.60
CA ILE A 281 -19.78 -3.15 -4.56
C ILE A 281 -19.21 -2.31 -3.40
N MSE A 282 -18.51 -1.23 -3.71
CA MSE A 282 -18.06 -0.33 -2.65
C MSE A 282 -19.21 0.23 -1.84
O MSE A 282 -19.16 0.24 -0.61
CB MSE A 282 -17.21 0.81 -3.22
CG MSE A 282 -15.80 0.39 -3.54
SE MSE A 282 -14.75 1.82 -4.35
CE MSE A 282 -14.96 1.28 -6.23
N ALA A 283 -20.27 0.70 -2.52
CA ALA A 283 -21.46 1.20 -1.82
C ALA A 283 -22.05 0.13 -0.87
N ALA A 284 -22.01 -1.12 -1.33
CA ALA A 284 -22.48 -2.24 -0.54
C ALA A 284 -21.56 -2.51 0.66
N CYS A 285 -20.25 -2.34 0.49
CA CYS A 285 -19.34 -2.47 1.62
C CYS A 285 -19.71 -1.52 2.78
N LEU A 286 -19.98 -0.26 2.44
CA LEU A 286 -20.41 0.73 3.42
C LEU A 286 -21.79 0.41 4.00
N ASP A 287 -22.70 -0.07 3.16
CA ASP A 287 -24.04 -0.49 3.59
C ASP A 287 -23.93 -1.52 4.68
N VAL A 288 -23.06 -2.52 4.51
CA VAL A 288 -22.94 -3.56 5.56
C VAL A 288 -22.17 -3.09 6.78
N VAL A 289 -21.11 -2.31 6.57
CA VAL A 289 -20.21 -1.94 7.68
C VAL A 289 -20.75 -0.88 8.65
N VAL A 290 -21.31 0.19 8.12
CA VAL A 290 -21.70 1.29 8.97
C VAL A 290 -22.74 0.97 10.08
N PRO A 291 -23.81 0.22 9.74
CA PRO A 291 -24.75 -0.09 10.82
C PRO A 291 -24.11 -1.05 11.83
N TYR A 292 -23.14 -1.83 11.39
CA TYR A 292 -22.41 -2.73 12.29
C TYR A 292 -21.52 -1.98 13.29
N LEU A 293 -20.84 -0.95 12.81
CA LEU A 293 -20.00 -0.12 13.67
C LEU A 293 -20.80 0.50 14.82
N HIS A 294 -22.06 0.82 14.57
CA HIS A 294 -22.91 1.40 15.60
C HIS A 294 -23.40 0.31 16.55
N GLU A 295 -23.78 -0.82 15.97
CA GLU A 295 -24.45 -1.85 16.75
C GLU A 295 -23.52 -2.83 17.46
N ARG A 296 -22.30 -2.98 16.97
CA ARG A 296 -21.38 -3.85 17.69
C ARG A 296 -20.66 -3.11 18.82
N LYS A 297 -20.81 -3.61 20.05
CA LYS A 297 -20.08 -3.05 21.18
C LYS A 297 -19.00 -3.98 21.72
N GLN A 298 -17.83 -3.41 21.96
CA GLN A 298 -16.74 -4.09 22.64
C GLN A 298 -16.07 -3.05 23.52
N PHE A 299 -15.55 -3.48 24.68
CA PHE A 299 -14.93 -2.57 25.64
C PHE A 299 -15.90 -1.47 26.09
N GLY A 300 -17.19 -1.81 26.15
CA GLY A 300 -18.21 -0.89 26.60
C GLY A 300 -18.61 0.17 25.59
N GLN A 301 -18.12 0.07 24.36
CA GLN A 301 -18.36 1.10 23.35
C GLN A 301 -18.67 0.51 21.99
N PRO A 302 -19.53 1.20 21.20
CA PRO A 302 -19.67 0.83 19.79
C PRO A 302 -18.27 0.89 19.16
N ILE A 303 -17.93 -0.11 18.36
CA ILE A 303 -16.58 -0.19 17.82
C ILE A 303 -16.28 0.93 16.81
N GLY A 304 -17.29 1.72 16.48
CA GLY A 304 -17.11 2.85 15.59
C GLY A 304 -16.49 4.04 16.31
N GLU A 305 -16.35 3.94 17.63
CA GLU A 305 -15.78 5.02 18.41
C GLU A 305 -14.28 4.83 18.63
N PHE A 306 -13.76 3.68 18.20
CA PHE A 306 -12.33 3.41 18.33
C PHE A 306 -11.55 4.05 17.18
N GLN A 307 -10.47 4.75 17.52
CA GLN A 307 -9.68 5.51 16.55
C GLN A 307 -9.35 4.73 15.28
N LEU A 308 -8.86 3.49 15.42
CA LEU A 308 -8.44 2.72 14.24
C LEU A 308 -9.63 2.43 13.31
N MSE A 309 -10.79 2.20 13.90
CA MSE A 309 -12.00 1.91 13.13
C MSE A 309 -12.51 3.17 12.46
O MSE A 309 -12.95 3.13 11.32
CB MSE A 309 -13.08 1.29 14.01
CG MSE A 309 -12.71 -0.09 14.58
SE MSE A 309 -12.39 -1.42 13.18
CE MSE A 309 -13.81 -0.88 11.94
N GLN A 310 -12.42 4.29 13.15
CA GLN A 310 -12.75 5.57 12.53
C GLN A 310 -11.85 5.83 11.34
N GLY A 311 -10.57 5.51 11.48
CA GLY A 311 -9.63 5.65 10.39
C GLY A 311 -9.98 4.77 9.21
N LYS A 312 -10.28 3.51 9.52
CA LYS A 312 -10.64 2.53 8.50
C LYS A 312 -11.89 3.03 7.74
N LEU A 313 -12.86 3.53 8.49
CA LEU A 313 -14.10 4.05 7.94
C LEU A 313 -13.83 5.25 7.05
N ALA A 314 -13.04 6.19 7.56
CA ALA A 314 -12.64 7.38 6.81
C ALA A 314 -12.05 7.02 5.46
N ASP A 315 -11.13 6.04 5.46
CA ASP A 315 -10.46 5.62 4.22
C ASP A 315 -11.45 5.02 3.26
N MSE A 316 -12.35 4.18 3.80
CA MSE A 316 -13.40 3.63 2.93
C MSE A 316 -14.21 4.75 2.27
O MSE A 316 -14.46 4.71 1.07
CB MSE A 316 -14.35 2.72 3.72
CG MSE A 316 -13.73 1.42 4.20
SE MSE A 316 -15.04 0.39 5.28
CE MSE A 316 -16.24 -0.23 3.85
N TYR A 317 -14.59 5.74 3.07
CA TYR A 317 -15.47 6.80 2.58
C TYR A 317 -14.77 7.65 1.49
N VAL A 318 -13.55 8.09 1.81
CA VAL A 318 -12.78 8.87 0.86
C VAL A 318 -12.57 8.13 -0.44
N THR A 319 -12.25 6.85 -0.34
CA THR A 319 -12.06 6.02 -1.53
C THR A 319 -13.33 5.90 -2.37
N MSE A 320 -14.44 5.66 -1.69
CA MSE A 320 -15.74 5.62 -2.33
C MSE A 320 -15.98 6.90 -3.14
O MSE A 320 -16.31 6.86 -4.34
CB MSE A 320 -16.82 5.44 -1.26
CG MSE A 320 -18.27 5.63 -1.74
SE MSE A 320 -19.05 3.95 -2.43
CE MSE A 320 -18.39 4.05 -4.27
N ASN A 321 -15.76 8.04 -2.51
CA ASN A 321 -16.05 9.31 -3.17
C ASN A 321 -15.10 9.65 -4.32
N ALA A 322 -13.81 9.34 -4.17
CA ALA A 322 -12.85 9.60 -5.24
C ALA A 322 -13.12 8.72 -6.45
N ALA A 323 -13.43 7.45 -6.19
CA ALA A 323 -13.69 6.50 -7.26
C ALA A 323 -14.92 6.95 -8.03
N ARG A 324 -15.95 7.34 -7.29
CA ARG A 324 -17.17 7.85 -7.89
C ARG A 324 -16.92 9.09 -8.74
N ALA A 325 -16.16 10.03 -8.19
CA ALA A 325 -15.84 11.26 -8.91
C ALA A 325 -15.14 10.93 -10.22
N TYR A 326 -14.19 10.01 -10.18
CA TYR A 326 -13.40 9.69 -11.35
C TYR A 326 -14.28 9.02 -12.42
N VAL A 327 -15.01 7.99 -12.01
CA VAL A 327 -15.87 7.25 -12.92
C VAL A 327 -16.92 8.16 -13.56
N TYR A 328 -17.56 9.00 -12.76
CA TYR A 328 -18.60 9.88 -13.28
C TYR A 328 -18.00 10.90 -14.25
N ALA A 329 -16.82 11.40 -13.93
CA ALA A 329 -16.17 12.35 -14.81
C ALA A 329 -15.87 11.70 -16.18
N VAL A 330 -15.38 10.46 -16.14
CA VAL A 330 -15.05 9.77 -17.37
C VAL A 330 -16.32 9.52 -18.20
N ALA A 331 -17.37 9.03 -17.54
CA ALA A 331 -18.66 8.82 -18.21
C ALA A 331 -19.20 10.13 -18.83
N ALA A 332 -19.08 11.23 -18.09
CA ALA A 332 -19.55 12.51 -18.62
C ALA A 332 -18.76 12.93 -19.87
N ALA A 333 -17.44 12.77 -19.81
CA ALA A 333 -16.60 13.02 -20.99
C ALA A 333 -17.08 12.18 -22.19
N CYS A 334 -17.35 10.90 -21.95
CA CYS A 334 -17.91 10.04 -22.98
C CYS A 334 -19.20 10.60 -23.56
N ASP A 335 -20.09 11.08 -22.69
CA ASP A 335 -21.35 11.65 -23.13
C ASP A 335 -21.12 12.92 -23.94
N ARG A 336 -19.99 13.58 -23.72
CA ARG A 336 -19.63 14.77 -24.51
C ARG A 336 -19.06 14.34 -25.86
N GLY A 337 -18.75 13.06 -25.98
CA GLY A 337 -18.20 12.52 -27.21
C GLY A 337 -16.70 12.68 -27.31
N GLU A 338 -16.04 12.81 -26.17
CA GLU A 338 -14.59 13.01 -26.17
C GLU A 338 -13.85 11.67 -26.22
N THR A 339 -12.56 11.73 -26.53
CA THR A 339 -11.67 10.57 -26.46
C THR A 339 -11.46 10.22 -25.00
N ALA A 340 -11.49 8.94 -24.65
CA ALA A 340 -11.19 8.58 -23.27
C ALA A 340 -10.57 7.20 -23.08
N ARG A 341 -9.82 6.72 -24.07
CA ARG A 341 -9.24 5.38 -23.99
C ARG A 341 -8.43 5.14 -22.70
N LYS A 342 -7.46 6.03 -22.47
CA LYS A 342 -6.62 5.98 -21.28
C LYS A 342 -7.48 6.10 -20.03
N ASP A 343 -8.42 7.02 -20.09
CA ASP A 343 -9.21 7.38 -18.92
C ASP A 343 -10.27 6.30 -18.59
N ALA A 344 -10.74 5.59 -19.61
CA ALA A 344 -11.72 4.51 -19.39
C ALA A 344 -11.02 3.30 -18.80
N ALA A 345 -9.88 2.95 -19.41
CA ALA A 345 -9.02 1.92 -18.81
C ALA A 345 -8.69 2.29 -17.37
N GLY A 346 -8.49 3.58 -17.14
CA GLY A 346 -8.01 4.06 -15.85
C GLY A 346 -9.07 3.99 -14.78
N CYS A 347 -10.29 4.34 -15.14
CA CYS A 347 -11.32 4.36 -14.11
C CYS A 347 -11.71 2.92 -13.77
N ILE A 348 -11.72 2.01 -14.74
CA ILE A 348 -11.96 0.63 -14.30
C ILE A 348 -10.79 0.00 -13.53
N LEU A 349 -9.57 0.29 -13.93
CA LEU A 349 -8.37 -0.18 -13.21
C LEU A 349 -8.48 0.22 -11.73
N TYR A 350 -8.63 1.52 -11.54
CA TYR A 350 -8.80 2.14 -10.24
C TYR A 350 -9.96 1.56 -9.41
N ALA A 351 -11.18 1.67 -9.94
CA ALA A 351 -12.36 1.20 -9.21
C ALA A 351 -12.25 -0.27 -8.81
N ALA A 352 -11.82 -1.11 -9.76
CA ALA A 352 -11.73 -2.55 -9.51
C ALA A 352 -10.80 -2.87 -8.34
N GLU A 353 -9.61 -2.27 -8.41
CA GLU A 353 -8.66 -2.46 -7.32
C GLU A 353 -9.19 -1.96 -5.97
N LYS A 354 -9.83 -0.79 -5.99
CA LYS A 354 -10.37 -0.23 -4.74
C LYS A 354 -11.51 -1.06 -4.14
N ALA A 355 -12.34 -1.66 -4.99
CA ALA A 355 -13.52 -2.36 -4.51
C ALA A 355 -13.07 -3.61 -3.81
N THR A 356 -12.09 -4.28 -4.40
CA THR A 356 -11.60 -5.51 -3.76
C THR A 356 -10.95 -5.18 -2.42
N ALA A 357 -10.10 -4.13 -2.41
CA ALA A 357 -9.47 -3.70 -1.14
C ALA A 357 -10.50 -3.37 -0.03
N MSE A 358 -11.59 -2.74 -0.47
CA MSE A 358 -12.60 -2.27 0.45
C MSE A 358 -13.43 -3.44 1.00
O MSE A 358 -13.87 -3.41 2.14
CB MSE A 358 -13.52 -1.25 -0.23
CG MSE A 358 -14.51 -0.67 0.74
SE MSE A 358 -15.52 0.86 0.11
CE MSE A 358 -14.07 1.83 -0.77
N ALA A 359 -13.67 -4.44 0.16
CA ALA A 359 -14.40 -5.61 0.62
C ALA A 359 -13.58 -6.35 1.70
N LEU A 360 -12.26 -6.44 1.48
CA LEU A 360 -11.38 -6.99 2.54
C LEU A 360 -11.53 -6.21 3.86
N GLU A 361 -11.55 -4.89 3.78
CA GLU A 361 -11.78 -4.11 4.99
C GLU A 361 -13.19 -4.29 5.58
N ALA A 362 -14.19 -4.54 4.75
CA ALA A 362 -15.53 -4.75 5.27
C ALA A 362 -15.57 -6.03 6.12
N ILE A 363 -14.94 -7.08 5.60
CA ILE A 363 -14.82 -8.32 6.37
C ILE A 363 -14.09 -8.03 7.68
N GLN A 364 -12.94 -7.35 7.56
CA GLN A 364 -12.18 -6.97 8.73
C GLN A 364 -13.01 -6.21 9.80
N ALA A 365 -13.82 -5.27 9.35
CA ALA A 365 -14.57 -4.42 10.27
C ALA A 365 -15.65 -5.22 10.93
N LEU A 366 -16.13 -6.26 10.26
CA LEU A 366 -17.18 -7.06 10.88
C LEU A 366 -16.64 -8.18 11.73
N GLY A 367 -15.35 -8.47 11.58
CA GLY A 367 -14.74 -9.53 12.35
C GLY A 367 -15.25 -10.91 11.97
N GLY A 368 -15.34 -11.77 12.98
CA GLY A 368 -15.77 -13.15 12.80
C GLY A 368 -17.09 -13.26 12.05
N ASN A 369 -18.07 -12.48 12.49
CA ASN A 369 -19.33 -12.34 11.77
C ASN A 369 -19.10 -12.07 10.28
N GLY A 370 -18.13 -11.22 9.97
CA GLY A 370 -17.86 -10.86 8.59
C GLY A 370 -17.21 -12.00 7.84
N TYR A 371 -16.64 -12.95 8.57
CA TYR A 371 -16.09 -14.16 7.95
C TYR A 371 -17.14 -15.27 7.73
N THR A 372 -18.39 -15.05 8.16
CA THR A 372 -19.42 -16.08 7.93
C THR A 372 -20.27 -15.75 6.73
N ASN A 373 -20.89 -16.79 6.18
CA ASN A 373 -21.69 -16.60 4.98
C ASN A 373 -23.08 -16.07 5.31
N ASP A 374 -23.38 -15.98 6.61
CA ASP A 374 -24.62 -15.35 7.09
C ASP A 374 -24.58 -13.84 6.85
N TYR A 375 -23.39 -13.30 6.61
CA TYR A 375 -23.20 -11.90 6.25
C TYR A 375 -22.67 -11.83 4.82
N PRO A 376 -22.91 -10.73 4.10
CA PRO A 376 -22.60 -10.74 2.68
C PRO A 376 -21.21 -10.23 2.34
N ALA A 377 -20.44 -9.87 3.35
CA ALA A 377 -19.10 -9.27 3.13
C ALA A 377 -18.20 -10.20 2.29
N GLY A 378 -18.24 -11.48 2.62
CA GLY A 378 -17.44 -12.46 1.91
C GLY A 378 -17.84 -12.50 0.44
N ARG A 379 -19.14 -12.35 0.19
CA ARG A 379 -19.66 -12.36 -1.16
C ARG A 379 -19.15 -11.15 -1.92
N LEU A 380 -19.16 -10.00 -1.25
CA LEU A 380 -18.66 -8.76 -1.86
C LEU A 380 -17.21 -8.90 -2.29
N LEU A 381 -16.38 -9.54 -1.44
CA LEU A 381 -14.97 -9.79 -1.82
C LEU A 381 -14.81 -10.71 -3.05
N ARG A 382 -15.51 -11.86 -2.96
CA ARG A 382 -15.47 -12.84 -4.03
C ARG A 382 -15.93 -12.21 -5.37
N ASP A 383 -16.99 -11.40 -5.32
CA ASP A 383 -17.51 -10.77 -6.52
C ASP A 383 -16.53 -9.70 -7.03
N ALA A 384 -15.96 -8.94 -6.11
CA ALA A 384 -15.14 -7.80 -6.50
C ALA A 384 -13.92 -8.21 -7.32
N LYS A 385 -13.30 -9.31 -6.92
CA LYS A 385 -12.04 -9.71 -7.56
C LYS A 385 -12.22 -9.95 -9.06
N LEU A 386 -13.44 -10.29 -9.45
CA LEU A 386 -13.77 -10.54 -10.84
C LEU A 386 -13.30 -9.37 -11.72
N TYR A 387 -13.60 -8.15 -11.28
CA TYR A 387 -13.35 -6.99 -12.11
C TYR A 387 -11.85 -6.69 -12.30
N GLU A 388 -10.99 -7.30 -11.50
CA GLU A 388 -9.54 -7.14 -11.72
C GLU A 388 -9.02 -8.10 -12.77
N ILE A 389 -9.78 -9.15 -13.05
CA ILE A 389 -9.53 -9.92 -14.26
C ILE A 389 -10.51 -9.60 -15.40
N GLY A 390 -11.74 -10.07 -15.24
CA GLY A 390 -12.77 -9.96 -16.27
C GLY A 390 -12.88 -8.58 -16.88
N ALA A 391 -13.20 -8.55 -18.17
CA ALA A 391 -13.20 -7.31 -18.92
C ALA A 391 -11.81 -6.72 -18.89
N GLY A 392 -10.83 -7.54 -19.23
CA GLY A 392 -9.45 -7.09 -19.32
C GLY A 392 -8.86 -6.97 -17.94
N THR A 393 -7.61 -7.38 -17.80
CA THR A 393 -7.02 -7.44 -16.47
C THR A 393 -6.39 -6.10 -16.10
N SER A 394 -6.10 -5.96 -14.82
CA SER A 394 -5.34 -4.82 -14.33
C SER A 394 -4.06 -4.64 -15.13
N GLU A 395 -3.30 -5.73 -15.34
CA GLU A 395 -2.04 -5.67 -16.06
C GLU A 395 -2.21 -5.10 -17.47
N ILE A 396 -3.20 -5.60 -18.21
CA ILE A 396 -3.49 -5.13 -19.56
C ILE A 396 -3.89 -3.66 -19.55
N ARG A 397 -4.71 -3.26 -18.59
CA ARG A 397 -5.08 -1.85 -18.45
C ARG A 397 -3.87 -0.95 -18.23
N ARG A 398 -2.98 -1.36 -17.31
CA ARG A 398 -1.74 -0.63 -17.05
C ARG A 398 -0.89 -0.49 -18.30
N MSE A 399 -0.72 -1.60 -19.02
CA MSE A 399 0.14 -1.60 -20.20
C MSE A 399 -0.45 -0.73 -21.31
O MSE A 399 0.29 -0.05 -22.02
CB MSE A 399 0.39 -3.03 -20.71
CG MSE A 399 1.35 -3.84 -19.85
SE MSE A 399 2.98 -2.87 -19.32
CE MSE A 399 2.36 -2.01 -17.68
N LEU A 400 -1.76 -0.75 -21.43
CA LEU A 400 -2.44 0.04 -22.44
C LEU A 400 -2.18 1.52 -22.13
N ILE A 401 -2.48 1.91 -20.89
CA ILE A 401 -2.36 3.29 -20.47
C ILE A 401 -0.93 3.81 -20.65
N GLY A 402 0.04 3.01 -20.19
CA GLY A 402 1.42 3.43 -20.24
C GLY A 402 1.97 3.52 -21.66
N ARG A 403 1.54 2.58 -22.52
CA ARG A 403 1.97 2.56 -23.91
C ARG A 403 1.45 3.80 -24.63
N GLU A 404 0.17 4.08 -24.45
CA GLU A 404 -0.43 5.25 -25.08
C GLU A 404 0.23 6.54 -24.61
N LEU A 405 0.50 6.64 -23.31
CA LEU A 405 1.23 7.79 -22.81
C LEU A 405 2.58 7.91 -23.49
N PHE A 406 3.34 6.83 -23.50
CA PHE A 406 4.69 6.84 -24.06
C PHE A 406 4.71 7.18 -25.55
N ALA A 407 3.61 6.89 -26.24
CA ALA A 407 3.46 7.33 -27.62
C ALA A 407 2.82 8.71 -27.64
N GLU A 408 1.50 8.76 -27.45
CA GLU A 408 0.77 10.02 -27.42
C GLU A 408 -0.66 9.86 -26.89
N MSE B 23 9.82 21.17 -21.02
CA MSE B 23 8.59 20.63 -21.59
C MSE B 23 7.53 20.37 -20.53
O MSE B 23 7.84 20.31 -19.32
CB MSE B 23 8.88 19.35 -22.38
CG MSE B 23 9.66 19.58 -23.67
SE MSE B 23 10.57 17.99 -24.36
CE MSE B 23 9.05 16.78 -24.52
N MSE B 24 6.28 20.24 -20.96
CA MSE B 24 5.18 20.02 -20.04
C MSE B 24 4.28 18.86 -20.50
O MSE B 24 4.23 18.53 -21.68
CB MSE B 24 4.33 21.29 -19.90
CG MSE B 24 4.86 22.27 -18.87
SE MSE B 24 3.53 23.65 -18.47
CE MSE B 24 3.74 24.73 -20.08
N PHE B 25 3.60 18.23 -19.54
CA PHE B 25 2.65 17.18 -19.86
C PHE B 25 1.25 17.75 -19.70
N GLU B 26 0.49 17.75 -20.78
CA GLU B 26 -0.77 18.49 -20.77
C GLU B 26 -1.96 17.62 -21.17
N ALA B 27 -1.72 16.31 -21.26
CA ALA B 27 -2.82 15.38 -21.50
C ALA B 27 -3.55 15.14 -20.17
N GLY B 28 -4.77 14.62 -20.26
CA GLY B 28 -5.57 14.40 -19.09
C GLY B 28 -7.04 14.45 -19.44
N LEU B 29 -7.86 13.98 -18.51
CA LEU B 29 -9.29 13.99 -18.69
C LEU B 29 -9.80 15.44 -18.70
N ASN B 30 -10.66 15.76 -19.66
CA ASN B 30 -11.32 17.06 -19.66
C ASN B 30 -12.46 17.06 -18.65
N PHE B 31 -12.52 18.07 -17.79
CA PHE B 31 -13.56 18.14 -16.77
C PHE B 31 -14.71 19.09 -17.09
N ALA B 32 -14.61 19.79 -18.23
CA ALA B 32 -15.63 20.74 -18.68
C ALA B 32 -16.00 21.76 -17.62
N LEU B 33 -15.00 22.47 -17.09
CA LEU B 33 -15.23 23.41 -16.01
C LEU B 33 -15.78 24.75 -16.53
N GLY B 34 -15.95 24.88 -17.83
CA GLY B 34 -16.50 26.11 -18.39
C GLY B 34 -15.45 27.05 -18.95
N GLU B 35 -15.86 27.88 -19.90
CA GLU B 35 -14.92 28.82 -20.53
C GLU B 35 -14.27 29.82 -19.58
N GLU B 36 -14.97 30.25 -18.54
CA GLU B 36 -14.37 31.21 -17.62
C GLU B 36 -13.19 30.59 -16.92
N ILE B 37 -13.41 29.35 -16.45
CA ILE B 37 -12.37 28.67 -15.69
C ILE B 37 -11.24 28.20 -16.59
N ASP B 38 -11.57 27.69 -17.78
CA ASP B 38 -10.54 27.33 -18.77
C ASP B 38 -9.67 28.55 -19.16
N ALA B 39 -10.31 29.71 -19.28
CA ALA B 39 -9.57 30.95 -19.55
C ALA B 39 -8.62 31.29 -18.37
N LEU B 40 -9.18 31.26 -17.16
CA LEU B 40 -8.34 31.47 -15.98
C LEU B 40 -7.15 30.50 -15.99
N ARG B 41 -7.40 29.24 -16.34
CA ARG B 41 -6.32 28.26 -16.32
C ARG B 41 -5.22 28.63 -17.32
N ALA B 42 -5.60 28.96 -18.55
CA ALA B 42 -4.59 29.34 -19.53
C ALA B 42 -3.77 30.54 -19.01
N SER B 43 -4.45 31.52 -18.43
CA SER B 43 -3.77 32.71 -17.91
C SER B 43 -2.73 32.40 -16.83
N VAL B 44 -3.18 31.67 -15.81
CA VAL B 44 -2.30 31.35 -14.69
C VAL B 44 -1.16 30.43 -15.15
N ARG B 45 -1.45 29.47 -16.01
CA ARG B 45 -0.39 28.55 -16.50
C ARG B 45 0.65 29.33 -17.26
N ARG B 46 0.21 30.30 -18.07
CA ARG B 46 1.18 31.19 -18.72
C ARG B 46 2.08 31.91 -17.69
N PHE B 47 1.46 32.60 -16.73
CA PHE B 47 2.23 33.28 -15.68
C PHE B 47 3.18 32.32 -14.94
N ALA B 48 2.69 31.13 -14.65
CA ALA B 48 3.39 30.16 -13.84
C ALA B 48 4.60 29.60 -14.56
N SER B 49 4.42 29.17 -15.80
CA SER B 49 5.57 28.61 -16.53
C SER B 49 6.55 29.69 -16.98
N GLU B 50 6.06 30.91 -17.23
CA GLU B 50 6.95 31.97 -17.71
C GLU B 50 7.72 32.67 -16.58
N ARG B 51 7.04 32.91 -15.46
CA ARG B 51 7.55 33.79 -14.41
C ARG B 51 7.96 32.98 -13.18
N ILE B 52 7.09 32.09 -12.74
CA ILE B 52 7.34 31.36 -11.50
C ILE B 52 8.32 30.20 -11.67
N ALA B 53 8.08 29.35 -12.67
CA ALA B 53 8.97 28.21 -12.88
C ALA B 53 10.47 28.56 -12.95
N PRO B 54 10.85 29.63 -13.68
CA PRO B 54 12.29 29.93 -13.72
C PRO B 54 12.94 30.33 -12.39
N LEU B 55 12.15 30.70 -11.39
CA LEU B 55 12.76 31.04 -10.10
C LEU B 55 12.46 30.03 -8.99
N ALA B 56 11.82 28.91 -9.32
CA ALA B 56 11.45 27.91 -8.31
C ALA B 56 12.66 27.36 -7.53
N ASP B 57 13.70 26.98 -8.28
CA ASP B 57 14.98 26.57 -7.69
C ASP B 57 15.69 27.65 -6.86
N ASP B 58 15.59 28.92 -7.29
CA ASP B 58 16.17 30.05 -6.55
C ASP B 58 15.47 30.28 -5.23
N ALA B 59 14.15 30.22 -5.26
CA ALA B 59 13.37 30.35 -4.04
C ALA B 59 13.77 29.22 -3.09
N ASP B 60 13.88 28.01 -3.63
CA ASP B 60 14.29 26.86 -2.80
C ASP B 60 15.72 27.02 -2.20
N ARG B 61 16.69 27.40 -3.03
CA ARG B 61 18.07 27.52 -2.56
C ARG B 61 18.29 28.70 -1.62
N SER B 62 17.60 29.80 -1.86
CA SER B 62 17.85 31.01 -1.07
C SER B 62 17.00 30.97 0.19
N ASN B 63 16.06 30.03 0.21
CA ASN B 63 15.12 29.88 1.33
C ASN B 63 14.32 31.16 1.54
N ALA B 64 13.84 31.75 0.46
CA ALA B 64 13.17 33.05 0.56
C ALA B 64 12.08 33.18 -0.50
N PHE B 65 10.94 33.72 -0.09
CA PHE B 65 9.92 34.01 -1.07
C PHE B 65 10.42 35.17 -1.92
N PRO B 66 10.19 35.10 -3.25
CA PRO B 66 10.43 36.22 -4.19
C PRO B 66 9.28 37.23 -4.11
N MSE B 67 9.49 38.23 -3.27
CA MSE B 67 8.49 39.22 -2.90
C MSE B 67 7.83 39.96 -4.07
O MSE B 67 6.66 40.34 -3.99
CB MSE B 67 9.12 40.24 -1.94
CG MSE B 67 9.60 39.60 -0.64
SE MSE B 67 8.12 38.73 0.35
CE MSE B 67 7.11 40.34 0.89
N SER B 68 8.59 40.15 -5.14
CA SER B 68 8.11 40.87 -6.29
C SER B 68 6.93 40.17 -6.96
N LEU B 69 6.73 38.89 -6.64
CA LEU B 69 5.59 38.14 -7.20
C LEU B 69 4.27 38.68 -6.67
N TRP B 70 4.29 39.21 -5.45
CA TRP B 70 3.03 39.67 -4.84
C TRP B 70 2.23 40.63 -5.76
N ARG B 71 2.86 41.74 -6.14
CA ARG B 71 2.18 42.74 -6.96
C ARG B 71 1.72 42.11 -8.29
N GLU B 72 2.51 41.17 -8.79
CA GLU B 72 2.19 40.60 -10.09
C GLU B 72 0.95 39.73 -9.95
N MSE B 73 0.87 38.99 -8.86
CA MSE B 73 -0.29 38.13 -8.68
C MSE B 73 -1.49 39.01 -8.37
O MSE B 73 -2.61 38.63 -8.69
CB MSE B 73 -0.06 37.07 -7.60
CG MSE B 73 0.91 36.00 -8.08
SE MSE B 73 1.14 34.54 -6.80
CE MSE B 73 2.07 35.52 -5.40
N GLY B 74 -1.23 40.20 -7.82
CA GLY B 74 -2.32 41.12 -7.55
C GLY B 74 -2.83 41.62 -8.89
N GLU B 75 -1.91 41.86 -9.81
CA GLU B 75 -2.25 42.46 -11.08
C GLU B 75 -3.06 41.48 -11.93
N LEU B 76 -2.79 40.19 -11.75
CA LEU B 76 -3.48 39.15 -12.48
C LEU B 76 -4.85 38.82 -11.91
N GLY B 77 -5.19 39.46 -10.79
CA GLY B 77 -6.48 39.23 -10.16
C GLY B 77 -6.51 37.97 -9.31
N LEU B 78 -5.36 37.45 -8.94
CA LEU B 78 -5.30 36.15 -8.29
C LEU B 78 -5.40 36.21 -6.77
N LEU B 79 -5.03 37.34 -6.19
CA LEU B 79 -4.94 37.38 -4.74
C LEU B 79 -6.29 37.50 -4.07
N GLY B 80 -7.26 38.09 -4.77
CA GLY B 80 -8.60 38.23 -4.26
C GLY B 80 -9.61 37.47 -5.11
N ILE B 81 -9.19 36.31 -5.59
CA ILE B 81 -9.96 35.52 -6.54
C ILE B 81 -11.37 35.17 -6.03
N THR B 82 -11.48 34.90 -4.73
CA THR B 82 -12.79 34.66 -4.10
C THR B 82 -13.30 35.86 -3.31
N ALA B 83 -12.64 37.00 -3.44
CA ALA B 83 -13.09 38.21 -2.74
C ALA B 83 -14.18 38.93 -3.53
N ASP B 84 -15.07 39.61 -2.81
CA ASP B 84 -16.10 40.44 -3.44
C ASP B 84 -15.49 41.44 -4.44
N GLU B 85 -16.17 41.63 -5.56
CA GLU B 85 -15.72 42.57 -6.60
C GLU B 85 -15.74 44.01 -6.13
N ALA B 86 -16.67 44.31 -5.24
CA ALA B 86 -16.79 45.64 -4.65
C ALA B 86 -15.51 46.09 -3.97
N HIS B 87 -14.68 45.14 -3.58
CA HIS B 87 -13.43 45.48 -2.94
C HIS B 87 -12.23 45.21 -3.84
N GLY B 88 -12.51 44.94 -5.11
CA GLY B 88 -11.44 44.73 -6.06
C GLY B 88 -11.19 43.27 -6.39
N GLY B 89 -11.89 42.36 -5.70
CA GLY B 89 -11.69 40.94 -5.91
C GLY B 89 -12.35 40.45 -7.19
N ALA B 90 -12.08 39.20 -7.56
CA ALA B 90 -12.62 38.62 -8.79
C ALA B 90 -14.06 38.13 -8.65
N GLY B 91 -14.48 37.87 -7.40
CA GLY B 91 -15.80 37.34 -7.12
C GLY B 91 -16.04 35.94 -7.68
N LEU B 92 -14.97 35.19 -7.91
CA LEU B 92 -15.14 33.83 -8.40
C LEU B 92 -15.26 32.89 -7.19
N GLY B 93 -15.31 31.59 -7.44
CA GLY B 93 -15.46 30.64 -6.35
C GLY B 93 -14.27 29.75 -6.05
N TYR B 94 -14.58 28.65 -5.38
CA TYR B 94 -13.58 27.73 -4.90
C TYR B 94 -13.00 26.82 -5.98
N LEU B 95 -13.81 26.45 -6.96
CA LEU B 95 -13.31 25.67 -8.08
C LEU B 95 -12.25 26.50 -8.80
N ALA B 96 -12.62 27.74 -9.10
CA ALA B 96 -11.73 28.69 -9.75
C ALA B 96 -10.43 28.84 -8.97
N HIS B 97 -10.57 29.03 -7.66
CA HIS B 97 -9.41 29.23 -6.78
C HIS B 97 -8.52 27.99 -6.78
N CYS B 98 -9.14 26.81 -6.77
CA CYS B 98 -8.40 25.54 -6.83
C CYS B 98 -7.61 25.45 -8.12
N VAL B 99 -8.22 25.84 -9.22
CA VAL B 99 -7.50 25.82 -10.49
C VAL B 99 -6.27 26.75 -10.48
N ALA B 100 -6.44 27.95 -9.94
CA ALA B 100 -5.33 28.90 -9.88
C ALA B 100 -4.20 28.35 -9.00
N MSE B 101 -4.60 27.86 -7.84
CA MSE B 101 -3.70 27.27 -6.87
C MSE B 101 -2.92 26.14 -7.52
O MSE B 101 -1.72 26.00 -7.30
CB MSE B 101 -4.48 26.73 -5.67
CG MSE B 101 -3.65 25.90 -4.68
SE MSE B 101 -2.30 27.00 -3.76
CE MSE B 101 -1.54 25.62 -2.56
N GLU B 102 -3.61 25.36 -8.33
CA GLU B 102 -3.03 24.19 -8.97
C GLU B 102 -1.95 24.61 -9.98
N GLU B 103 -2.29 25.56 -10.87
CA GLU B 103 -1.28 25.98 -11.85
C GLU B 103 -0.03 26.62 -11.19
N ILE B 104 -0.27 27.44 -10.18
CA ILE B 104 0.81 28.11 -9.46
C ILE B 104 1.69 27.07 -8.77
N SER B 105 1.04 26.14 -8.06
CA SER B 105 1.75 25.09 -7.33
C SER B 105 2.52 24.17 -8.27
N ARG B 106 2.03 24.07 -9.50
CA ARG B 106 2.67 23.26 -10.53
C ARG B 106 4.02 23.87 -10.93
N ALA B 107 4.06 25.20 -10.97
CA ALA B 107 5.36 25.89 -11.17
C ALA B 107 6.29 25.92 -9.94
N SER B 108 5.73 26.14 -8.76
CA SER B 108 6.52 26.16 -7.52
C SER B 108 5.57 25.94 -6.37
N ALA B 109 5.79 24.85 -5.63
CA ALA B 109 4.90 24.52 -4.53
C ALA B 109 5.01 25.56 -3.42
N SER B 110 6.19 26.15 -3.26
CA SER B 110 6.44 27.15 -2.22
C SER B 110 5.59 28.40 -2.45
N VAL B 111 5.63 28.89 -3.68
CA VAL B 111 4.84 30.04 -4.05
C VAL B 111 3.36 29.70 -3.90
N GLY B 112 2.97 28.49 -4.27
CA GLY B 112 1.60 28.06 -4.08
C GLY B 112 1.16 28.08 -2.62
N LEU B 113 2.00 27.60 -1.71
CA LEU B 113 1.63 27.61 -0.30
C LEU B 113 1.51 29.06 0.23
N SER B 114 2.48 29.91 -0.09
CA SER B 114 2.37 31.31 0.33
C SER B 114 1.11 31.98 -0.25
N TYR B 115 0.84 31.68 -1.52
CA TYR B 115 -0.34 32.20 -2.21
C TYR B 115 -1.64 31.70 -1.55
N GLY B 116 -1.73 30.41 -1.29
CA GLY B 116 -2.88 29.83 -0.62
C GLY B 116 -3.14 30.49 0.73
N ALA B 117 -2.08 30.65 1.52
CA ALA B 117 -2.19 31.27 2.84
C ALA B 117 -2.67 32.73 2.72
N HIS B 118 -2.12 33.45 1.76
CA HIS B 118 -2.56 34.84 1.56
C HIS B 118 -4.01 34.95 1.08
N SER B 119 -4.34 34.20 0.03
CA SER B 119 -5.54 34.45 -0.75
C SER B 119 -6.75 33.70 -0.21
N ASN B 120 -6.52 32.52 0.37
CA ASN B 120 -7.62 31.84 1.03
C ASN B 120 -7.61 31.99 2.55
N LEU B 121 -6.49 31.68 3.19
CA LEU B 121 -6.47 31.70 4.66
C LEU B 121 -6.73 33.09 5.22
N CYS B 122 -6.17 34.11 4.60
CA CYS B 122 -6.38 35.48 5.10
C CYS B 122 -7.53 36.16 4.39
N VAL B 123 -7.33 36.46 3.10
CA VAL B 123 -8.31 37.21 2.33
C VAL B 123 -9.73 36.62 2.37
N ASN B 124 -9.85 35.31 2.20
CA ASN B 124 -11.19 34.70 2.21
C ASN B 124 -11.85 34.74 3.60
N GLN B 125 -11.09 34.58 4.68
CA GLN B 125 -11.66 34.68 6.02
C GLN B 125 -12.22 36.08 6.26
N ILE B 126 -11.50 37.07 5.77
CA ILE B 126 -11.92 38.44 5.92
C ILE B 126 -13.14 38.69 5.05
N ASN B 127 -13.11 38.19 3.83
CA ASN B 127 -14.24 38.35 2.93
C ASN B 127 -15.53 37.71 3.49
N ARG B 128 -15.43 36.55 4.14
CA ARG B 128 -16.62 35.87 4.68
C ARG B 128 -17.08 36.41 6.02
N ASN B 129 -16.14 36.79 6.87
CA ASN B 129 -16.48 37.12 8.26
C ASN B 129 -16.37 38.60 8.60
N GLY B 130 -15.71 39.35 7.72
CA GLY B 130 -15.50 40.76 7.97
C GLY B 130 -16.77 41.56 7.82
N LYS B 131 -16.91 42.59 8.65
CA LYS B 131 -17.93 43.61 8.45
C LYS B 131 -17.50 44.47 7.27
N PRO B 132 -18.45 45.19 6.64
CA PRO B 132 -18.15 46.06 5.49
C PRO B 132 -16.96 47.02 5.73
N ALA B 133 -16.88 47.62 6.90
CA ALA B 133 -15.80 48.56 7.18
C ALA B 133 -14.45 47.86 7.28
N GLN B 134 -14.44 46.67 7.88
CA GLN B 134 -13.23 45.88 8.00
C GLN B 134 -12.71 45.48 6.62
N LYS B 135 -13.63 45.01 5.77
CA LYS B 135 -13.25 44.58 4.43
C LYS B 135 -12.75 45.77 3.64
N SER B 136 -13.42 46.92 3.77
CA SER B 136 -12.99 48.13 3.11
C SER B 136 -11.58 48.56 3.53
N ARG B 137 -11.30 48.47 4.83
CA ARG B 137 -10.01 48.91 5.31
C ARG B 137 -8.89 47.97 4.87
N TYR B 138 -9.13 46.67 4.95
CA TYR B 138 -8.03 45.74 4.81
C TYR B 138 -7.89 45.04 3.46
N LEU B 139 -9.00 44.70 2.83
CA LEU B 139 -8.97 43.95 1.57
C LEU B 139 -8.24 44.59 0.37
N PRO B 140 -8.42 45.90 0.12
CA PRO B 140 -7.81 46.45 -1.09
C PRO B 140 -6.30 46.28 -1.24
N LYS B 141 -5.50 46.48 -0.19
CA LYS B 141 -4.06 46.31 -0.35
C LYS B 141 -3.64 44.85 -0.40
N LEU B 142 -4.44 43.98 0.22
CA LEU B 142 -4.18 42.55 0.21
C LEU B 142 -4.49 41.99 -1.17
N ILE B 143 -5.48 42.59 -1.81
CA ILE B 143 -5.93 42.10 -3.12
C ILE B 143 -4.98 42.54 -4.22
N SER B 144 -4.48 43.78 -4.13
CA SER B 144 -3.52 44.30 -5.10
C SER B 144 -2.10 43.77 -4.85
N GLY B 145 -1.89 43.18 -3.67
CA GLY B 145 -0.59 42.62 -3.36
C GLY B 145 0.39 43.61 -2.76
N GLU B 146 -0.12 44.79 -2.41
CA GLU B 146 0.67 45.79 -1.72
C GLU B 146 0.89 45.32 -0.29
N HIS B 147 -0.11 44.62 0.25
CA HIS B 147 0.00 44.00 1.57
C HIS B 147 0.01 42.49 1.44
N VAL B 148 0.74 41.82 2.33
CA VAL B 148 0.74 40.35 2.40
C VAL B 148 -0.10 39.92 3.60
N GLY B 149 -0.82 38.81 3.49
CA GLY B 149 -1.73 38.37 4.54
C GLY B 149 -1.33 37.03 5.13
N ALA B 150 -1.73 36.78 6.36
CA ALA B 150 -1.41 35.51 7.00
C ALA B 150 -2.52 35.12 7.94
N LEU B 151 -2.49 33.86 8.33
CA LEU B 151 -3.41 33.34 9.32
C LEU B 151 -2.66 32.63 10.42
N ALA B 152 -2.98 33.01 11.66
CA ALA B 152 -2.29 32.48 12.82
C ALA B 152 -3.24 31.85 13.82
N MSE B 153 -3.07 30.54 13.98
CA MSE B 153 -3.93 29.73 14.84
C MSE B 153 -3.14 28.73 15.70
O MSE B 153 -3.39 28.58 16.90
CB MSE B 153 -4.99 29.04 13.98
CG MSE B 153 -5.27 27.58 14.31
SE MSE B 153 -6.26 26.69 12.85
CE MSE B 153 -4.97 26.94 11.40
N SER B 154 -2.15 28.06 15.10
CA SER B 154 -1.36 27.04 15.80
C SER B 154 -0.40 27.59 16.86
N GLU B 155 -0.20 26.80 17.91
CA GLU B 155 0.72 27.19 18.97
C GLU B 155 1.63 26.04 19.37
N PRO B 156 2.87 26.36 19.80
CA PRO B 156 3.90 25.34 20.08
C PRO B 156 3.39 24.26 21.01
N GLY B 157 2.53 24.63 21.95
CA GLY B 157 1.98 23.67 22.89
C GLY B 157 0.85 22.87 22.27
N VAL B 163 -8.19 23.11 19.69
CA VAL B 163 -8.48 24.47 20.12
C VAL B 163 -8.28 24.66 21.63
N SER B 164 -7.07 24.35 22.09
CA SER B 164 -6.68 24.58 23.48
C SER B 164 -5.49 25.54 23.51
N MSE B 165 -5.44 26.42 22.51
CA MSE B 165 -4.42 27.46 22.39
C MSE B 165 -4.31 28.35 23.64
O MSE B 165 -5.25 28.46 24.41
CB MSE B 165 -4.76 28.35 21.20
CG MSE B 165 -6.12 29.02 21.36
SE MSE B 165 -6.66 30.20 19.91
CE MSE B 165 -6.92 28.86 18.50
N LYS B 166 -3.14 28.96 23.81
CA LYS B 166 -2.86 29.73 25.03
C LYS B 166 -2.79 31.25 24.81
N LEU B 167 -2.77 31.70 23.56
CA LEU B 167 -2.71 33.14 23.28
C LEU B 167 -3.85 33.89 23.98
N LYS B 168 -3.48 34.86 24.81
CA LYS B 168 -4.44 35.59 25.62
C LYS B 168 -4.84 36.92 24.98
N ALA B 169 -6.14 37.23 25.07
CA ALA B 169 -6.66 38.53 24.66
C ALA B 169 -7.50 39.18 25.77
N ASP B 170 -6.89 40.02 26.58
CA ASP B 170 -7.59 40.65 27.70
C ASP B 170 -8.20 41.99 27.30
N LYS B 171 -9.52 42.13 27.46
CA LYS B 171 -10.17 43.39 27.12
C LYS B 171 -9.76 44.47 28.12
N ARG B 172 -9.27 45.58 27.60
CA ARG B 172 -8.85 46.70 28.45
C ARG B 172 -9.29 48.02 27.80
N GLY B 173 -10.38 48.59 28.28
CA GLY B 173 -10.94 49.78 27.66
C GLY B 173 -11.55 49.43 26.33
N ASP B 174 -11.16 50.14 25.27
CA ASP B 174 -11.70 49.89 23.94
C ASP B 174 -10.70 49.10 23.11
N ARG B 175 -9.81 48.38 23.79
CA ARG B 175 -8.80 47.59 23.12
C ARG B 175 -8.62 46.23 23.80
N TYR B 176 -8.29 45.23 22.99
CA TYR B 176 -7.91 43.91 23.49
C TYR B 176 -6.40 43.83 23.49
N VAL B 177 -5.82 43.46 24.62
CA VAL B 177 -4.37 43.34 24.74
C VAL B 177 -3.99 41.89 24.54
N LEU B 178 -3.09 41.65 23.58
CA LEU B 178 -2.70 40.30 23.19
C LEU B 178 -1.35 39.91 23.79
N ASN B 179 -1.30 38.76 24.44
CA ASN B 179 -0.06 38.24 24.99
C ASN B 179 0.11 36.77 24.71
N GLY B 180 1.24 36.42 24.12
CA GLY B 180 1.57 35.04 23.83
C GLY B 180 2.30 34.89 22.51
N SER B 181 2.23 33.71 21.93
CA SER B 181 2.90 33.47 20.67
C SER B 181 2.12 32.51 19.76
N LYS B 182 2.37 32.64 18.47
CA LYS B 182 1.85 31.68 17.48
C LYS B 182 3.06 31.05 16.79
N MSE B 183 2.86 29.92 16.14
CA MSE B 183 3.99 29.18 15.56
C MSE B 183 3.63 28.58 14.22
O MSE B 183 2.45 28.39 13.90
CB MSE B 183 4.48 28.10 16.56
CG MSE B 183 5.73 27.29 16.16
SE MSE B 183 7.32 28.25 15.47
CE MSE B 183 8.61 26.77 15.44
N TRP B 184 4.65 28.32 13.40
CA TRP B 184 4.44 27.78 12.07
C TRP B 184 3.56 28.63 11.18
N ILE B 185 3.70 29.95 11.22
CA ILE B 185 2.83 30.80 10.40
C ILE B 185 3.41 31.08 8.99
N THR B 186 2.69 30.62 7.96
CA THR B 186 3.08 30.91 6.58
C THR B 186 2.94 32.40 6.26
N ASN B 187 3.99 32.99 5.67
CA ASN B 187 4.06 34.43 5.39
C ASN B 187 4.25 35.25 6.67
N GLY B 188 4.50 34.55 7.76
CA GLY B 188 4.70 35.17 9.06
C GLY B 188 5.64 36.38 9.15
N PRO B 189 6.86 36.27 8.59
CA PRO B 189 7.81 37.39 8.63
C PRO B 189 7.38 38.59 7.77
N ASP B 190 6.50 38.38 6.81
CA ASP B 190 6.21 39.42 5.83
C ASP B 190 4.81 39.99 5.99
N ALA B 191 3.95 39.29 6.72
CA ALA B 191 2.53 39.64 6.76
C ALA B 191 2.27 41.04 7.28
N ASP B 192 1.46 41.80 6.55
CA ASP B 192 1.03 43.12 6.97
C ASP B 192 -0.30 43.02 7.72
N VAL B 193 -1.11 42.06 7.28
CA VAL B 193 -2.41 41.85 7.89
C VAL B 193 -2.52 40.38 8.22
N LEU B 194 -2.92 40.09 9.46
CA LEU B 194 -3.04 38.71 9.89
C LEU B 194 -4.39 38.50 10.55
N VAL B 195 -5.02 37.35 10.28
CA VAL B 195 -6.15 36.93 11.09
C VAL B 195 -5.57 36.08 12.22
N VAL B 196 -5.83 36.45 13.46
CA VAL B 196 -5.21 35.80 14.62
C VAL B 196 -6.26 35.30 15.61
N TYR B 197 -6.22 34.02 15.97
CA TYR B 197 -7.18 33.51 16.97
C TYR B 197 -6.62 33.56 18.39
N ALA B 198 -7.45 33.92 19.36
CA ALA B 198 -6.98 34.01 20.74
C ALA B 198 -8.09 33.67 21.72
N LYS B 199 -7.70 33.31 22.94
CA LYS B 199 -8.65 33.08 24.01
C LYS B 199 -9.01 34.39 24.72
N THR B 200 -10.28 34.80 24.57
CA THR B 200 -10.80 35.96 25.29
C THR B 200 -11.46 35.53 26.58
N ASP B 201 -11.55 34.23 26.79
CA ASP B 201 -12.04 33.68 28.06
C ASP B 201 -11.72 32.20 28.14
N PRO B 202 -10.80 31.83 29.03
CA PRO B 202 -10.44 30.41 29.24
C PRO B 202 -11.59 29.63 29.88
N ALA B 203 -12.74 29.62 29.23
CA ALA B 203 -13.92 28.92 29.73
C ALA B 203 -14.95 28.80 28.61
N ARG B 207 -15.38 27.69 23.92
CA ARG B 207 -16.24 28.74 23.34
C ARG B 207 -15.84 30.16 23.79
N GLY B 208 -14.61 30.28 24.28
CA GLY B 208 -14.08 31.57 24.65
C GLY B 208 -12.95 31.95 23.70
N ILE B 209 -13.18 31.72 22.42
CA ILE B 209 -12.22 32.06 21.39
C ILE B 209 -12.73 33.19 20.49
N THR B 210 -11.83 34.09 20.13
CA THR B 210 -12.17 35.23 19.30
C THR B 210 -11.11 35.38 18.20
N ALA B 211 -11.56 35.65 16.98
CA ALA B 211 -10.64 35.97 15.89
C ALA B 211 -10.43 37.48 15.83
N PHE B 212 -9.23 37.88 15.40
CA PHE B 212 -8.82 39.27 15.38
C PHE B 212 -8.12 39.63 14.07
N LEU B 213 -8.27 40.89 13.63
CA LEU B 213 -7.49 41.41 12.53
C LEU B 213 -6.34 42.20 13.12
N VAL B 214 -5.12 41.74 12.87
CA VAL B 214 -3.94 42.34 13.47
C VAL B 214 -3.02 42.92 12.40
N GLU B 215 -2.55 44.15 12.64
CA GLU B 215 -1.61 44.80 11.76
C GLU B 215 -0.17 44.68 12.25
N LYS B 216 0.72 44.30 11.32
CA LYS B 216 2.16 44.31 11.54
C LYS B 216 2.63 45.59 12.25
N ALA B 217 1.98 46.71 11.93
CA ALA B 217 2.32 48.01 12.48
C ALA B 217 1.97 48.17 13.96
N PHE B 218 1.14 47.29 14.50
CA PHE B 218 0.77 47.37 15.91
C PHE B 218 2.02 47.15 16.77
N PRO B 219 2.31 48.11 17.66
CA PRO B 219 3.43 47.91 18.60
C PRO B 219 3.21 46.64 19.45
N GLY B 220 4.29 45.92 19.74
CA GLY B 220 4.18 44.71 20.53
C GLY B 220 3.94 43.45 19.70
N PHE B 221 3.97 43.61 18.38
CA PHE B 221 3.86 42.46 17.50
C PHE B 221 5.17 42.28 16.76
N SER B 222 5.66 41.05 16.70
CA SER B 222 6.85 40.78 15.89
C SER B 222 6.92 39.33 15.42
N ALA B 223 7.62 39.12 14.32
CA ALA B 223 7.80 37.77 13.78
C ALA B 223 9.15 37.25 14.19
N GLY B 224 9.25 35.94 14.40
CA GLY B 224 10.53 35.33 14.68
C GLY B 224 11.32 35.10 13.42
N GLN B 225 12.51 34.51 13.55
CA GLN B 225 13.33 34.18 12.41
C GLN B 225 12.61 33.16 11.53
N LYS B 226 12.88 33.18 10.23
CA LYS B 226 12.18 32.24 9.40
C LYS B 226 12.76 30.84 9.57
N LEU B 227 11.85 29.85 9.55
CA LEU B 227 12.22 28.46 9.77
C LEU B 227 13.08 27.88 8.67
N ASP B 228 13.83 26.84 9.01
CA ASP B 228 14.72 26.14 8.07
C ASP B 228 14.11 24.78 7.77
N LYS B 229 13.38 24.69 6.65
CA LYS B 229 12.49 23.56 6.40
C LYS B 229 12.99 22.57 5.35
N LEU B 230 12.58 21.30 5.50
CA LEU B 230 12.88 20.28 4.52
C LEU B 230 12.48 20.70 3.11
N GLY B 231 11.25 21.19 2.97
CA GLY B 231 10.79 21.75 1.70
C GLY B 231 9.92 22.96 1.96
N MSE B 232 9.11 23.37 0.95
CA MSE B 232 8.43 24.66 1.02
C MSE B 232 9.42 25.79 1.41
O MSE B 232 9.07 26.75 2.12
CB MSE B 232 7.25 24.58 2.00
CG MSE B 232 6.19 23.53 1.59
SE MSE B 232 5.68 23.85 -0.27
CE MSE B 232 4.07 22.69 -0.32
N ARG B 233 10.66 25.66 0.94
CA ARG B 233 11.70 26.58 1.38
C ARG B 233 11.52 27.98 0.81
N GLY B 234 10.79 28.10 -0.29
CA GLY B 234 10.48 29.44 -0.78
C GLY B 234 9.27 30.08 -0.10
N SER B 235 8.71 29.40 0.89
CA SER B 235 7.56 29.91 1.61
C SER B 235 7.99 30.35 3.02
N ASN B 236 8.06 31.66 3.26
CA ASN B 236 8.52 32.16 4.55
C ASN B 236 7.61 31.76 5.71
N THR B 237 8.22 31.08 6.69
CA THR B 237 7.47 30.53 7.81
C THR B 237 8.12 30.93 9.14
N SER B 238 7.33 31.44 10.07
CA SER B 238 7.88 31.83 11.37
C SER B 238 6.87 31.74 12.48
N GLU B 239 7.35 31.87 13.71
CA GLU B 239 6.49 32.08 14.85
C GLU B 239 6.09 33.55 14.90
N LEU B 240 5.01 33.84 15.61
CA LEU B 240 4.68 35.23 15.91
C LEU B 240 4.71 35.43 17.41
N ILE B 241 5.08 36.65 17.82
CA ILE B 241 5.27 37.02 19.21
C ILE B 241 4.45 38.29 19.51
N PHE B 242 3.52 38.17 20.44
CA PHE B 242 2.67 39.26 20.85
C PHE B 242 2.96 39.56 22.30
N THR B 243 3.47 40.76 22.56
CA THR B 243 3.77 41.15 23.91
C THR B 243 3.06 42.45 24.21
N ASP B 244 1.92 42.35 24.90
CA ASP B 244 1.07 43.49 25.17
C ASP B 244 0.72 44.24 23.88
N CYS B 245 0.36 43.46 22.87
CA CYS B 245 -0.01 43.96 21.57
C CYS B 245 -1.44 44.51 21.60
N GLU B 246 -1.58 45.82 21.41
CA GLU B 246 -2.89 46.47 21.46
C GLU B 246 -3.70 46.32 20.17
N VAL B 247 -4.87 45.70 20.29
CA VAL B 247 -5.75 45.52 19.13
C VAL B 247 -7.03 46.30 19.35
N PRO B 248 -7.39 47.16 18.39
CA PRO B 248 -8.65 47.89 18.48
C PRO B 248 -9.83 46.92 18.56
N GLU B 249 -10.82 47.23 19.38
CA GLU B 249 -11.97 46.33 19.56
C GLU B 249 -12.82 46.21 18.30
N GLU B 250 -12.72 47.20 17.41
CA GLU B 250 -13.38 47.09 16.12
C GLU B 250 -12.63 46.15 15.17
N ASN B 251 -11.50 45.61 15.60
CA ASN B 251 -10.78 44.62 14.80
C ASN B 251 -11.13 43.17 15.14
N VAL B 252 -12.22 43.01 15.89
CA VAL B 252 -12.76 41.69 16.17
C VAL B 252 -13.41 41.16 14.90
N LEU B 253 -13.00 39.94 14.52
CA LEU B 253 -13.50 39.32 13.31
C LEU B 253 -14.60 38.32 13.62
N GLY B 254 -15.82 38.65 13.22
CA GLY B 254 -16.93 37.72 13.30
C GLY B 254 -17.54 37.48 14.68
N GLY B 255 -17.30 38.40 15.61
CA GLY B 255 -17.96 38.32 16.91
C GLY B 255 -17.15 37.74 18.06
N VAL B 256 -17.16 38.43 19.18
CA VAL B 256 -16.50 37.97 20.40
C VAL B 256 -17.03 36.61 20.84
N GLY B 257 -16.13 35.65 21.03
CA GLY B 257 -16.53 34.33 21.50
C GLY B 257 -17.02 33.42 20.39
N GLU B 258 -17.12 33.97 19.19
CA GLU B 258 -17.62 33.24 18.04
C GLU B 258 -16.49 32.63 17.21
N GLY B 259 -15.26 32.84 17.68
CA GLY B 259 -14.07 32.47 16.94
C GLY B 259 -13.98 31.02 16.48
N VAL B 260 -14.53 30.11 17.27
CA VAL B 260 -14.47 28.68 16.95
C VAL B 260 -15.21 28.40 15.65
N LYS B 261 -16.34 29.07 15.45
CA LYS B 261 -17.11 28.95 14.22
C LYS B 261 -16.26 29.38 13.03
N VAL B 262 -15.77 30.61 13.12
CA VAL B 262 -14.94 31.22 12.09
C VAL B 262 -13.76 30.33 11.73
N LEU B 263 -13.13 29.80 12.76
CA LEU B 263 -11.97 28.93 12.60
C LEU B 263 -12.33 27.66 11.84
N MSE B 264 -13.42 27.03 12.23
CA MSE B 264 -13.79 25.75 11.64
C MSE B 264 -14.16 25.86 10.17
O MSE B 264 -13.67 25.07 9.32
CB MSE B 264 -14.93 25.12 12.44
CG MSE B 264 -14.45 24.11 13.44
SE MSE B 264 -15.94 23.62 14.56
CE MSE B 264 -17.07 22.82 13.19
N SER B 265 -15.01 26.84 9.85
CA SER B 265 -15.38 27.06 8.45
C SER B 265 -14.11 27.40 7.64
N GLY B 266 -13.27 28.25 8.26
CA GLY B 266 -11.99 28.61 7.66
C GLY B 266 -11.16 27.40 7.31
N LEU B 267 -11.21 26.38 8.17
CA LEU B 267 -10.49 25.13 7.96
C LEU B 267 -11.08 24.31 6.82
N ASP B 268 -12.41 24.27 6.71
CA ASP B 268 -13.01 23.59 5.56
C ASP B 268 -12.53 24.17 4.22
N TYR B 269 -12.64 25.50 4.08
CA TYR B 269 -12.24 26.11 2.81
C TYR B 269 -10.73 26.05 2.59
N GLU B 270 -9.98 26.17 3.68
CA GLU B 270 -8.53 26.02 3.64
C GLU B 270 -8.19 24.68 3.03
N ARG B 271 -8.90 23.65 3.50
CA ARG B 271 -8.63 22.30 3.06
C ARG B 271 -8.95 22.10 1.59
N VAL B 272 -10.09 22.63 1.15
CA VAL B 272 -10.44 22.46 -0.26
C VAL B 272 -9.41 23.15 -1.16
N VAL B 273 -9.10 24.42 -0.87
CA VAL B 273 -8.20 25.15 -1.75
C VAL B 273 -6.77 24.61 -1.66
N LEU B 274 -6.32 24.28 -0.46
CA LEU B 274 -4.95 23.82 -0.33
C LEU B 274 -4.79 22.44 -0.93
N SER B 275 -5.89 21.70 -1.07
CA SER B 275 -5.78 20.40 -1.72
C SER B 275 -5.25 20.53 -3.16
N ALA B 276 -5.39 21.72 -3.76
CA ALA B 276 -4.89 21.94 -5.12
C ALA B 276 -3.37 22.11 -5.13
N GLY B 277 -2.78 22.22 -3.95
CA GLY B 277 -1.33 22.22 -3.84
C GLY B 277 -0.74 20.89 -4.26
N PRO B 278 -1.16 19.81 -3.59
CA PRO B 278 -0.82 18.47 -4.08
C PRO B 278 -1.20 18.24 -5.54
N LEU B 279 -2.37 18.69 -6.01
CA LEU B 279 -2.70 18.59 -7.44
C LEU B 279 -1.59 19.14 -8.35
N GLY B 280 -1.16 20.37 -8.07
CA GLY B 280 -0.10 21.00 -8.83
C GLY B 280 1.20 20.22 -8.75
N ILE B 281 1.56 19.72 -7.57
CA ILE B 281 2.75 18.90 -7.41
C ILE B 281 2.68 17.63 -8.28
N MSE B 282 1.55 16.93 -8.25
CA MSE B 282 1.35 15.78 -9.14
C MSE B 282 1.47 16.14 -10.63
O MSE B 282 2.09 15.41 -11.40
CB MSE B 282 -0.03 15.13 -8.89
CG MSE B 282 -0.11 14.40 -7.55
SE MSE B 282 -1.89 13.63 -7.26
CE MSE B 282 -2.68 15.01 -6.14
N ALA B 283 0.86 17.25 -11.02
CA ALA B 283 1.01 17.72 -12.40
C ALA B 283 2.50 17.98 -12.72
N ALA B 284 3.23 18.54 -11.76
CA ALA B 284 4.68 18.73 -11.93
C ALA B 284 5.43 17.41 -12.09
N CYS B 285 5.06 16.41 -11.30
CA CYS B 285 5.66 15.08 -11.42
C CYS B 285 5.56 14.56 -12.86
N LEU B 286 4.37 14.66 -13.45
CA LEU B 286 4.20 14.19 -14.81
C LEU B 286 4.99 15.08 -15.76
N ASP B 287 5.00 16.38 -15.49
CA ASP B 287 5.79 17.34 -16.26
C ASP B 287 7.26 16.95 -16.32
N VAL B 288 7.83 16.46 -15.21
CA VAL B 288 9.25 16.14 -15.25
C VAL B 288 9.45 14.74 -15.82
N VAL B 289 8.51 13.84 -15.55
CA VAL B 289 8.70 12.42 -15.89
C VAL B 289 8.46 12.08 -17.35
N VAL B 290 7.31 12.45 -17.87
CA VAL B 290 6.93 12.05 -19.23
C VAL B 290 7.94 12.48 -20.31
N PRO B 291 8.37 13.76 -20.30
CA PRO B 291 9.41 14.13 -21.26
C PRO B 291 10.72 13.36 -21.06
N TYR B 292 11.11 13.11 -19.81
CA TYR B 292 12.32 12.35 -19.54
C TYR B 292 12.27 10.91 -20.07
N LEU B 293 11.13 10.25 -19.85
CA LEU B 293 10.98 8.85 -20.20
C LEU B 293 11.12 8.64 -21.71
N HIS B 294 10.87 9.70 -22.47
CA HIS B 294 11.06 9.62 -23.90
C HIS B 294 12.55 9.51 -24.19
N GLU B 295 13.29 10.56 -23.88
CA GLU B 295 14.68 10.68 -24.32
C GLU B 295 15.71 9.85 -23.55
N ARG B 296 15.24 9.08 -22.57
CA ARG B 296 16.14 8.16 -21.87
C ARG B 296 16.05 6.75 -22.48
N LYS B 297 17.20 6.20 -22.86
CA LYS B 297 17.25 4.86 -23.45
C LYS B 297 18.44 4.03 -22.98
N GLN B 298 18.14 2.94 -22.28
CA GLN B 298 19.15 1.97 -21.88
C GLN B 298 19.32 0.89 -22.95
N GLY B 304 13.16 -5.96 -18.83
CA GLY B 304 11.74 -5.70 -18.62
C GLY B 304 11.42 -4.57 -17.65
N GLU B 305 12.44 -3.78 -17.33
CA GLU B 305 12.28 -2.70 -16.37
C GLU B 305 11.47 -1.55 -16.95
N PHE B 306 11.45 -1.46 -18.28
CA PHE B 306 10.66 -0.43 -18.95
C PHE B 306 9.16 -0.73 -18.94
N GLN B 307 8.76 -2.01 -18.97
CA GLN B 307 7.36 -2.36 -18.77
C GLN B 307 6.88 -2.03 -17.34
N LEU B 308 7.73 -2.32 -16.36
CA LEU B 308 7.45 -1.93 -14.98
C LEU B 308 7.26 -0.42 -14.96
N MSE B 309 8.11 0.26 -15.74
CA MSE B 309 8.06 1.70 -15.86
C MSE B 309 6.73 2.21 -16.46
O MSE B 309 6.15 3.16 -15.96
CB MSE B 309 9.24 2.19 -16.70
CG MSE B 309 9.59 3.66 -16.47
SE MSE B 309 9.73 4.00 -14.57
CE MSE B 309 10.89 2.52 -14.11
N GLN B 310 6.26 1.54 -17.50
CA GLN B 310 4.99 1.88 -18.11
C GLN B 310 3.85 1.70 -17.12
N GLY B 311 3.91 0.62 -16.32
CA GLY B 311 2.91 0.43 -15.27
C GLY B 311 2.91 1.57 -14.27
N LYS B 312 4.11 1.95 -13.84
CA LYS B 312 4.29 3.08 -12.92
C LYS B 312 3.73 4.41 -13.50
N LEU B 313 3.97 4.63 -14.79
CA LEU B 313 3.47 5.81 -15.48
C LEU B 313 1.93 5.79 -15.55
N ALA B 314 1.38 4.61 -15.84
CA ALA B 314 -0.07 4.41 -15.82
C ALA B 314 -0.68 4.77 -14.46
N ASP B 315 -0.09 4.25 -13.39
CA ASP B 315 -0.58 4.56 -12.04
C ASP B 315 -0.48 6.06 -11.71
N MSE B 316 0.62 6.70 -12.09
CA MSE B 316 0.73 8.15 -11.87
C MSE B 316 -0.39 8.88 -12.60
O MSE B 316 -1.05 9.74 -12.01
CB MSE B 316 2.08 8.68 -12.38
CG MSE B 316 3.28 8.11 -11.65
SE MSE B 316 4.95 8.82 -12.41
CE MSE B 316 4.82 10.70 -11.91
N TYR B 317 -0.60 8.54 -13.88
CA TYR B 317 -1.63 9.18 -14.70
C TYR B 317 -3.02 9.02 -14.07
N VAL B 318 -3.34 7.78 -13.68
CA VAL B 318 -4.67 7.47 -13.15
C VAL B 318 -4.88 8.20 -11.83
N THR B 319 -3.86 8.17 -10.98
CA THR B 319 -3.89 8.85 -9.69
C THR B 319 -4.13 10.36 -9.84
N MSE B 320 -3.39 10.95 -10.76
CA MSE B 320 -3.56 12.37 -11.10
C MSE B 320 -5.03 12.65 -11.43
O MSE B 320 -5.66 13.54 -10.84
CB MSE B 320 -2.69 12.68 -12.32
CG MSE B 320 -2.93 14.04 -13.00
SE MSE B 320 -1.82 15.45 -12.18
CE MSE B 320 -3.13 16.17 -10.92
N ASN B 321 -5.56 11.89 -12.37
CA ASN B 321 -6.93 12.14 -12.82
C ASN B 321 -8.01 11.94 -11.74
N ALA B 322 -7.83 10.90 -10.93
CA ALA B 322 -8.69 10.63 -9.80
C ALA B 322 -8.71 11.78 -8.79
N ALA B 323 -7.52 12.27 -8.45
CA ALA B 323 -7.41 13.32 -7.44
C ALA B 323 -8.03 14.59 -7.95
N ARG B 324 -7.75 14.90 -9.22
CA ARG B 324 -8.42 16.06 -9.84
C ARG B 324 -9.93 15.93 -9.75
N ALA B 325 -10.46 14.79 -10.17
CA ALA B 325 -11.92 14.59 -10.18
C ALA B 325 -12.55 14.82 -8.79
N TYR B 326 -11.87 14.30 -7.77
CA TYR B 326 -12.36 14.42 -6.40
C TYR B 326 -12.28 15.86 -5.88
N VAL B 327 -11.08 16.46 -5.95
CA VAL B 327 -10.91 17.83 -5.51
C VAL B 327 -11.87 18.76 -6.24
N TYR B 328 -11.99 18.61 -7.56
CA TYR B 328 -12.88 19.49 -8.33
C TYR B 328 -14.33 19.26 -7.92
N ALA B 329 -14.69 18.01 -7.61
CA ALA B 329 -16.05 17.73 -7.19
C ALA B 329 -16.37 18.41 -5.85
N VAL B 330 -15.44 18.29 -4.89
CA VAL B 330 -15.64 18.92 -3.58
C VAL B 330 -15.72 20.45 -3.74
N ALA B 331 -14.84 21.01 -4.55
CA ALA B 331 -14.85 22.46 -4.74
C ALA B 331 -16.13 22.95 -5.40
N ALA B 332 -16.59 22.23 -6.42
CA ALA B 332 -17.85 22.61 -7.08
C ALA B 332 -19.01 22.50 -6.08
N ALA B 333 -18.97 21.47 -5.24
CA ALA B 333 -19.97 21.35 -4.17
C ALA B 333 -19.93 22.61 -3.27
N CYS B 334 -18.73 23.04 -2.90
CA CYS B 334 -18.61 24.27 -2.10
C CYS B 334 -19.20 25.47 -2.82
N ASP B 335 -18.98 25.54 -4.12
CA ASP B 335 -19.55 26.65 -4.90
C ASP B 335 -21.06 26.58 -4.98
N ARG B 336 -21.63 25.40 -4.74
CA ARG B 336 -23.09 25.32 -4.68
C ARG B 336 -23.62 25.66 -3.27
N GLY B 337 -22.71 25.82 -2.32
CA GLY B 337 -23.09 26.10 -0.96
C GLY B 337 -23.24 24.87 -0.07
N GLU B 338 -22.54 23.80 -0.41
CA GLU B 338 -22.78 22.50 0.25
C GLU B 338 -21.70 22.04 1.24
N THR B 339 -20.76 22.93 1.58
CA THR B 339 -19.56 22.56 2.35
C THR B 339 -19.70 21.57 3.52
N ALA B 340 -19.06 20.41 3.40
CA ALA B 340 -19.02 19.43 4.50
C ALA B 340 -17.60 19.23 5.02
N ARG B 341 -17.46 19.18 6.34
CA ARG B 341 -16.17 18.96 6.97
C ARG B 341 -15.52 17.71 6.36
N LYS B 342 -16.35 16.67 6.17
CA LYS B 342 -15.93 15.35 5.69
C LYS B 342 -15.24 15.39 4.36
N ASP B 343 -15.84 16.09 3.39
CA ASP B 343 -15.38 15.98 2.02
C ASP B 343 -14.18 16.87 1.77
N ALA B 344 -14.16 18.04 2.41
CA ALA B 344 -13.00 18.92 2.34
C ALA B 344 -11.78 18.20 2.95
N ALA B 345 -11.98 17.67 4.16
CA ALA B 345 -10.90 16.91 4.84
C ALA B 345 -10.50 15.72 3.97
N GLY B 346 -11.49 15.06 3.38
CA GLY B 346 -11.22 13.87 2.58
C GLY B 346 -10.35 14.18 1.38
N CYS B 347 -10.70 15.24 0.64
CA CYS B 347 -9.95 15.50 -0.57
C CYS B 347 -8.53 15.96 -0.26
N ILE B 348 -8.32 16.73 0.80
CA ILE B 348 -6.91 17.02 1.08
C ILE B 348 -6.12 15.80 1.61
N LEU B 349 -6.77 14.99 2.44
CA LEU B 349 -6.15 13.75 2.91
C LEU B 349 -5.65 12.92 1.71
N TYR B 350 -6.59 12.64 0.81
CA TYR B 350 -6.32 11.89 -0.40
C TYR B 350 -5.22 12.50 -1.28
N ALA B 351 -5.40 13.75 -1.68
CA ALA B 351 -4.45 14.41 -2.57
C ALA B 351 -3.03 14.52 -1.98
N ALA B 352 -2.93 14.89 -0.70
CA ALA B 352 -1.62 15.02 -0.05
C ALA B 352 -0.86 13.69 -0.02
N GLU B 353 -1.54 12.63 0.39
CA GLU B 353 -0.87 11.31 0.32
C GLU B 353 -0.45 10.93 -1.12
N LYS B 354 -1.34 11.15 -2.09
CA LYS B 354 -1.02 10.80 -3.47
C LYS B 354 0.18 11.57 -4.04
N ALA B 355 0.23 12.87 -3.79
CA ALA B 355 1.32 13.71 -4.29
C ALA B 355 2.63 13.25 -3.70
N THR B 356 2.65 12.91 -2.42
CA THR B 356 3.93 12.43 -1.89
C THR B 356 4.40 11.12 -2.57
N ALA B 357 3.46 10.20 -2.76
CA ALA B 357 3.81 8.93 -3.37
C ALA B 357 4.30 9.14 -4.81
N MSE B 358 3.63 10.04 -5.52
CA MSE B 358 3.98 10.28 -6.90
C MSE B 358 5.33 10.99 -7.04
O MSE B 358 6.03 10.82 -8.03
CB MSE B 358 2.90 11.14 -7.55
CG MSE B 358 3.14 11.28 -9.04
SE MSE B 358 1.64 12.03 -10.02
CE MSE B 358 0.24 11.16 -9.02
N ALA B 359 5.67 11.83 -6.08
CA ALA B 359 6.97 12.49 -6.12
C ALA B 359 8.05 11.42 -5.96
N LEU B 360 7.79 10.45 -5.09
CA LEU B 360 8.74 9.34 -4.91
C LEU B 360 8.92 8.58 -6.20
N GLU B 361 7.81 8.38 -6.92
CA GLU B 361 7.89 7.70 -8.22
C GLU B 361 8.58 8.53 -9.29
N ALA B 362 8.41 9.85 -9.26
CA ALA B 362 9.10 10.71 -10.19
C ALA B 362 10.62 10.57 -10.04
N ILE B 363 11.08 10.54 -8.79
CA ILE B 363 12.51 10.34 -8.57
C ILE B 363 12.92 8.98 -9.14
N GLN B 364 12.16 7.95 -8.77
CA GLN B 364 12.43 6.59 -9.25
C GLN B 364 12.56 6.51 -10.77
N ALA B 365 11.64 7.17 -11.45
CA ALA B 365 11.58 7.12 -12.89
C ALA B 365 12.78 7.81 -13.50
N LEU B 366 13.28 8.87 -12.85
CA LEU B 366 14.45 9.55 -13.40
C LEU B 366 15.79 8.98 -12.95
N GLY B 367 15.75 7.94 -12.13
CA GLY B 367 16.97 7.29 -11.70
C GLY B 367 17.98 8.22 -11.05
N GLY B 368 19.25 7.98 -11.37
CA GLY B 368 20.34 8.77 -10.82
C GLY B 368 20.08 10.26 -10.96
N ASN B 369 19.74 10.68 -12.18
CA ASN B 369 19.35 12.06 -12.45
C ASN B 369 18.23 12.55 -11.56
N GLY B 370 17.25 11.68 -11.29
CA GLY B 370 16.17 12.05 -10.39
C GLY B 370 16.67 12.34 -8.99
N TYR B 371 17.80 11.74 -8.64
CA TYR B 371 18.35 11.96 -7.29
C TYR B 371 19.26 13.20 -7.18
N THR B 372 19.46 13.94 -8.27
CA THR B 372 20.30 15.11 -8.20
C THR B 372 19.46 16.36 -8.08
N ASN B 373 20.02 17.38 -7.46
CA ASN B 373 19.33 18.65 -7.31
C ASN B 373 19.26 19.41 -8.61
N ASP B 374 19.90 18.90 -9.65
CA ASP B 374 19.85 19.53 -10.96
C ASP B 374 18.49 19.28 -11.64
N TYR B 375 17.74 18.31 -11.14
CA TYR B 375 16.38 18.05 -11.59
C TYR B 375 15.44 18.39 -10.44
N PRO B 376 14.18 18.74 -10.75
CA PRO B 376 13.28 19.20 -9.68
C PRO B 376 12.52 18.11 -8.87
N ALA B 377 12.76 16.84 -9.15
CA ALA B 377 11.96 15.77 -8.51
C ALA B 377 12.17 15.69 -6.99
N GLY B 378 13.43 15.84 -6.58
CA GLY B 378 13.77 15.87 -5.16
C GLY B 378 12.98 16.95 -4.45
N ARG B 379 12.93 18.13 -5.08
CA ARG B 379 12.17 19.24 -4.54
C ARG B 379 10.67 18.96 -4.49
N LEU B 380 10.13 18.29 -5.51
CA LEU B 380 8.72 17.91 -5.47
C LEU B 380 8.42 17.03 -4.24
N LEU B 381 9.31 16.09 -3.95
CA LEU B 381 9.10 15.23 -2.77
C LEU B 381 9.12 16.04 -1.46
N ARG B 382 10.21 16.79 -1.29
CA ARG B 382 10.41 17.61 -0.11
C ARG B 382 9.20 18.52 0.13
N ASP B 383 8.72 19.16 -0.94
CA ASP B 383 7.54 20.04 -0.84
C ASP B 383 6.26 19.27 -0.49
N ALA B 384 6.01 18.19 -1.23
CA ALA B 384 4.76 17.43 -1.11
C ALA B 384 4.49 16.99 0.32
N LYS B 385 5.56 16.56 1.02
CA LYS B 385 5.42 16.04 2.38
C LYS B 385 4.69 17.00 3.32
N LEU B 386 4.86 18.29 3.07
CA LEU B 386 4.26 19.32 3.90
C LEU B 386 2.73 19.16 4.03
N TYR B 387 2.07 18.75 2.96
CA TYR B 387 0.60 18.74 2.96
C TYR B 387 -0.03 17.60 3.78
N GLU B 388 0.81 16.64 4.18
CA GLU B 388 0.38 15.58 5.07
C GLU B 388 0.45 16.00 6.52
N ILE B 389 1.09 17.14 6.77
CA ILE B 389 1.20 17.68 8.11
C ILE B 389 0.41 18.98 8.30
N GLY B 390 0.80 20.01 7.55
CA GLY B 390 0.17 21.31 7.60
C GLY B 390 -1.32 21.24 7.30
N ALA B 391 -2.06 22.24 7.76
CA ALA B 391 -3.52 22.28 7.68
C ALA B 391 -4.16 21.16 8.49
N GLY B 392 -3.39 20.55 9.39
CA GLY B 392 -3.88 19.43 10.15
C GLY B 392 -3.40 18.14 9.52
N THR B 393 -2.85 17.25 10.32
CA THR B 393 -2.22 16.05 9.80
C THR B 393 -3.25 15.08 9.21
N SER B 394 -2.75 14.09 8.48
CA SER B 394 -3.56 13.02 7.93
C SER B 394 -4.33 12.31 9.05
N GLU B 395 -3.68 12.11 10.19
CA GLU B 395 -4.31 11.48 11.36
C GLU B 395 -5.57 12.25 11.82
N ILE B 396 -5.42 13.55 12.01
CA ILE B 396 -6.51 14.44 12.39
C ILE B 396 -7.65 14.37 11.37
N ARG B 397 -7.32 14.45 10.08
CA ARG B 397 -8.32 14.36 9.02
C ARG B 397 -9.08 13.06 9.06
N ARG B 398 -8.37 11.95 9.23
CA ARG B 398 -9.03 10.65 9.32
C ARG B 398 -10.03 10.62 10.50
N MSE B 399 -9.59 11.12 11.65
CA MSE B 399 -10.44 11.11 12.82
C MSE B 399 -11.66 11.97 12.63
O MSE B 399 -12.76 11.60 13.02
CB MSE B 399 -9.67 11.56 14.06
CG MSE B 399 -8.53 10.62 14.43
SE MSE B 399 -9.18 8.78 14.69
CE MSE B 399 -9.05 8.06 12.88
N LEU B 400 -11.47 13.13 12.03
CA LEU B 400 -12.55 14.06 11.82
C LEU B 400 -13.60 13.39 10.94
N ILE B 401 -13.15 12.79 9.83
CA ILE B 401 -14.07 12.15 8.90
C ILE B 401 -14.84 11.02 9.57
N GLY B 402 -14.12 10.13 10.25
CA GLY B 402 -14.73 9.03 10.96
C GLY B 402 -15.73 9.45 12.02
N ARG B 403 -15.39 10.47 12.80
CA ARG B 403 -16.30 10.98 13.82
C ARG B 403 -17.55 11.58 13.21
N GLU B 404 -17.38 12.29 12.09
CA GLU B 404 -18.51 12.86 11.37
C GLU B 404 -19.45 11.75 10.89
N LEU B 405 -18.89 10.77 10.19
CA LEU B 405 -19.67 9.63 9.68
C LEU B 405 -20.42 8.92 10.79
N PHE B 406 -19.71 8.70 11.89
CA PHE B 406 -20.34 8.02 13.01
C PHE B 406 -21.51 8.86 13.54
N ALA B 407 -21.32 10.17 13.67
CA ALA B 407 -22.40 11.03 14.16
C ALA B 407 -23.58 11.04 13.17
N GLU B 408 -23.25 10.97 11.89
CA GLU B 408 -24.19 11.08 10.80
C GLU B 408 -25.06 9.85 10.66
N THR B 409 -24.56 8.72 11.14
CA THR B 409 -25.28 7.47 10.91
C THR B 409 -25.79 6.80 12.18
N LYS B 410 -25.86 7.55 13.27
CA LYS B 410 -26.41 6.96 14.48
C LYS B 410 -27.92 7.05 14.45
N MSE C 24 5.30 -28.14 -4.92
CA MSE C 24 5.76 -28.11 -6.29
C MSE C 24 6.66 -26.90 -6.63
O MSE C 24 7.39 -26.95 -7.61
CB MSE C 24 4.60 -28.23 -7.27
CG MSE C 24 4.08 -29.65 -7.44
SE MSE C 24 3.24 -30.03 -9.17
CE MSE C 24 4.77 -29.75 -10.35
N PHE C 25 6.62 -25.83 -5.83
CA PHE C 25 7.68 -24.83 -5.92
C PHE C 25 8.55 -24.88 -4.67
N GLU C 26 9.80 -25.29 -4.84
CA GLU C 26 10.60 -25.66 -3.69
C GLU C 26 11.91 -24.91 -3.57
N ALA C 27 12.11 -23.90 -4.41
CA ALA C 27 13.26 -23.02 -4.23
C ALA C 27 12.96 -22.13 -3.03
N GLY C 28 13.97 -21.43 -2.55
CA GLY C 28 13.81 -20.62 -1.35
C GLY C 28 15.13 -20.49 -0.65
N LEU C 29 15.22 -19.52 0.25
CA LEU C 29 16.43 -19.31 1.01
C LEU C 29 16.55 -20.43 2.06
N ASN C 30 17.73 -21.02 2.18
CA ASN C 30 18.00 -21.96 3.27
C ASN C 30 18.16 -21.20 4.58
N PHE C 31 17.49 -21.66 5.63
CA PHE C 31 17.60 -21.02 6.94
C PHE C 31 18.50 -21.78 7.93
N ALA C 32 19.00 -22.95 7.53
CA ALA C 32 19.92 -23.75 8.35
C ALA C 32 19.34 -24.05 9.72
N LEU C 33 18.13 -24.59 9.73
CA LEU C 33 17.43 -24.89 10.96
C LEU C 33 17.98 -26.09 11.73
N GLY C 34 18.92 -26.81 11.11
CA GLY C 34 19.54 -27.96 11.76
C GLY C 34 18.93 -29.28 11.29
N GLU C 35 19.68 -30.36 11.38
CA GLU C 35 19.27 -31.64 10.79
C GLU C 35 17.91 -32.17 11.26
N GLU C 36 17.66 -32.08 12.56
CA GLU C 36 16.41 -32.55 13.15
C GLU C 36 15.19 -31.89 12.51
N ILE C 37 15.25 -30.57 12.41
CA ILE C 37 14.13 -29.83 11.86
C ILE C 37 14.01 -30.06 10.35
N ASP C 38 15.13 -30.17 9.65
CA ASP C 38 15.10 -30.56 8.23
C ASP C 38 14.41 -31.93 8.00
N ALA C 39 14.75 -32.92 8.83
CA ALA C 39 14.12 -34.23 8.73
C ALA C 39 12.63 -34.13 9.02
N LEU C 40 12.29 -33.37 10.06
CA LEU C 40 10.90 -33.15 10.41
C LEU C 40 10.13 -32.53 9.24
N ARG C 41 10.76 -31.55 8.57
CA ARG C 41 10.15 -30.90 7.44
C ARG C 41 9.92 -31.86 6.29
N ALA C 42 10.92 -32.66 5.95
CA ALA C 42 10.78 -33.59 4.85
C ALA C 42 9.67 -34.60 5.14
N SER C 43 9.63 -35.08 6.39
CA SER C 43 8.59 -36.01 6.84
C SER C 43 7.17 -35.43 6.72
N VAL C 44 6.97 -34.27 7.32
CA VAL C 44 5.66 -33.63 7.28
C VAL C 44 5.26 -33.27 5.85
N ARG C 45 6.22 -32.86 5.03
CA ARG C 45 5.91 -32.51 3.64
C ARG C 45 5.47 -33.73 2.87
N ARG C 46 6.14 -34.85 3.12
CA ARG C 46 5.75 -36.06 2.44
C ARG C 46 4.33 -36.48 2.87
N PHE C 47 4.10 -36.46 4.18
CA PHE C 47 2.79 -36.82 4.70
C PHE C 47 1.69 -35.91 4.15
N ALA C 48 1.95 -34.61 4.16
CA ALA C 48 0.99 -33.61 3.70
C ALA C 48 0.65 -33.74 2.21
N SER C 49 1.67 -33.91 1.37
CA SER C 49 1.38 -34.09 -0.04
C SER C 49 0.63 -35.41 -0.32
N GLU C 50 1.02 -36.49 0.35
CA GLU C 50 0.37 -37.79 0.10
C GLU C 50 -1.05 -37.94 0.70
N ARG C 51 -1.28 -37.36 1.87
CA ARG C 51 -2.46 -37.68 2.66
C ARG C 51 -3.39 -36.50 2.88
N ILE C 52 -2.85 -35.30 2.87
CA ILE C 52 -3.68 -34.13 3.14
C ILE C 52 -4.14 -33.46 1.84
N ALA C 53 -3.19 -33.10 1.00
CA ALA C 53 -3.47 -32.34 -0.21
C ALA C 53 -4.56 -32.96 -1.09
N PRO C 54 -4.60 -34.30 -1.22
CA PRO C 54 -5.69 -34.87 -2.03
C PRO C 54 -7.09 -34.62 -1.46
N LEU C 55 -7.19 -34.28 -0.19
CA LEU C 55 -8.48 -34.09 0.47
C LEU C 55 -8.84 -32.61 0.71
N ALA C 56 -7.95 -31.69 0.36
CA ALA C 56 -8.12 -30.27 0.68
C ALA C 56 -9.40 -29.70 0.06
N ASP C 57 -9.53 -29.86 -1.26
CA ASP C 57 -10.72 -29.42 -1.98
C ASP C 57 -11.98 -30.07 -1.36
N ASP C 58 -11.93 -31.38 -1.14
CA ASP C 58 -13.08 -32.09 -0.60
C ASP C 58 -13.54 -31.60 0.78
N ALA C 59 -12.57 -31.25 1.61
CA ALA C 59 -12.83 -30.73 2.95
C ALA C 59 -13.53 -29.40 2.82
N ASP C 60 -13.10 -28.60 1.85
CA ASP C 60 -13.73 -27.29 1.63
C ASP C 60 -15.17 -27.45 1.11
N ARG C 61 -15.33 -28.35 0.15
CA ARG C 61 -16.59 -28.56 -0.51
C ARG C 61 -17.64 -29.18 0.43
N SER C 62 -17.20 -30.10 1.26
CA SER C 62 -18.12 -30.78 2.15
C SER C 62 -18.24 -30.03 3.48
N ASN C 63 -17.39 -29.01 3.66
CA ASN C 63 -17.33 -28.27 4.92
C ASN C 63 -17.06 -29.17 6.13
N ALA C 64 -16.18 -30.15 5.98
CA ALA C 64 -15.93 -31.07 7.08
C ALA C 64 -14.47 -31.48 7.18
N PHE C 65 -13.95 -31.48 8.41
CA PHE C 65 -12.59 -31.95 8.63
C PHE C 65 -12.54 -33.44 8.33
N PRO C 66 -11.52 -33.88 7.58
CA PRO C 66 -11.28 -35.31 7.31
C PRO C 66 -10.70 -36.04 8.51
N MSE C 67 -11.58 -36.69 9.28
CA MSE C 67 -11.26 -37.16 10.64
C MSE C 67 -10.11 -38.16 10.76
O MSE C 67 -9.41 -38.18 11.78
CB MSE C 67 -12.50 -37.72 11.35
CG MSE C 67 -13.57 -36.66 11.56
SE MSE C 67 -13.05 -35.15 12.71
CE MSE C 67 -13.30 -36.08 14.44
N SER C 68 -9.92 -38.96 9.71
CA SER C 68 -8.85 -39.96 9.69
C SER C 68 -7.47 -39.31 9.93
N LEU C 69 -7.37 -38.02 9.63
CA LEU C 69 -6.10 -37.33 9.74
C LEU C 69 -5.63 -37.27 11.20
N TRP C 70 -6.59 -37.23 12.13
CA TRP C 70 -6.26 -37.08 13.55
C TRP C 70 -5.30 -38.17 14.01
N ARG C 71 -5.69 -39.43 13.81
CA ARG C 71 -4.84 -40.54 14.21
C ARG C 71 -3.56 -40.61 13.36
N GLU C 72 -3.64 -40.25 12.08
CA GLU C 72 -2.46 -40.38 11.24
C GLU C 72 -1.38 -39.39 11.70
N MSE C 73 -1.81 -38.16 11.95
CA MSE C 73 -0.93 -37.16 12.52
C MSE C 73 -0.47 -37.57 13.92
O MSE C 73 0.65 -37.24 14.35
CB MSE C 73 -1.63 -35.79 12.55
CG MSE C 73 -1.90 -35.25 11.17
SE MSE C 73 -2.48 -33.37 11.22
CE MSE C 73 -4.28 -33.63 11.99
N GLY C 74 -1.32 -38.29 14.64
CA GLY C 74 -0.94 -38.76 15.96
C GLY C 74 0.18 -39.76 15.78
N GLU C 75 0.07 -40.57 14.74
CA GLU C 75 0.97 -41.70 14.58
C GLU C 75 2.35 -41.18 14.15
N LEU C 76 2.36 -40.01 13.52
CA LEU C 76 3.59 -39.40 13.05
C LEU C 76 4.22 -38.51 14.12
N GLY C 77 3.55 -38.37 15.24
CA GLY C 77 4.08 -37.56 16.34
C GLY C 77 3.94 -36.05 16.19
N LEU C 78 3.00 -35.59 15.37
CA LEU C 78 2.86 -34.17 15.13
C LEU C 78 1.99 -33.49 16.18
N LEU C 79 1.13 -34.27 16.82
CA LEU C 79 0.05 -33.68 17.62
C LEU C 79 0.54 -33.19 18.98
N GLY C 80 1.62 -33.79 19.45
CA GLY C 80 2.22 -33.44 20.73
C GLY C 80 3.66 -32.98 20.55
N ILE C 81 3.88 -32.29 19.44
CA ILE C 81 5.24 -31.95 19.01
C ILE C 81 5.98 -31.06 20.01
N THR C 82 5.25 -30.19 20.73
CA THR C 82 5.88 -29.40 21.79
C THR C 82 5.44 -29.86 23.17
N ALA C 83 4.84 -31.04 23.22
CA ALA C 83 4.45 -31.66 24.49
C ALA C 83 5.52 -32.66 24.95
N ASP C 84 5.54 -32.95 26.25
CA ASP C 84 6.51 -33.85 26.88
C ASP C 84 6.51 -35.28 26.33
N GLU C 85 7.71 -35.87 26.26
CA GLU C 85 7.88 -37.24 25.76
C GLU C 85 7.32 -38.30 26.69
N ALA C 86 6.89 -37.88 27.88
CA ALA C 86 6.25 -38.80 28.83
C ALA C 86 4.93 -39.32 28.28
N HIS C 87 4.25 -38.47 27.52
CA HIS C 87 2.86 -38.75 27.17
C HIS C 87 2.71 -38.99 25.67
N GLY C 88 3.82 -39.28 25.02
CA GLY C 88 3.83 -39.54 23.59
C GLY C 88 4.35 -38.36 22.80
N GLY C 89 4.65 -37.28 23.52
CA GLY C 89 5.06 -36.04 22.89
C GLY C 89 6.45 -36.10 22.33
N ALA C 90 6.81 -35.11 21.51
CA ALA C 90 8.12 -35.11 20.86
C ALA C 90 9.13 -34.24 21.58
N GLY C 91 8.65 -33.38 22.49
CA GLY C 91 9.55 -32.55 23.29
C GLY C 91 10.35 -31.54 22.47
N LEU C 92 9.82 -31.15 21.32
CA LEU C 92 10.50 -30.16 20.49
C LEU C 92 10.02 -28.77 20.84
N GLY C 93 10.51 -27.76 20.11
CA GLY C 93 10.15 -26.39 20.40
C GLY C 93 9.26 -25.71 19.38
N TYR C 94 9.14 -24.39 19.52
CA TYR C 94 8.19 -23.64 18.72
C TYR C 94 8.62 -23.46 17.25
N LEU C 95 9.93 -23.47 17.00
CA LEU C 95 10.43 -23.41 15.63
C LEU C 95 10.04 -24.67 14.87
N ALA C 96 10.27 -25.82 15.50
CA ALA C 96 9.81 -27.11 15.00
C ALA C 96 8.31 -27.09 14.71
N HIS C 97 7.55 -26.64 15.70
CA HIS C 97 6.09 -26.60 15.57
C HIS C 97 5.68 -25.74 14.38
N CYS C 98 6.36 -24.59 14.23
CA CYS C 98 6.13 -23.69 13.10
C CYS C 98 6.36 -24.41 11.80
N VAL C 99 7.44 -25.19 11.71
CA VAL C 99 7.70 -25.90 10.46
C VAL C 99 6.62 -26.94 10.11
N ALA C 100 6.19 -27.72 11.10
CA ALA C 100 5.09 -28.67 10.88
C ALA C 100 3.81 -27.97 10.45
N MSE C 101 3.45 -26.95 11.21
CA MSE C 101 2.26 -26.15 10.93
C MSE C 101 2.33 -25.59 9.49
O MSE C 101 1.33 -25.54 8.78
CB MSE C 101 2.17 -24.99 11.94
CG MSE C 101 1.10 -23.96 11.64
SE MSE C 101 -0.68 -24.80 11.78
CE MSE C 101 -1.79 -23.20 11.44
N GLU C 102 3.52 -25.19 9.07
CA GLU C 102 3.73 -24.63 7.73
C GLU C 102 3.53 -25.70 6.64
N GLU C 103 4.15 -26.86 6.78
CA GLU C 103 3.96 -27.91 5.77
C GLU C 103 2.49 -28.37 5.69
N ILE C 104 1.92 -28.61 6.86
CA ILE C 104 0.50 -28.99 6.96
C ILE C 104 -0.42 -27.96 6.31
N SER C 105 -0.23 -26.69 6.63
CA SER C 105 -1.09 -25.62 6.09
C SER C 105 -0.86 -25.43 4.59
N ARG C 106 0.36 -25.71 4.14
CA ARG C 106 0.69 -25.71 2.73
C ARG C 106 -0.20 -26.70 1.97
N ALA C 107 -0.51 -27.85 2.56
CA ALA C 107 -1.42 -28.79 1.88
C ALA C 107 -2.93 -28.46 2.03
N SER C 108 -3.30 -28.00 3.22
CA SER C 108 -4.66 -27.55 3.47
C SER C 108 -4.63 -26.58 4.64
N ALA C 109 -5.01 -25.34 4.39
CA ALA C 109 -4.97 -24.34 5.45
C ALA C 109 -5.98 -24.71 6.53
N SER C 110 -7.07 -25.35 6.12
CA SER C 110 -8.12 -25.76 7.06
C SER C 110 -7.62 -26.78 8.06
N VAL C 111 -6.97 -27.82 7.54
CA VAL C 111 -6.39 -28.85 8.38
C VAL C 111 -5.32 -28.20 9.26
N GLY C 112 -4.55 -27.27 8.69
CA GLY C 112 -3.55 -26.51 9.45
C GLY C 112 -4.12 -25.79 10.66
N LEU C 113 -5.26 -25.13 10.47
CA LEU C 113 -5.92 -24.39 11.53
C LEU C 113 -6.45 -25.33 12.61
N SER C 114 -7.13 -26.40 12.21
CA SER C 114 -7.59 -27.39 13.21
C SER C 114 -6.43 -27.98 14.00
N TYR C 115 -5.35 -28.29 13.29
CA TYR C 115 -4.16 -28.89 13.86
C TYR C 115 -3.52 -27.97 14.87
N GLY C 116 -3.41 -26.69 14.50
CA GLY C 116 -2.87 -25.70 15.39
C GLY C 116 -3.70 -25.59 16.66
N ALA C 117 -5.01 -25.53 16.49
CA ALA C 117 -5.90 -25.39 17.63
C ALA C 117 -5.79 -26.59 18.58
N HIS C 118 -5.70 -27.78 18.01
CA HIS C 118 -5.48 -28.99 18.84
C HIS C 118 -4.09 -29.03 19.51
N SER C 119 -3.04 -28.90 18.71
CA SER C 119 -1.67 -29.17 19.16
C SER C 119 -1.06 -28.02 19.94
N ASN C 120 -1.44 -26.79 19.60
CA ASN C 120 -0.93 -25.67 20.36
C ASN C 120 -1.90 -25.08 21.37
N LEU C 121 -3.09 -24.72 20.94
CA LEU C 121 -4.07 -24.07 21.80
C LEU C 121 -4.44 -24.98 22.98
N CYS C 122 -4.72 -26.24 22.68
CA CYS C 122 -5.14 -27.19 23.69
C CYS C 122 -3.95 -27.93 24.34
N VAL C 123 -3.26 -28.76 23.58
CA VAL C 123 -2.15 -29.55 24.08
C VAL C 123 -1.04 -28.74 24.80
N ASN C 124 -0.62 -27.61 24.22
CA ASN C 124 0.50 -26.85 24.77
C ASN C 124 0.13 -26.13 26.07
N GLN C 125 -1.11 -25.64 26.17
CA GLN C 125 -1.61 -25.03 27.41
C GLN C 125 -1.69 -26.06 28.54
N ILE C 126 -2.15 -27.27 28.21
CA ILE C 126 -2.20 -28.33 29.21
C ILE C 126 -0.78 -28.71 29.64
N ASN C 127 0.12 -28.83 28.68
CA ASN C 127 1.50 -29.19 28.96
C ASN C 127 2.24 -28.15 29.82
N ARG C 128 1.89 -26.89 29.64
CA ARG C 128 2.55 -25.82 30.38
C ARG C 128 1.90 -25.46 31.72
N ASN C 129 0.59 -25.61 31.81
CA ASN C 129 -0.12 -25.17 33.00
C ASN C 129 -0.74 -26.32 33.77
N GLY C 130 -0.66 -27.52 33.20
CA GLY C 130 -1.24 -28.67 33.84
C GLY C 130 -0.37 -29.29 34.91
N LYS C 131 -1.00 -29.78 35.95
CA LYS C 131 -0.33 -30.56 36.98
C LYS C 131 0.00 -31.95 36.44
N PRO C 132 0.96 -32.65 37.07
CA PRO C 132 1.35 -34.00 36.64
C PRO C 132 0.17 -34.96 36.44
N ALA C 133 -0.75 -34.97 37.41
CA ALA C 133 -1.92 -35.82 37.34
C ALA C 133 -2.81 -35.45 36.13
N GLN C 134 -3.06 -34.16 35.95
CA GLN C 134 -3.88 -33.71 34.84
C GLN C 134 -3.27 -34.08 33.49
N LYS C 135 -1.96 -33.88 33.37
CA LYS C 135 -1.27 -34.15 32.11
C LYS C 135 -1.32 -35.64 31.80
N SER C 136 -1.03 -36.46 32.80
CA SER C 136 -1.14 -37.91 32.65
C SER C 136 -2.56 -38.34 32.27
N ARG C 137 -3.55 -37.64 32.82
CA ARG C 137 -4.94 -37.97 32.54
C ARG C 137 -5.36 -37.61 31.11
N TYR C 138 -4.98 -36.42 30.64
CA TYR C 138 -5.55 -35.91 29.38
C TYR C 138 -4.66 -35.96 28.14
N LEU C 139 -3.35 -35.84 28.33
CA LEU C 139 -2.42 -35.76 27.21
C LEU C 139 -2.27 -36.98 26.28
N PRO C 140 -2.12 -38.21 26.81
CA PRO C 140 -1.83 -39.33 25.90
C PRO C 140 -2.83 -39.49 24.73
N LYS C 141 -4.12 -39.42 25.02
CA LYS C 141 -5.13 -39.55 23.97
C LYS C 141 -5.16 -38.35 23.02
N LEU C 142 -4.83 -37.18 23.53
CA LEU C 142 -4.74 -35.99 22.70
C LEU C 142 -3.57 -36.12 21.75
N ILE C 143 -2.50 -36.75 22.23
CA ILE C 143 -1.26 -36.86 21.48
C ILE C 143 -1.28 -38.00 20.45
N SER C 144 -2.02 -39.07 20.74
CA SER C 144 -2.19 -40.14 19.77
C SER C 144 -3.24 -39.77 18.73
N GLY C 145 -4.11 -38.83 19.08
CA GLY C 145 -5.16 -38.41 18.17
C GLY C 145 -6.44 -39.15 18.43
N GLU C 146 -6.45 -39.97 19.48
CA GLU C 146 -7.64 -40.67 19.91
C GLU C 146 -8.67 -39.67 20.38
N HIS C 147 -8.16 -38.61 21.00
CA HIS C 147 -9.01 -37.50 21.42
C HIS C 147 -8.63 -36.27 20.63
N VAL C 148 -9.63 -35.45 20.31
CA VAL C 148 -9.40 -34.16 19.66
C VAL C 148 -9.57 -33.04 20.69
N GLY C 149 -8.74 -31.99 20.60
CA GLY C 149 -8.71 -30.95 21.62
C GLY C 149 -9.14 -29.59 21.12
N ALA C 150 -9.63 -28.75 22.01
CA ALA C 150 -9.99 -27.38 21.63
C ALA C 150 -9.74 -26.39 22.75
N LEU C 151 -9.76 -25.10 22.40
CA LEU C 151 -9.60 -24.06 23.39
C LEU C 151 -10.75 -23.07 23.25
N ALA C 152 -11.42 -22.78 24.36
CA ALA C 152 -12.64 -21.96 24.35
C ALA C 152 -12.53 -20.74 25.26
N MSE C 153 -12.43 -19.59 24.60
CA MSE C 153 -12.16 -18.33 25.27
C MSE C 153 -13.26 -17.34 24.85
O MSE C 153 -13.90 -16.72 25.70
CB MSE C 153 -10.79 -17.88 24.77
CG MSE C 153 -10.16 -16.72 25.45
SE MSE C 153 -8.82 -15.95 24.21
CE MSE C 153 -7.78 -17.54 23.81
N SER C 154 -13.47 -17.23 23.54
CA SER C 154 -14.37 -16.25 22.93
C SER C 154 -15.83 -16.53 23.20
N GLU C 155 -16.60 -15.46 23.26
CA GLU C 155 -18.04 -15.49 23.47
C GLU C 155 -18.71 -14.49 22.53
N PRO C 156 -20.01 -14.70 22.23
CA PRO C 156 -20.74 -13.83 21.31
C PRO C 156 -20.58 -12.35 21.62
N GLY C 157 -20.63 -12.00 22.90
CA GLY C 157 -20.47 -10.63 23.32
C GLY C 157 -19.08 -10.31 23.85
N ALA C 158 -18.18 -11.27 23.74
CA ALA C 158 -16.79 -11.06 24.17
C ALA C 158 -15.81 -11.71 23.21
N GLY C 159 -15.39 -10.96 22.20
CA GLY C 159 -14.39 -11.44 21.27
C GLY C 159 -13.03 -10.76 21.43
N SER C 160 -12.90 -9.59 20.81
CA SER C 160 -11.73 -8.75 21.03
C SER C 160 -11.62 -8.49 22.53
N ASP C 161 -12.65 -7.88 23.09
CA ASP C 161 -12.72 -7.66 24.53
C ASP C 161 -13.05 -8.98 25.23
N VAL C 162 -12.01 -9.79 25.40
CA VAL C 162 -12.18 -11.16 25.86
C VAL C 162 -12.35 -11.29 27.38
N VAL C 163 -11.90 -10.29 28.13
CA VAL C 163 -11.95 -10.37 29.59
C VAL C 163 -13.33 -9.94 30.13
N SER C 164 -14.21 -9.59 29.22
CA SER C 164 -15.59 -9.23 29.55
C SER C 164 -16.49 -10.47 29.43
N MSE C 165 -15.87 -11.62 29.16
CA MSE C 165 -16.57 -12.90 29.03
C MSE C 165 -17.56 -13.12 30.17
O MSE C 165 -17.35 -12.63 31.28
CB MSE C 165 -15.57 -14.05 28.97
CG MSE C 165 -14.73 -14.23 30.24
SE MSE C 165 -13.55 -15.81 30.27
CE MSE C 165 -12.41 -15.37 28.72
N LYS C 166 -18.64 -13.85 29.90
CA LYS C 166 -19.73 -13.97 30.86
C LYS C 166 -20.02 -15.41 31.28
N LEU C 167 -19.30 -16.37 30.71
CA LEU C 167 -19.49 -17.76 31.08
C LEU C 167 -19.26 -17.90 32.59
N LYS C 168 -20.29 -18.34 33.30
CA LYS C 168 -20.26 -18.49 34.76
C LYS C 168 -19.66 -19.82 35.15
N ALA C 169 -18.91 -19.81 36.26
CA ALA C 169 -18.45 -21.03 36.90
C ALA C 169 -18.63 -20.86 38.41
N ASP C 170 -19.68 -21.49 38.94
CA ASP C 170 -20.02 -21.38 40.35
C ASP C 170 -19.57 -22.62 41.13
N LYS C 171 -18.79 -22.41 42.17
CA LYS C 171 -18.40 -23.52 43.03
C LYS C 171 -19.61 -24.10 43.77
N ARG C 172 -19.76 -25.41 43.67
CA ARG C 172 -20.83 -26.13 44.35
C ARG C 172 -20.31 -27.50 44.76
N GLY C 173 -19.86 -27.59 46.01
CA GLY C 173 -19.30 -28.83 46.53
C GLY C 173 -17.93 -29.10 45.93
N ASP C 174 -17.68 -30.34 45.55
CA ASP C 174 -16.43 -30.67 44.87
C ASP C 174 -16.58 -30.51 43.36
N ARG C 175 -17.40 -29.53 42.97
CA ARG C 175 -17.68 -29.26 41.55
C ARG C 175 -17.74 -27.75 41.27
N TYR C 176 -17.44 -27.40 40.02
CA TYR C 176 -17.69 -26.07 39.48
C TYR C 176 -18.76 -26.24 38.41
N VAL C 177 -19.89 -25.57 38.60
CA VAL C 177 -20.97 -25.63 37.64
C VAL C 177 -20.83 -24.51 36.63
N LEU C 178 -20.86 -24.86 35.34
CA LEU C 178 -20.64 -23.89 34.28
C LEU C 178 -21.90 -23.54 33.53
N ASN C 179 -22.16 -22.25 33.38
CA ASN C 179 -23.36 -21.81 32.69
C ASN C 179 -23.11 -20.68 31.72
N GLY C 180 -23.46 -20.91 30.45
CA GLY C 180 -23.31 -19.90 29.45
C GLY C 180 -22.88 -20.49 28.14
N SER C 181 -22.25 -19.68 27.29
CA SER C 181 -21.80 -20.15 25.98
C SER C 181 -20.46 -19.58 25.53
N LYS C 182 -19.80 -20.31 24.64
CA LYS C 182 -18.59 -19.87 23.98
C LYS C 182 -18.88 -19.93 22.48
N MSE C 183 -18.12 -19.19 21.68
CA MSE C 183 -18.44 -19.10 20.27
C MSE C 183 -17.15 -19.09 19.45
O MSE C 183 -16.09 -18.75 19.97
CB MSE C 183 -19.29 -17.85 20.00
CG MSE C 183 -19.68 -17.58 18.54
SE MSE C 183 -20.63 -19.01 17.56
CE MSE C 183 -20.99 -18.04 15.88
N TRP C 184 -17.27 -19.49 18.18
CA TRP C 184 -16.17 -19.59 17.25
C TRP C 184 -15.12 -20.57 17.71
N ILE C 185 -15.51 -21.71 18.24
CA ILE C 185 -14.49 -22.63 18.73
C ILE C 185 -13.99 -23.62 17.67
N THR C 186 -12.70 -23.58 17.38
CA THR C 186 -12.12 -24.48 16.39
C THR C 186 -12.06 -25.91 16.95
N ASN C 187 -12.51 -26.88 16.14
CA ASN C 187 -12.70 -28.26 16.59
C ASN C 187 -13.87 -28.42 17.58
N GLY C 188 -14.67 -27.36 17.73
CA GLY C 188 -15.81 -27.36 18.65
C GLY C 188 -16.70 -28.60 18.65
N PRO C 189 -17.20 -28.99 17.48
CA PRO C 189 -18.11 -30.15 17.45
C PRO C 189 -17.41 -31.48 17.72
N ASP C 190 -16.08 -31.53 17.66
CA ASP C 190 -15.35 -32.80 17.72
C ASP C 190 -14.55 -33.00 19.01
N ALA C 191 -14.20 -31.90 19.65
CA ALA C 191 -13.27 -31.93 20.78
C ALA C 191 -13.74 -32.84 21.92
N ASP C 192 -12.87 -33.73 22.36
CA ASP C 192 -13.18 -34.58 23.50
C ASP C 192 -12.71 -33.86 24.77
N VAL C 193 -11.70 -33.01 24.61
CA VAL C 193 -11.07 -32.29 25.71
C VAL C 193 -10.90 -30.81 25.34
N LEU C 194 -11.33 -29.93 26.24
CA LEU C 194 -11.34 -28.50 25.97
C LEU C 194 -10.77 -27.73 27.14
N VAL C 195 -10.01 -26.69 26.82
CA VAL C 195 -9.57 -25.73 27.83
C VAL C 195 -10.55 -24.57 27.80
N VAL C 196 -11.31 -24.39 28.89
CA VAL C 196 -12.40 -23.41 28.87
C VAL C 196 -12.17 -22.29 29.88
N TYR C 197 -12.24 -21.04 29.44
CA TYR C 197 -12.13 -19.94 30.40
C TYR C 197 -13.49 -19.47 30.90
N ALA C 198 -13.61 -19.30 32.21
CA ALA C 198 -14.89 -18.91 32.78
C ALA C 198 -14.70 -17.94 33.94
N LYS C 199 -15.71 -17.10 34.17
CA LYS C 199 -15.68 -16.18 35.30
C LYS C 199 -16.05 -16.91 36.57
N THR C 200 -15.12 -16.94 37.52
CA THR C 200 -15.37 -17.50 38.84
C THR C 200 -15.73 -16.38 39.81
N ASP C 201 -15.31 -15.16 39.48
CA ASP C 201 -15.72 -13.97 40.21
C ASP C 201 -15.77 -12.74 39.30
N PRO C 202 -16.97 -12.38 38.81
CA PRO C 202 -17.14 -11.17 38.00
C PRO C 202 -16.90 -9.90 38.81
N GLY C 208 -10.41 -12.95 38.67
CA GLY C 208 -11.73 -13.03 38.09
C GLY C 208 -11.98 -14.25 37.20
N ILE C 209 -10.96 -14.65 36.47
CA ILE C 209 -11.08 -15.68 35.45
C ILE C 209 -10.31 -16.94 35.84
N THR C 210 -10.88 -18.09 35.51
CA THR C 210 -10.25 -19.38 35.77
C THR C 210 -10.33 -20.26 34.52
N ALA C 211 -9.32 -21.09 34.31
CA ALA C 211 -9.30 -22.05 33.21
C ALA C 211 -9.65 -23.45 33.70
N PHE C 212 -10.48 -24.16 32.94
CA PHE C 212 -10.97 -25.47 33.33
C PHE C 212 -10.70 -26.51 32.25
N LEU C 213 -10.40 -27.74 32.67
CA LEU C 213 -10.37 -28.87 31.76
C LEU C 213 -11.75 -29.50 31.64
N VAL C 214 -12.36 -29.37 30.46
CA VAL C 214 -13.70 -29.90 30.23
C VAL C 214 -13.69 -31.09 29.27
N GLU C 215 -14.38 -32.16 29.68
CA GLU C 215 -14.57 -33.32 28.81
C GLU C 215 -15.90 -33.16 28.13
N LYS C 216 -15.95 -33.57 26.85
CA LYS C 216 -17.20 -33.67 26.11
C LYS C 216 -18.24 -34.54 26.84
N ALA C 217 -17.77 -35.56 27.55
CA ALA C 217 -18.66 -36.51 28.22
C ALA C 217 -19.26 -35.95 29.50
N PHE C 218 -18.84 -34.75 29.91
CA PHE C 218 -19.47 -34.12 31.07
C PHE C 218 -20.92 -33.77 30.72
N PRO C 219 -21.87 -34.22 31.54
CA PRO C 219 -23.27 -33.82 31.33
C PRO C 219 -23.42 -32.30 31.37
N GLY C 220 -24.27 -31.76 30.51
CA GLY C 220 -24.50 -30.32 30.46
C GLY C 220 -23.58 -29.61 29.50
N PHE C 221 -22.77 -30.37 28.78
CA PHE C 221 -21.91 -29.81 27.74
C PHE C 221 -22.45 -30.16 26.37
N SER C 222 -22.61 -29.18 25.49
CA SER C 222 -23.02 -29.47 24.12
C SER C 222 -22.36 -28.56 23.11
N ALA C 223 -22.17 -29.06 21.90
CA ALA C 223 -21.61 -28.29 20.81
C ALA C 223 -22.73 -27.92 19.86
N GLY C 224 -22.67 -26.72 19.28
CA GLY C 224 -23.67 -26.33 18.32
C GLY C 224 -23.33 -26.94 16.98
N GLN C 225 -24.16 -26.72 15.96
CA GLN C 225 -23.79 -27.17 14.63
C GLN C 225 -22.67 -26.31 14.05
N LYS C 226 -21.84 -26.93 13.20
CA LYS C 226 -20.70 -26.25 12.61
C LYS C 226 -21.13 -25.00 11.84
N LEU C 227 -20.28 -23.98 11.87
CA LEU C 227 -20.53 -22.74 11.16
C LEU C 227 -20.25 -22.88 9.67
N ASP C 228 -20.87 -21.99 8.90
CA ASP C 228 -20.77 -21.94 7.44
C ASP C 228 -19.90 -20.73 7.10
N LYS C 229 -18.61 -20.97 6.92
CA LYS C 229 -17.64 -19.88 6.81
C LYS C 229 -17.19 -19.60 5.37
N LEU C 230 -16.72 -18.38 5.14
CA LEU C 230 -16.16 -18.00 3.84
C LEU C 230 -15.00 -18.92 3.48
N GLY C 231 -14.10 -19.12 4.44
CA GLY C 231 -12.93 -19.96 4.25
C GLY C 231 -12.70 -20.84 5.46
N MSE C 232 -11.55 -21.49 5.55
CA MSE C 232 -11.27 -22.49 6.59
C MSE C 232 -12.39 -23.51 6.70
O MSE C 232 -12.72 -23.98 7.80
CB MSE C 232 -11.02 -21.79 7.92
CG MSE C 232 -9.77 -20.90 7.90
SE MSE C 232 -8.23 -21.99 7.28
CE MSE C 232 -6.83 -20.72 7.86
N ARG C 233 -12.98 -23.87 5.57
CA ARG C 233 -14.18 -24.70 5.57
C ARG C 233 -13.87 -26.13 5.98
N GLY C 234 -12.66 -26.60 5.71
CA GLY C 234 -12.33 -27.88 6.34
C GLY C 234 -12.22 -27.88 7.88
N SER C 235 -12.33 -26.73 8.52
CA SER C 235 -12.08 -26.61 9.95
C SER C 235 -13.37 -26.43 10.78
N ASN C 236 -13.79 -27.48 11.50
CA ASN C 236 -15.07 -27.46 12.20
C ASN C 236 -15.11 -26.47 13.35
N THR C 237 -15.92 -25.43 13.19
CA THR C 237 -16.03 -24.34 14.16
C THR C 237 -17.44 -24.29 14.69
N SER C 238 -17.60 -24.08 15.99
CA SER C 238 -18.94 -24.08 16.56
C SER C 238 -19.04 -23.25 17.83
N GLU C 239 -20.27 -22.94 18.23
CA GLU C 239 -20.48 -22.42 19.56
C GLU C 239 -20.49 -23.61 20.51
N LEU C 240 -20.35 -23.32 21.80
CA LEU C 240 -20.45 -24.35 22.82
C LEU C 240 -21.46 -23.84 23.83
N ILE C 241 -22.23 -24.76 24.39
CA ILE C 241 -23.28 -24.40 25.33
C ILE C 241 -23.11 -25.21 26.60
N PHE C 242 -23.12 -24.51 27.73
CA PHE C 242 -22.91 -25.09 29.05
C PHE C 242 -24.16 -24.85 29.87
N THR C 243 -24.84 -25.95 30.19
CA THR C 243 -26.08 -25.92 30.94
C THR C 243 -25.90 -26.81 32.17
N ASP C 244 -25.58 -26.19 33.30
CA ASP C 244 -25.29 -26.92 34.53
C ASP C 244 -24.22 -27.99 34.31
N CYS C 245 -23.15 -27.59 33.63
CA CYS C 245 -22.05 -28.50 33.32
C CYS C 245 -21.14 -28.61 34.53
N GLU C 246 -21.10 -29.79 35.12
CA GLU C 246 -20.34 -30.01 36.34
C GLU C 246 -18.90 -30.42 36.05
N VAL C 247 -17.97 -29.59 36.49
CA VAL C 247 -16.55 -29.85 36.29
C VAL C 247 -15.90 -30.14 37.62
N PRO C 248 -15.16 -31.25 37.70
CA PRO C 248 -14.51 -31.56 38.99
C PRO C 248 -13.53 -30.47 39.37
N GLU C 249 -13.41 -30.16 40.66
CA GLU C 249 -12.51 -29.12 41.13
C GLU C 249 -11.05 -29.41 40.78
N GLU C 250 -10.72 -30.70 40.64
CA GLU C 250 -9.37 -31.11 40.26
C GLU C 250 -9.07 -30.86 38.78
N ASN C 251 -10.04 -30.29 38.06
CA ASN C 251 -9.87 -29.99 36.65
C ASN C 251 -9.65 -28.51 36.38
N VAL C 252 -9.53 -27.72 37.44
CA VAL C 252 -9.08 -26.35 37.32
C VAL C 252 -7.67 -26.39 36.76
N LEU C 253 -7.37 -25.50 35.82
CA LEU C 253 -6.08 -25.46 35.14
C LEU C 253 -5.32 -24.18 35.50
N GLY C 254 -4.34 -24.29 36.40
CA GLY C 254 -3.50 -23.16 36.73
C GLY C 254 -3.99 -22.31 37.89
N GLY C 255 -4.96 -22.81 38.64
CA GLY C 255 -5.41 -22.11 39.82
C GLY C 255 -6.53 -21.13 39.62
N VAL C 256 -7.46 -21.12 40.57
CA VAL C 256 -8.60 -20.21 40.57
C VAL C 256 -8.16 -18.75 40.50
N GLY C 257 -8.73 -17.99 39.57
CA GLY C 257 -8.45 -16.57 39.46
C GLY C 257 -7.17 -16.22 38.72
N GLU C 258 -6.42 -17.25 38.34
CA GLU C 258 -5.17 -17.06 37.62
C GLU C 258 -5.33 -17.44 36.16
N GLY C 259 -6.57 -17.36 35.67
CA GLY C 259 -6.88 -17.69 34.29
C GLY C 259 -6.38 -16.68 33.30
N VAL C 260 -6.21 -15.44 33.73
CA VAL C 260 -5.79 -14.36 32.83
C VAL C 260 -4.32 -14.51 32.42
N LYS C 261 -3.50 -14.98 33.35
CA LYS C 261 -2.08 -15.25 33.08
C LYS C 261 -1.94 -16.37 32.04
N VAL C 262 -2.56 -17.51 32.39
CA VAL C 262 -2.70 -18.66 31.49
C VAL C 262 -3.16 -18.28 30.08
N LEU C 263 -4.22 -17.48 30.03
CA LEU C 263 -4.74 -16.96 28.77
C LEU C 263 -3.68 -16.16 28.00
N MSE C 264 -3.08 -15.17 28.67
CA MSE C 264 -2.11 -14.29 28.02
C MSE C 264 -0.94 -15.03 27.37
O MSE C 264 -0.67 -14.88 26.15
CB MSE C 264 -1.60 -13.23 29.00
CG MSE C 264 -2.37 -11.93 28.95
SE MSE C 264 -2.10 -10.86 30.58
CE MSE C 264 -3.27 -9.36 30.13
N SER C 265 -0.24 -15.82 28.19
CA SER C 265 0.82 -16.67 27.66
C SER C 265 0.30 -17.54 26.49
N GLY C 266 -0.89 -18.12 26.67
CA GLY C 266 -1.54 -18.91 25.62
C GLY C 266 -1.68 -18.18 24.29
N LEU C 267 -1.97 -16.88 24.39
CA LEU C 267 -2.06 -16.02 23.21
C LEU C 267 -0.67 -15.80 22.57
N ASP C 268 0.36 -15.58 23.38
CA ASP C 268 1.72 -15.44 22.83
C ASP C 268 2.10 -16.62 21.94
N TYR C 269 1.98 -17.82 22.52
CA TYR C 269 2.49 -18.99 21.82
C TYR C 269 1.60 -19.36 20.66
N GLU C 270 0.29 -19.25 20.87
CA GLU C 270 -0.65 -19.27 19.77
C GLU C 270 -0.16 -18.41 18.63
N ARG C 271 0.34 -17.21 18.93
CA ARG C 271 0.62 -16.24 17.87
C ARG C 271 1.78 -16.70 17.02
N VAL C 272 2.85 -17.09 17.70
CA VAL C 272 4.01 -17.59 16.98
C VAL C 272 3.69 -18.81 16.13
N VAL C 273 3.00 -19.81 16.70
CA VAL C 273 2.78 -21.03 15.92
C VAL C 273 1.76 -20.85 14.81
N LEU C 274 0.71 -20.10 15.11
CA LEU C 274 -0.32 -19.86 14.11
C LEU C 274 0.19 -18.99 12.97
N SER C 275 1.20 -18.15 13.21
CA SER C 275 1.74 -17.35 12.10
C SER C 275 2.31 -18.24 10.97
N ALA C 276 2.50 -19.52 11.25
CA ALA C 276 3.01 -20.45 10.23
C ALA C 276 1.87 -20.91 9.33
N GLY C 277 0.64 -20.65 9.74
CA GLY C 277 -0.52 -20.85 8.87
C GLY C 277 -0.42 -20.02 7.59
N PRO C 278 -0.34 -18.69 7.74
CA PRO C 278 0.00 -17.79 6.61
C PRO C 278 1.25 -18.22 5.83
N LEU C 279 2.31 -18.66 6.50
CA LEU C 279 3.48 -19.16 5.79
C LEU C 279 3.13 -20.29 4.84
N GLY C 280 2.35 -21.26 5.32
CA GLY C 280 1.98 -22.39 4.49
C GLY C 280 1.10 -21.96 3.33
N ILE C 281 0.19 -21.02 3.59
CA ILE C 281 -0.65 -20.47 2.52
C ILE C 281 0.21 -19.78 1.45
N MSE C 282 1.21 -19.01 1.89
CA MSE C 282 2.11 -18.36 0.94
C MSE C 282 2.90 -19.35 0.11
O MSE C 282 3.00 -19.21 -1.09
CB MSE C 282 3.05 -17.40 1.65
CG MSE C 282 2.32 -16.17 2.13
SE MSE C 282 3.57 -14.90 2.95
CE MSE C 282 3.37 -15.41 4.83
N ALA C 283 3.45 -20.38 0.76
CA ALA C 283 4.07 -21.48 0.03
C ALA C 283 3.11 -22.13 -0.98
N ALA C 284 1.85 -22.34 -0.58
CA ALA C 284 0.87 -22.91 -1.51
C ALA C 284 0.63 -21.97 -2.69
N CYS C 285 0.66 -20.66 -2.44
CA CYS C 285 0.48 -19.67 -3.49
C CYS C 285 1.51 -19.84 -4.61
N LEU C 286 2.76 -19.97 -4.22
CA LEU C 286 3.84 -20.22 -5.17
C LEU C 286 3.70 -21.60 -5.83
N ASP C 287 3.20 -22.57 -5.06
CA ASP C 287 2.99 -23.93 -5.56
C ASP C 287 2.02 -23.95 -6.75
N VAL C 288 0.96 -23.14 -6.70
CA VAL C 288 0.07 -23.11 -7.85
C VAL C 288 0.57 -22.16 -8.93
N VAL C 289 1.16 -21.02 -8.55
CA VAL C 289 1.51 -20.02 -9.54
C VAL C 289 2.68 -20.42 -10.44
N VAL C 290 3.79 -20.83 -9.85
CA VAL C 290 4.97 -21.10 -10.69
C VAL C 290 4.78 -22.20 -11.75
N PRO C 291 4.23 -23.37 -11.37
CA PRO C 291 4.01 -24.39 -12.40
C PRO C 291 3.01 -23.90 -13.43
N TYR C 292 1.92 -23.28 -12.97
CA TYR C 292 0.95 -22.71 -13.88
C TYR C 292 1.60 -21.89 -14.98
N LEU C 293 2.37 -20.88 -14.58
CA LEU C 293 3.03 -19.99 -15.55
C LEU C 293 3.98 -20.73 -16.49
N HIS C 294 4.43 -21.91 -16.09
CA HIS C 294 5.32 -22.72 -16.93
C HIS C 294 4.60 -23.60 -17.95
N GLU C 295 3.29 -23.75 -17.79
CA GLU C 295 2.48 -24.50 -18.75
C GLU C 295 1.64 -23.53 -19.57
N ARG C 296 1.52 -22.30 -19.09
CA ARG C 296 0.72 -21.27 -19.75
C ARG C 296 1.56 -20.03 -20.09
N GLU C 305 6.93 -15.20 -19.63
CA GLU C 305 8.10 -14.33 -19.55
C GLU C 305 7.70 -12.86 -19.63
N PHE C 306 6.39 -12.57 -19.54
CA PHE C 306 5.92 -11.19 -19.52
C PHE C 306 6.37 -10.47 -18.25
N GLN C 307 6.75 -9.22 -18.42
CA GLN C 307 7.51 -8.48 -17.42
C GLN C 307 6.77 -8.14 -16.11
N LEU C 308 5.54 -7.64 -16.23
CA LEU C 308 4.74 -7.33 -15.05
C LEU C 308 4.56 -8.59 -14.22
N MSE C 309 4.48 -9.71 -14.94
CA MSE C 309 4.28 -11.01 -14.32
C MSE C 309 5.53 -11.42 -13.54
O MSE C 309 5.44 -11.90 -12.41
CB MSE C 309 3.96 -12.03 -15.42
CG MSE C 309 3.47 -13.36 -14.94
SE MSE C 309 1.96 -13.21 -13.70
CE MSE C 309 0.94 -11.80 -14.53
N GLN C 310 6.69 -11.22 -14.14
CA GLN C 310 7.93 -11.57 -13.46
C GLN C 310 8.10 -10.70 -12.21
N GLY C 311 7.70 -9.43 -12.29
CA GLY C 311 7.74 -8.54 -11.14
C GLY C 311 6.82 -8.99 -10.02
N LYS C 312 5.59 -9.36 -10.40
CA LYS C 312 4.62 -9.92 -9.47
C LYS C 312 5.20 -11.15 -8.75
N LEU C 313 5.83 -12.02 -9.54
CA LEU C 313 6.43 -13.24 -9.03
C LEU C 313 7.55 -12.93 -8.02
N ALA C 314 8.37 -11.95 -8.37
CA ALA C 314 9.45 -11.50 -7.52
C ALA C 314 8.94 -11.02 -6.18
N ASP C 315 7.86 -10.23 -6.20
CA ASP C 315 7.29 -9.71 -4.97
C ASP C 315 6.78 -10.85 -4.10
N MSE C 316 6.12 -11.83 -4.72
CA MSE C 316 5.68 -13.01 -3.96
C MSE C 316 6.86 -13.74 -3.30
O MSE C 316 6.82 -14.07 -2.10
CB MSE C 316 4.90 -13.98 -4.85
CG MSE C 316 3.60 -13.41 -5.43
SE MSE C 316 2.74 -14.67 -6.66
CE MSE C 316 2.24 -16.04 -5.36
N TYR C 317 7.89 -14.02 -4.08
CA TYR C 317 9.05 -14.74 -3.60
C TYR C 317 9.73 -14.03 -2.41
N VAL C 318 10.00 -12.75 -2.60
CA VAL C 318 10.68 -11.95 -1.58
C VAL C 318 9.81 -11.86 -0.32
N THR C 319 8.51 -11.65 -0.49
CA THR C 319 7.59 -11.55 0.66
C THR C 319 7.60 -12.84 1.47
N MSE C 320 7.43 -13.95 0.75
CA MSE C 320 7.49 -15.29 1.32
C MSE C 320 8.73 -15.48 2.17
O MSE C 320 8.68 -15.92 3.32
CB MSE C 320 7.57 -16.27 0.16
CG MSE C 320 8.04 -17.63 0.59
SE MSE C 320 6.52 -18.78 0.94
CE MSE C 320 6.86 -19.85 -0.62
N ASN C 321 9.88 -15.17 1.57
CA ASN C 321 11.15 -15.33 2.24
C ASN C 321 11.35 -14.42 3.46
N ALA C 322 10.91 -13.17 3.37
CA ALA C 322 11.02 -12.23 4.51
C ALA C 322 10.14 -12.69 5.67
N ALA C 323 8.94 -13.14 5.32
CA ALA C 323 7.96 -13.64 6.29
C ALA C 323 8.50 -14.87 6.99
N ARG C 324 9.08 -15.79 6.22
CA ARG C 324 9.75 -16.94 6.82
C ARG C 324 10.84 -16.52 7.79
N ALA C 325 11.69 -15.60 7.35
CA ALA C 325 12.80 -15.16 8.18
C ALA C 325 12.30 -14.61 9.51
N TYR C 326 11.27 -13.75 9.43
CA TYR C 326 10.74 -13.10 10.63
C TYR C 326 10.11 -14.12 11.59
N VAL C 327 9.22 -14.97 11.06
CA VAL C 327 8.58 -15.97 11.90
C VAL C 327 9.59 -16.94 12.54
N TYR C 328 10.54 -17.43 11.75
CA TYR C 328 11.54 -18.35 12.30
C TYR C 328 12.41 -17.68 13.38
N ALA C 329 12.73 -16.40 13.19
CA ALA C 329 13.54 -15.69 14.17
C ALA C 329 12.74 -15.54 15.48
N VAL C 330 11.45 -15.25 15.35
CA VAL C 330 10.63 -15.11 16.55
C VAL C 330 10.49 -16.47 17.28
N ALA C 331 10.23 -17.52 16.52
CA ALA C 331 10.10 -18.86 17.10
C ALA C 331 11.39 -19.30 17.79
N ALA C 332 12.53 -19.05 17.16
CA ALA C 332 13.80 -19.41 17.79
C ALA C 332 13.99 -18.61 19.08
N ALA C 333 13.60 -17.35 19.05
CA ALA C 333 13.64 -16.52 20.25
C ALA C 333 12.78 -17.12 21.37
N CYS C 334 11.56 -17.54 21.04
CA CYS C 334 10.72 -18.19 22.03
C CYS C 334 11.41 -19.42 22.60
N ASP C 335 12.02 -20.22 21.73
CA ASP C 335 12.75 -21.39 22.19
C ASP C 335 13.93 -21.10 23.10
N ARG C 336 14.53 -19.92 22.95
CA ARG C 336 15.63 -19.54 23.85
C ARG C 336 15.11 -18.97 25.18
N GLY C 337 13.79 -18.81 25.28
CA GLY C 337 13.18 -18.24 26.47
C GLY C 337 13.20 -16.73 26.57
N GLU C 338 13.01 -16.06 25.45
CA GLU C 338 12.96 -14.59 25.41
C GLU C 338 11.61 -14.11 24.91
N THR C 339 10.55 -14.86 25.23
CA THR C 339 9.21 -14.55 24.72
C THR C 339 8.81 -13.09 24.99
N ALA C 340 8.67 -12.33 23.92
CA ALA C 340 8.12 -10.98 24.00
C ALA C 340 6.77 -10.93 23.30
N ARG C 341 5.79 -10.34 23.97
CA ARG C 341 4.45 -10.20 23.42
C ARG C 341 4.49 -9.46 22.08
N LYS C 342 5.40 -8.48 22.00
CA LYS C 342 5.62 -7.62 20.85
C LYS C 342 5.87 -8.37 19.55
N ASP C 343 6.85 -9.27 19.58
CA ASP C 343 7.35 -9.85 18.36
C ASP C 343 6.45 -10.99 17.90
N ALA C 344 5.80 -11.66 18.84
CA ALA C 344 4.88 -12.73 18.50
C ALA C 344 3.66 -12.11 17.83
N ALA C 345 3.15 -11.05 18.47
CA ALA C 345 2.05 -10.30 17.89
C ALA C 345 2.47 -9.77 16.51
N GLY C 346 3.72 -9.33 16.41
CA GLY C 346 4.22 -8.73 15.19
C GLY C 346 4.32 -9.71 14.03
N CYS C 347 4.81 -10.92 14.30
CA CYS C 347 4.99 -11.89 13.21
C CYS C 347 3.66 -12.44 12.75
N ILE C 348 2.69 -12.59 13.65
CA ILE C 348 1.41 -13.00 13.10
C ILE C 348 0.70 -11.84 12.36
N LEU C 349 0.79 -10.63 12.88
CA LEU C 349 0.28 -9.45 12.18
C LEU C 349 0.79 -9.39 10.72
N TYR C 350 2.11 -9.44 10.62
CA TYR C 350 2.82 -9.33 9.35
C TYR C 350 2.50 -10.51 8.42
N ALA C 351 2.70 -11.74 8.90
CA ALA C 351 2.44 -12.91 8.06
C ALA C 351 0.99 -12.99 7.57
N ALA C 352 0.03 -12.76 8.47
CA ALA C 352 -1.39 -12.82 8.07
C ALA C 352 -1.71 -11.83 6.96
N GLU C 353 -1.27 -10.57 7.13
CA GLU C 353 -1.56 -9.59 6.06
C GLU C 353 -0.88 -9.96 4.71
N LYS C 354 0.35 -10.46 4.80
CA LYS C 354 1.10 -10.86 3.60
C LYS C 354 0.46 -12.05 2.89
N ALA C 355 -0.04 -13.02 3.66
CA ALA C 355 -0.67 -14.19 3.06
C ALA C 355 -1.92 -13.79 2.29
N THR C 356 -2.76 -12.96 2.89
CA THR C 356 -3.91 -12.47 2.12
C THR C 356 -3.53 -11.73 0.80
N ALA C 357 -2.62 -10.77 0.93
CA ALA C 357 -2.14 -10.04 -0.27
C ALA C 357 -1.64 -11.02 -1.36
N MSE C 358 -0.87 -11.99 -0.94
CA MSE C 358 -0.28 -12.90 -1.89
C MSE C 358 -1.33 -13.82 -2.54
O MSE C 358 -1.21 -14.14 -3.72
CB MSE C 358 0.81 -13.74 -1.22
CG MSE C 358 1.46 -14.68 -2.19
SE MSE C 358 3.16 -15.39 -1.55
CE MSE C 358 3.74 -13.98 -0.38
N ALA C 359 -2.34 -14.23 -1.80
CA ALA C 359 -3.41 -15.05 -2.40
C ALA C 359 -4.13 -14.29 -3.51
N LEU C 360 -4.37 -13.00 -3.26
CA LEU C 360 -4.92 -12.11 -4.29
C LEU C 360 -4.05 -12.11 -5.56
N GLU C 361 -2.74 -12.01 -5.36
CA GLU C 361 -1.83 -12.08 -6.49
C GLU C 361 -1.81 -13.45 -7.18
N ALA C 362 -2.07 -14.51 -6.42
CA ALA C 362 -2.09 -15.85 -7.00
C ALA C 362 -3.25 -15.95 -7.99
N ILE C 363 -4.43 -15.49 -7.55
CA ILE C 363 -5.61 -15.46 -8.42
C ILE C 363 -5.31 -14.61 -9.64
N GLN C 364 -4.70 -13.45 -9.40
CA GLN C 364 -4.38 -12.51 -10.48
C GLN C 364 -3.47 -13.12 -11.54
N ALA C 365 -2.42 -13.80 -11.09
CA ALA C 365 -1.46 -14.42 -11.98
C ALA C 365 -2.11 -15.54 -12.80
N LEU C 366 -3.06 -16.25 -12.20
CA LEU C 366 -3.73 -17.29 -12.97
C LEU C 366 -4.81 -16.76 -13.93
N GLY C 367 -5.24 -15.52 -13.71
CA GLY C 367 -6.27 -14.95 -14.54
C GLY C 367 -7.62 -15.63 -14.33
N GLY C 368 -8.38 -15.71 -15.42
CA GLY C 368 -9.70 -16.31 -15.39
C GLY C 368 -9.71 -17.67 -14.71
N ASN C 369 -8.74 -18.52 -15.05
CA ASN C 369 -8.64 -19.81 -14.38
C ASN C 369 -8.50 -19.68 -12.87
N GLY C 370 -7.84 -18.61 -12.44
CA GLY C 370 -7.60 -18.38 -11.02
C GLY C 370 -8.89 -17.99 -10.37
N TYR C 371 -9.80 -17.46 -11.19
CA TYR C 371 -11.13 -17.15 -10.67
C TYR C 371 -12.08 -18.36 -10.61
N THR C 372 -11.66 -19.52 -11.09
CA THR C 372 -12.55 -20.68 -11.02
C THR C 372 -12.20 -21.57 -9.83
N ASN C 373 -13.18 -22.34 -9.37
CA ASN C 373 -12.98 -23.27 -8.27
C ASN C 373 -12.28 -24.53 -8.73
N ASP C 374 -12.01 -24.60 -10.03
CA ASP C 374 -11.16 -25.65 -10.59
C ASP C 374 -9.69 -25.51 -10.16
N TYR C 375 -9.30 -24.31 -9.74
CA TYR C 375 -7.96 -24.10 -9.19
C TYR C 375 -8.11 -23.67 -7.73
N PRO C 376 -7.08 -23.89 -6.92
CA PRO C 376 -7.20 -23.65 -5.48
C PRO C 376 -6.89 -22.22 -5.02
N ALA C 377 -6.59 -21.31 -5.96
CA ALA C 377 -6.21 -19.94 -5.62
C ALA C 377 -7.29 -19.22 -4.80
N GLY C 378 -8.54 -19.34 -5.25
CA GLY C 378 -9.67 -18.77 -4.55
C GLY C 378 -9.76 -19.25 -3.10
N ARG C 379 -9.50 -20.54 -2.90
CA ARG C 379 -9.61 -21.12 -1.57
C ARG C 379 -8.50 -20.57 -0.71
N LEU C 380 -7.32 -20.39 -1.30
CA LEU C 380 -6.20 -19.79 -0.60
C LEU C 380 -6.56 -18.38 -0.11
N LEU C 381 -7.24 -17.61 -0.96
CA LEU C 381 -7.70 -16.29 -0.51
C LEU C 381 -8.69 -16.41 0.68
N ARG C 382 -9.71 -17.22 0.46
CA ARG C 382 -10.75 -17.39 1.47
C ARG C 382 -10.15 -17.83 2.80
N ASP C 383 -9.21 -18.77 2.75
CA ASP C 383 -8.55 -19.28 3.96
C ASP C 383 -7.69 -18.22 4.62
N ALA C 384 -6.93 -17.48 3.80
CA ALA C 384 -5.92 -16.58 4.35
C ALA C 384 -6.59 -15.49 5.16
N LYS C 385 -7.74 -15.03 4.69
CA LYS C 385 -8.38 -13.93 5.42
C LYS C 385 -8.62 -14.22 6.91
N LEU C 386 -8.84 -15.48 7.28
CA LEU C 386 -9.13 -15.82 8.67
C LEU C 386 -8.07 -15.30 9.63
N TYR C 387 -6.81 -15.40 9.23
CA TYR C 387 -5.72 -15.08 10.14
C TYR C 387 -5.60 -13.60 10.47
N GLU C 388 -6.29 -12.74 9.72
CA GLU C 388 -6.34 -11.32 10.10
C GLU C 388 -7.41 -11.02 11.15
N ILE C 389 -8.29 -12.01 11.37
CA ILE C 389 -9.27 -11.94 12.44
C ILE C 389 -8.98 -12.89 13.63
N GLY C 390 -8.91 -14.19 13.37
CA GLY C 390 -8.65 -15.18 14.41
C GLY C 390 -7.37 -14.88 15.18
N ALA C 391 -7.29 -15.38 16.40
CA ALA C 391 -6.15 -15.15 17.28
C ALA C 391 -5.99 -13.68 17.60
N GLY C 392 -7.08 -12.93 17.52
CA GLY C 392 -7.00 -11.50 17.75
C GLY C 392 -6.83 -10.84 16.40
N THR C 393 -7.45 -9.69 16.22
CA THR C 393 -7.47 -9.06 14.93
C THR C 393 -6.17 -8.28 14.68
N SER C 394 -5.96 -7.89 13.42
CA SER C 394 -4.85 -7.01 13.08
C SER C 394 -4.85 -5.75 13.96
N GLU C 395 -6.02 -5.16 14.14
CA GLU C 395 -6.19 -3.97 14.96
C GLU C 395 -5.70 -4.20 16.40
N ILE C 396 -6.14 -5.31 16.99
CA ILE C 396 -5.74 -5.63 18.36
C ILE C 396 -4.23 -5.89 18.46
N ARG C 397 -3.64 -6.56 17.46
CA ARG C 397 -2.20 -6.77 17.43
C ARG C 397 -1.41 -5.45 17.36
N ARG C 398 -1.83 -4.58 16.44
CA ARG C 398 -1.17 -3.27 16.28
C ARG C 398 -1.21 -2.48 17.58
N MSE C 399 -2.38 -2.47 18.21
CA MSE C 399 -2.53 -1.83 19.50
C MSE C 399 -1.68 -2.43 20.60
O MSE C 399 -1.15 -1.70 21.43
CB MSE C 399 -3.99 -1.82 19.92
CG MSE C 399 -4.87 -0.91 19.08
SE MSE C 399 -4.13 0.89 18.87
CE MSE C 399 -2.99 0.61 17.31
N LEU C 400 -1.57 -3.76 20.63
CA LEU C 400 -0.76 -4.41 21.65
C LEU C 400 0.69 -3.98 21.51
N ILE C 401 1.17 -4.01 20.27
CA ILE C 401 2.57 -3.70 19.99
C ILE C 401 2.83 -2.23 20.30
N GLY C 402 1.95 -1.35 19.85
CA GLY C 402 2.07 0.07 20.15
C GLY C 402 2.10 0.35 21.64
N ARG C 403 1.10 -0.14 22.37
CA ARG C 403 0.99 0.12 23.80
C ARG C 403 2.19 -0.44 24.53
N GLU C 404 2.64 -1.63 24.13
CA GLU C 404 3.77 -2.26 24.80
C GLU C 404 5.06 -1.49 24.57
N LEU C 405 5.32 -1.12 23.31
CA LEU C 405 6.48 -0.31 22.97
C LEU C 405 6.47 0.94 23.82
N PHE C 406 5.35 1.65 23.77
CA PHE C 406 5.20 2.91 24.49
C PHE C 406 5.39 2.73 26.01
N ALA C 407 5.00 1.56 26.53
CA ALA C 407 5.07 1.27 27.95
C ALA C 407 6.47 0.93 28.42
N GLU C 408 7.23 0.24 27.57
CA GLU C 408 8.57 -0.18 27.94
C GLU C 408 9.65 0.86 27.60
N THR C 409 9.27 1.88 26.84
CA THR C 409 10.24 2.88 26.41
C THR C 409 10.04 4.22 27.11
N LYS C 410 9.32 4.22 28.23
CA LYS C 410 9.00 5.44 28.96
C LYS C 410 9.94 5.69 30.14
N MSE D 24 18.51 6.68 22.07
CA MSE D 24 18.50 5.64 21.05
C MSE D 24 17.50 4.54 21.35
O MSE D 24 17.37 4.08 22.49
CB MSE D 24 19.88 5.01 20.89
CG MSE D 24 20.92 5.92 20.31
SE MSE D 24 22.61 4.96 20.13
CE MSE D 24 22.36 4.19 18.37
N PHE D 25 16.78 4.10 20.32
CA PHE D 25 15.89 2.99 20.51
C PHE D 25 16.66 1.69 20.33
N GLU D 26 16.81 0.94 21.41
CA GLU D 26 17.65 -0.23 21.39
C GLU D 26 16.87 -1.49 21.73
N ALA D 27 15.55 -1.40 21.61
CA ALA D 27 14.73 -2.57 21.81
C ALA D 27 14.54 -3.30 20.47
N GLY D 28 14.08 -4.54 20.53
CA GLY D 28 13.89 -5.35 19.35
C GLY D 28 14.16 -6.82 19.57
N LEU D 29 13.83 -7.61 18.56
CA LEU D 29 14.09 -9.04 18.58
C LEU D 29 15.58 -9.34 18.71
N ASN D 30 15.95 -10.24 19.62
CA ASN D 30 17.31 -10.73 19.59
C ASN D 30 17.46 -11.80 18.52
N PHE D 31 18.51 -11.69 17.72
CA PHE D 31 18.76 -12.69 16.67
C PHE D 31 19.82 -13.72 17.04
N ALA D 32 20.43 -13.53 18.20
CA ALA D 32 21.44 -14.44 18.73
C ALA D 32 22.57 -14.69 17.72
N LEU D 33 23.22 -13.62 17.29
CA LEU D 33 24.26 -13.73 16.26
C LEU D 33 25.59 -14.25 16.81
N GLY D 34 25.71 -14.37 18.12
CA GLY D 34 26.92 -14.88 18.72
C GLY D 34 27.76 -13.80 19.40
N GLU D 35 28.59 -14.23 20.33
CA GLU D 35 29.47 -13.33 21.10
C GLU D 35 30.34 -12.40 20.24
N GLU D 36 30.95 -12.96 19.20
CA GLU D 36 31.87 -12.17 18.39
C GLU D 36 31.17 -11.03 17.65
N ILE D 37 30.07 -11.35 16.98
CA ILE D 37 29.34 -10.33 16.25
C ILE D 37 28.68 -9.33 17.19
N ASP D 38 28.25 -9.79 18.36
CA ASP D 38 27.67 -8.89 19.36
C ASP D 38 28.70 -7.90 19.87
N ALA D 39 29.92 -8.36 20.16
CA ALA D 39 31.00 -7.46 20.56
C ALA D 39 31.35 -6.49 19.43
N LEU D 40 31.35 -7.00 18.20
CA LEU D 40 31.58 -6.15 17.04
C LEU D 40 30.53 -5.04 16.96
N ARG D 41 29.26 -5.41 17.15
CA ARG D 41 28.17 -4.45 17.12
C ARG D 41 28.36 -3.39 18.18
N ALA D 42 28.68 -3.82 19.39
CA ALA D 42 28.93 -2.88 20.47
C ALA D 42 30.06 -1.88 20.12
N SER D 43 31.19 -2.38 19.61
CA SER D 43 32.34 -1.50 19.35
C SER D 43 32.02 -0.53 18.24
N VAL D 44 31.37 -1.05 17.19
CA VAL D 44 31.05 -0.21 16.06
C VAL D 44 30.07 0.86 16.49
N ARG D 45 29.10 0.50 17.34
CA ARG D 45 28.12 1.48 17.81
C ARG D 45 28.75 2.56 18.69
N ARG D 46 29.65 2.16 19.59
CA ARG D 46 30.36 3.15 20.38
C ARG D 46 31.10 4.12 19.45
N PHE D 47 31.86 3.58 18.50
CA PHE D 47 32.62 4.39 17.57
C PHE D 47 31.71 5.32 16.78
N ALA D 48 30.61 4.77 16.30
CA ALA D 48 29.65 5.51 15.46
C ALA D 48 29.03 6.68 16.22
N SER D 49 28.48 6.42 17.40
CA SER D 49 27.90 7.51 18.18
C SER D 49 28.95 8.55 18.61
N GLU D 50 30.19 8.13 18.84
CA GLU D 50 31.19 9.06 19.35
C GLU D 50 31.85 9.91 18.26
N ARG D 51 32.05 9.33 17.09
CA ARG D 51 32.91 9.95 16.09
C ARG D 51 32.16 10.31 14.82
N ILE D 52 31.17 9.49 14.46
CA ILE D 52 30.43 9.72 13.22
C ILE D 52 29.20 10.63 13.43
N ALA D 53 28.32 10.24 14.36
CA ALA D 53 27.09 10.99 14.59
C ALA D 53 27.23 12.50 14.78
N PRO D 54 28.25 12.96 15.55
CA PRO D 54 28.36 14.42 15.71
C PRO D 54 28.73 15.12 14.41
N LEU D 55 29.16 14.37 13.42
CA LEU D 55 29.55 14.96 12.14
C LEU D 55 28.52 14.79 11.02
N ALA D 56 27.45 14.03 11.27
CA ALA D 56 26.46 13.71 10.22
C ALA D 56 25.80 14.92 9.52
N ASP D 57 25.28 15.83 10.33
CA ASP D 57 24.73 17.09 9.84
C ASP D 57 25.76 17.86 9.03
N ASP D 58 26.97 17.98 9.56
CA ASP D 58 27.98 18.79 8.89
C ASP D 58 28.34 18.20 7.55
N ALA D 59 28.44 16.87 7.50
CA ALA D 59 28.73 16.19 6.26
C ALA D 59 27.64 16.51 5.22
N ASP D 60 26.38 16.53 5.67
CA ASP D 60 25.24 16.81 4.78
C ASP D 60 25.19 18.28 4.31
N ARG D 61 25.53 19.19 5.21
CA ARG D 61 25.48 20.62 4.95
C ARG D 61 26.62 21.07 4.04
N SER D 62 27.80 20.50 4.24
CA SER D 62 28.98 20.87 3.46
C SER D 62 29.11 20.02 2.22
N ASN D 63 28.31 18.96 2.13
CA ASN D 63 28.36 18.01 1.00
C ASN D 63 29.76 17.42 0.86
N ALA D 64 30.35 17.03 1.98
CA ALA D 64 31.73 16.56 1.98
C ALA D 64 31.95 15.43 2.98
N PHE D 65 32.65 14.39 2.55
CA PHE D 65 33.00 13.33 3.48
C PHE D 65 34.01 13.84 4.51
N PRO D 66 33.80 13.51 5.80
CA PRO D 66 34.77 13.84 6.84
C PRO D 66 35.95 12.88 6.75
N MSE D 67 36.98 13.29 6.00
CA MSE D 67 38.10 12.42 5.62
C MSE D 67 38.80 11.70 6.76
O MSE D 67 39.24 10.55 6.61
CB MSE D 67 39.12 13.21 4.78
CG MSE D 67 38.51 13.74 3.47
SE MSE D 67 37.81 12.32 2.25
CE MSE D 67 39.55 11.67 1.58
N SER D 68 38.86 12.35 7.92
CA SER D 68 39.57 11.77 9.06
C SER D 68 38.96 10.44 9.48
N LEU D 69 37.71 10.17 9.07
CA LEU D 69 37.06 8.91 9.43
C LEU D 69 37.76 7.70 8.81
N TRP D 70 38.30 7.87 7.60
CA TRP D 70 39.03 6.78 6.95
C TRP D 70 40.08 6.11 7.86
N ARG D 71 41.09 6.87 8.26
CA ARG D 71 42.14 6.33 9.13
C ARG D 71 41.55 5.78 10.40
N GLU D 72 40.53 6.46 10.92
CA GLU D 72 39.94 6.03 12.17
C GLU D 72 39.31 4.66 11.99
N MSE D 73 38.56 4.50 10.90
CA MSE D 73 37.89 3.25 10.67
C MSE D 73 38.94 2.22 10.34
O MSE D 73 38.78 1.02 10.61
CB MSE D 73 36.85 3.35 9.55
CG MSE D 73 35.69 4.24 9.92
SE MSE D 73 34.20 4.22 8.65
CE MSE D 73 35.05 5.10 7.10
N GLY D 74 40.04 2.69 9.76
CA GLY D 74 41.13 1.80 9.44
C GLY D 74 41.75 1.26 10.72
N GLU D 75 41.84 2.12 11.73
CA GLU D 75 42.47 1.74 12.99
C GLU D 75 41.60 0.71 13.68
N LEU D 76 40.29 0.79 13.48
CA LEU D 76 39.39 -0.16 14.12
C LEU D 76 39.30 -1.51 13.41
N GLY D 77 39.98 -1.67 12.29
CA GLY D 77 39.87 -2.88 11.51
C GLY D 77 38.59 -3.01 10.68
N LEU D 78 37.84 -1.92 10.50
CA LEU D 78 36.55 -1.98 9.80
C LEU D 78 36.65 -2.00 8.27
N LEU D 79 37.66 -1.33 7.73
CA LEU D 79 37.77 -1.19 6.29
C LEU D 79 38.07 -2.53 5.61
N GLY D 80 38.71 -3.44 6.33
CA GLY D 80 39.07 -4.74 5.79
C GLY D 80 38.35 -5.90 6.46
N ILE D 81 37.17 -5.59 7.00
CA ILE D 81 36.39 -6.51 7.82
C ILE D 81 36.24 -7.93 7.22
N THR D 82 36.07 -8.02 5.92
CA THR D 82 35.94 -9.31 5.26
C THR D 82 37.19 -9.68 4.45
N ALA D 83 38.25 -8.88 4.57
CA ALA D 83 39.49 -9.14 3.83
C ALA D 83 40.43 -10.06 4.60
N ASP D 84 41.40 -10.66 3.91
CA ASP D 84 42.32 -11.60 4.55
C ASP D 84 43.16 -10.98 5.66
N GLU D 85 43.34 -11.75 6.73
CA GLU D 85 44.08 -11.29 7.89
C GLU D 85 45.53 -10.99 7.58
N ALA D 86 46.09 -11.72 6.61
CA ALA D 86 47.49 -11.55 6.22
C ALA D 86 47.76 -10.15 5.65
N HIS D 87 46.71 -9.43 5.30
CA HIS D 87 46.89 -8.09 4.74
C HIS D 87 46.39 -7.03 5.71
N GLY D 88 46.01 -7.45 6.92
CA GLY D 88 45.52 -6.54 7.94
C GLY D 88 44.03 -6.61 8.11
N GLY D 89 43.39 -7.42 7.27
CA GLY D 89 41.94 -7.56 7.32
C GLY D 89 41.49 -8.35 8.54
N ALA D 90 40.18 -8.32 8.82
CA ALA D 90 39.65 -8.98 10.00
C ALA D 90 39.32 -10.46 9.74
N GLY D 91 39.23 -10.83 8.47
CA GLY D 91 38.91 -12.20 8.10
C GLY D 91 37.52 -12.63 8.54
N LEU D 92 36.60 -11.67 8.66
CA LEU D 92 35.24 -12.00 9.05
C LEU D 92 34.36 -12.16 7.82
N GLY D 93 33.08 -12.41 8.04
CA GLY D 93 32.19 -12.68 6.94
C GLY D 93 31.14 -11.61 6.72
N TYR D 94 30.18 -11.93 5.85
CA TYR D 94 29.20 -10.95 5.40
C TYR D 94 28.18 -10.58 6.46
N LEU D 95 27.86 -11.49 7.37
CA LEU D 95 26.97 -11.15 8.46
C LEU D 95 27.57 -10.06 9.35
N ALA D 96 28.83 -10.27 9.74
CA ALA D 96 29.57 -9.26 10.49
C ALA D 96 29.62 -7.93 9.73
N HIS D 97 29.96 -8.01 8.45
CA HIS D 97 30.06 -6.79 7.63
C HIS D 97 28.72 -6.04 7.59
N CYS D 98 27.61 -6.77 7.46
CA CYS D 98 26.28 -6.14 7.47
C CYS D 98 26.03 -5.44 8.80
N VAL D 99 26.38 -6.10 9.89
CA VAL D 99 26.20 -5.49 11.21
C VAL D 99 27.03 -4.19 11.35
N ALA D 100 28.28 -4.24 10.90
CA ALA D 100 29.11 -3.04 10.97
C ALA D 100 28.48 -1.93 10.11
N MSE D 101 28.09 -2.30 8.90
CA MSE D 101 27.49 -1.35 7.95
C MSE D 101 26.22 -0.72 8.53
O MSE D 101 25.94 0.46 8.34
CB MSE D 101 27.18 -2.12 6.66
CG MSE D 101 26.31 -1.41 5.68
SE MSE D 101 27.21 0.22 5.01
CE MSE D 101 25.90 0.69 3.62
N GLU D 102 25.45 -1.55 9.23
CA GLU D 102 24.20 -1.13 9.87
C GLU D 102 24.46 -0.09 10.96
N GLU D 103 25.39 -0.40 11.86
CA GLU D 103 25.68 0.51 12.96
C GLU D 103 26.30 1.81 12.42
N ILE D 104 27.10 1.71 11.37
CA ILE D 104 27.66 2.90 10.77
C ILE D 104 26.58 3.78 10.13
N SER D 105 25.73 3.17 9.31
CA SER D 105 24.70 3.92 8.59
C SER D 105 23.69 4.52 9.55
N ARG D 106 23.51 3.88 10.71
CA ARG D 106 22.63 4.41 11.74
C ARG D 106 23.11 5.78 12.31
N ALA D 107 24.41 6.01 12.29
CA ALA D 107 24.96 7.29 12.71
C ALA D 107 25.06 8.31 11.55
N SER D 108 25.36 7.81 10.36
CA SER D 108 25.34 8.63 9.15
C SER D 108 25.26 7.74 7.91
N ALA D 109 24.15 7.83 7.23
CA ALA D 109 23.91 7.09 6.00
C ALA D 109 24.97 7.38 4.91
N SER D 110 25.42 8.63 4.81
CA SER D 110 26.43 8.96 3.79
C SER D 110 27.76 8.28 4.10
N VAL D 111 28.14 8.32 5.36
CA VAL D 111 29.36 7.66 5.78
C VAL D 111 29.23 6.17 5.51
N GLY D 112 28.07 5.60 5.84
CA GLY D 112 27.79 4.21 5.55
C GLY D 112 27.91 3.82 4.08
N LEU D 113 27.37 4.65 3.19
CA LEU D 113 27.46 4.36 1.77
C LEU D 113 28.92 4.37 1.28
N SER D 114 29.66 5.41 1.67
CA SER D 114 31.07 5.48 1.30
C SER D 114 31.88 4.32 1.89
N TYR D 115 31.56 3.96 3.12
CA TYR D 115 32.19 2.84 3.81
C TYR D 115 31.92 1.52 3.10
N GLY D 116 30.68 1.34 2.65
CA GLY D 116 30.31 0.13 1.93
C GLY D 116 31.04 0.04 0.62
N ALA D 117 31.11 1.18 -0.09
CA ALA D 117 31.80 1.18 -1.38
C ALA D 117 33.28 0.87 -1.20
N HIS D 118 33.90 1.47 -0.20
CA HIS D 118 35.32 1.18 0.07
C HIS D 118 35.56 -0.28 0.49
N SER D 119 34.81 -0.73 1.49
CA SER D 119 35.11 -1.99 2.17
C SER D 119 34.54 -3.19 1.44
N ASN D 120 33.41 -3.02 0.75
CA ASN D 120 32.85 -4.15 0.06
C ASN D 120 33.04 -4.08 -1.44
N LEU D 121 32.60 -3.00 -2.07
CA LEU D 121 32.64 -2.93 -3.53
C LEU D 121 34.08 -2.96 -4.03
N CYS D 122 35.00 -2.33 -3.29
CA CYS D 122 36.40 -2.31 -3.71
C CYS D 122 37.23 -3.39 -3.01
N VAL D 123 37.45 -3.23 -1.71
CA VAL D 123 38.31 -4.13 -0.95
C VAL D 123 37.93 -5.63 -1.09
N ASN D 124 36.64 -5.95 -0.95
CA ASN D 124 36.21 -7.34 -1.01
C ASN D 124 36.40 -7.96 -2.39
N GLN D 125 36.25 -7.15 -3.44
CA GLN D 125 36.44 -7.61 -4.82
C GLN D 125 37.89 -7.93 -5.08
N ILE D 126 38.77 -7.09 -4.55
CA ILE D 126 40.20 -7.38 -4.64
C ILE D 126 40.53 -8.65 -3.84
N ASN D 127 39.96 -8.76 -2.63
CA ASN D 127 40.26 -9.92 -1.76
C ASN D 127 39.79 -11.23 -2.38
N ARG D 128 38.66 -11.21 -3.05
CA ARG D 128 38.13 -12.40 -3.71
C ARG D 128 38.81 -12.73 -5.05
N ASN D 129 39.03 -11.71 -5.87
CA ASN D 129 39.49 -11.96 -7.25
C ASN D 129 40.93 -11.55 -7.50
N GLY D 130 41.61 -11.04 -6.47
CA GLY D 130 42.96 -10.54 -6.65
C GLY D 130 44.00 -11.63 -6.48
N LYS D 131 45.00 -11.64 -7.37
CA LYS D 131 46.14 -12.52 -7.17
C LYS D 131 46.83 -12.05 -5.91
N PRO D 132 47.48 -12.97 -5.20
CA PRO D 132 48.21 -12.63 -3.98
C PRO D 132 49.15 -11.42 -4.12
N ALA D 133 49.83 -11.29 -5.26
CA ALA D 133 50.68 -10.12 -5.49
C ALA D 133 49.86 -8.84 -5.49
N GLN D 134 48.73 -8.87 -6.20
CA GLN D 134 47.85 -7.71 -6.28
C GLN D 134 47.32 -7.29 -4.92
N LYS D 135 46.86 -8.26 -4.14
CA LYS D 135 46.36 -8.01 -2.79
C LYS D 135 47.47 -7.44 -1.90
N SER D 136 48.68 -7.94 -2.11
CA SER D 136 49.85 -7.45 -1.39
C SER D 136 50.15 -5.98 -1.74
N ARG D 137 50.00 -5.63 -3.01
CA ARG D 137 50.25 -4.27 -3.47
C ARG D 137 49.17 -3.29 -3.03
N TYR D 138 47.90 -3.69 -3.11
CA TYR D 138 46.78 -2.75 -2.94
C TYR D 138 46.03 -2.80 -1.60
N LEU D 139 45.85 -3.99 -1.03
CA LEU D 139 45.08 -4.09 0.21
C LEU D 139 45.59 -3.35 1.48
N PRO D 140 46.89 -3.41 1.81
CA PRO D 140 47.33 -2.84 3.09
C PRO D 140 46.92 -1.38 3.34
N LYS D 141 47.08 -0.51 2.36
CA LYS D 141 46.71 0.90 2.54
C LYS D 141 45.20 1.09 2.54
N LEU D 142 44.51 0.28 1.74
CA LEU D 142 43.05 0.31 1.71
C LEU D 142 42.50 -0.11 3.05
N ILE D 143 43.17 -1.07 3.69
CA ILE D 143 42.69 -1.60 4.95
C ILE D 143 42.99 -0.65 6.09
N SER D 144 44.15 0.01 6.01
CA SER D 144 44.55 1.00 7.02
C SER D 144 43.77 2.29 6.89
N GLY D 145 43.24 2.53 5.70
CA GLY D 145 42.51 3.76 5.43
C GLY D 145 43.42 4.85 4.92
N GLU D 146 44.67 4.50 4.63
CA GLU D 146 45.61 5.45 4.07
C GLU D 146 45.21 5.73 2.64
N HIS D 147 44.59 4.74 2.02
CA HIS D 147 44.05 4.86 0.67
C HIS D 147 42.53 4.65 0.70
N VAL D 148 41.83 5.31 -0.22
CA VAL D 148 40.39 5.15 -0.36
C VAL D 148 40.11 4.31 -1.60
N GLY D 149 39.08 3.47 -1.53
CA GLY D 149 38.74 2.58 -2.61
C GLY D 149 37.42 2.89 -3.31
N ALA D 150 37.33 2.51 -4.59
CA ALA D 150 36.09 2.67 -5.30
C ALA D 150 35.89 1.61 -6.38
N LEU D 151 34.65 1.51 -6.85
CA LEU D 151 34.25 0.60 -7.91
C LEU D 151 33.59 1.40 -9.02
N ALA D 152 34.08 1.24 -10.25
CA ALA D 152 33.56 1.97 -11.39
C ALA D 152 33.08 1.01 -12.46
N MSE D 153 31.77 0.85 -12.49
CA MSE D 153 31.12 -0.02 -13.43
C MSE D 153 30.12 0.80 -14.28
O MSE D 153 30.12 0.69 -15.50
CB MSE D 153 30.43 -1.13 -12.65
CG MSE D 153 29.26 -1.81 -13.34
SE MSE D 153 28.20 -2.80 -12.01
CE MSE D 153 27.54 -1.30 -10.97
N SER D 154 29.30 1.61 -13.62
CA SER D 154 28.22 2.35 -14.29
C SER D 154 28.71 3.40 -15.29
N GLU D 155 27.99 3.51 -16.41
CA GLU D 155 28.30 4.49 -17.45
C GLU D 155 27.04 5.23 -17.89
N PRO D 156 27.20 6.51 -18.28
CA PRO D 156 26.10 7.40 -18.68
C PRO D 156 25.09 6.76 -19.62
N GLY D 157 25.56 6.00 -20.60
CA GLY D 157 24.68 5.34 -21.54
C GLY D 157 23.77 4.34 -20.87
N VAL D 163 26.21 -4.19 -19.42
CA VAL D 163 27.01 -4.91 -20.41
C VAL D 163 27.12 -4.14 -21.73
N SER D 164 26.49 -2.97 -21.76
CA SER D 164 26.55 -2.10 -22.94
C SER D 164 27.51 -0.95 -22.67
N MSE D 165 28.45 -1.19 -21.76
CA MSE D 165 29.43 -0.17 -21.37
C MSE D 165 30.37 0.15 -22.54
O MSE D 165 30.62 -0.70 -23.39
CB MSE D 165 30.24 -0.64 -20.16
CG MSE D 165 31.11 -1.85 -20.44
SE MSE D 165 32.08 -2.36 -18.82
CE MSE D 165 30.56 -2.13 -17.58
N LYS D 166 30.86 1.38 -22.56
CA LYS D 166 31.63 1.87 -23.70
C LYS D 166 33.08 2.20 -23.39
N LEU D 167 33.46 2.15 -22.12
CA LEU D 167 34.85 2.37 -21.74
C LEU D 167 35.71 1.30 -22.43
N LYS D 168 36.65 1.73 -23.24
CA LYS D 168 37.44 0.74 -23.96
C LYS D 168 38.85 0.64 -23.41
N ALA D 169 39.36 -0.59 -23.35
CA ALA D 169 40.74 -0.84 -22.93
C ALA D 169 41.48 -1.51 -24.08
N ASP D 170 42.35 -0.76 -24.74
CA ASP D 170 43.09 -1.27 -25.89
C ASP D 170 44.47 -1.78 -25.53
N LYS D 171 44.74 -3.05 -25.84
CA LYS D 171 46.05 -3.63 -25.59
C LYS D 171 47.09 -3.01 -26.52
N ARG D 172 47.98 -2.19 -25.97
CA ARG D 172 49.11 -1.70 -26.75
C ARG D 172 50.41 -2.09 -26.05
N GLY D 173 50.90 -3.30 -26.31
CA GLY D 173 52.15 -3.76 -25.75
C GLY D 173 51.96 -4.42 -24.39
N ASP D 174 52.75 -3.98 -23.41
CA ASP D 174 52.60 -4.48 -22.04
C ASP D 174 51.61 -3.60 -21.27
N ARG D 175 50.79 -2.87 -22.00
CA ARG D 175 49.86 -1.91 -21.42
C ARG D 175 48.46 -2.00 -22.03
N TYR D 176 47.45 -1.84 -21.18
CA TYR D 176 46.10 -1.58 -21.65
C TYR D 176 45.82 -0.10 -21.55
N VAL D 177 45.32 0.50 -22.61
CA VAL D 177 45.05 1.93 -22.64
C VAL D 177 43.55 2.18 -22.52
N LEU D 178 43.17 2.83 -21.43
CA LEU D 178 41.77 3.07 -21.12
C LEU D 178 41.29 4.42 -21.65
N ASN D 179 40.21 4.40 -22.42
CA ASN D 179 39.55 5.61 -22.91
C ASN D 179 38.04 5.53 -22.76
N GLY D 180 37.49 6.55 -22.11
CA GLY D 180 36.06 6.63 -21.91
C GLY D 180 35.72 7.27 -20.58
N SER D 181 34.55 6.95 -20.04
CA SER D 181 34.13 7.54 -18.78
C SER D 181 33.28 6.57 -17.98
N LYS D 182 33.23 6.81 -16.67
CA LYS D 182 32.32 6.12 -15.77
C LYS D 182 31.53 7.18 -15.01
N MSE D 183 30.35 6.80 -14.52
CA MSE D 183 29.49 7.77 -13.86
C MSE D 183 28.99 7.28 -12.50
O MSE D 183 28.89 6.06 -12.26
CB MSE D 183 28.29 8.11 -14.74
CG MSE D 183 27.26 6.98 -14.85
SE MSE D 183 25.51 7.68 -15.35
CE MSE D 183 24.49 6.04 -15.52
N TRP D 184 28.67 8.24 -11.65
CA TRP D 184 28.08 7.99 -10.35
C TRP D 184 28.96 7.14 -9.48
N ILE D 185 30.22 7.47 -9.33
CA ILE D 185 31.13 6.61 -8.59
C ILE D 185 31.28 7.09 -7.14
N THR D 186 30.83 6.26 -6.20
CA THR D 186 30.98 6.57 -4.78
C THR D 186 32.46 6.56 -4.41
N ASN D 187 32.90 7.66 -3.77
CA ASN D 187 34.30 7.93 -3.44
C ASN D 187 35.13 8.33 -4.66
N GLY D 188 34.45 8.57 -5.79
CA GLY D 188 35.08 9.01 -7.02
C GLY D 188 36.20 10.04 -6.92
N PRO D 189 35.92 11.17 -6.25
CA PRO D 189 36.96 12.22 -6.20
C PRO D 189 38.15 11.89 -5.30
N ASP D 190 38.00 10.95 -4.38
CA ASP D 190 39.03 10.66 -3.39
C ASP D 190 39.75 9.33 -3.59
N ALA D 191 39.19 8.45 -4.41
CA ALA D 191 39.69 7.09 -4.50
C ALA D 191 41.13 7.01 -5.01
N ASP D 192 41.96 6.28 -4.27
CA ASP D 192 43.33 6.01 -4.68
C ASP D 192 43.41 4.74 -5.50
N VAL D 193 42.51 3.81 -5.22
CA VAL D 193 42.49 2.51 -5.89
C VAL D 193 41.08 2.23 -6.37
N LEU D 194 40.94 1.93 -7.65
CA LEU D 194 39.63 1.68 -8.23
C LEU D 194 39.55 0.37 -8.99
N VAL D 195 38.50 -0.41 -8.73
CA VAL D 195 38.19 -1.56 -9.58
C VAL D 195 37.35 -1.02 -10.70
N VAL D 196 37.79 -1.19 -11.94
CA VAL D 196 37.18 -0.51 -13.07
C VAL D 196 36.89 -1.50 -14.19
N TYR D 197 35.63 -1.60 -14.62
CA TYR D 197 35.31 -2.53 -15.71
C TYR D 197 35.38 -1.85 -17.06
N ALA D 198 35.97 -2.53 -18.04
CA ALA D 198 36.09 -1.96 -19.38
C ALA D 198 35.94 -3.02 -20.49
N LYS D 199 35.62 -2.58 -21.69
CA LYS D 199 35.51 -3.48 -22.84
C LYS D 199 36.84 -3.69 -23.55
N THR D 200 37.35 -4.91 -23.50
CA THR D 200 38.60 -5.25 -24.19
C THR D 200 38.35 -5.77 -25.60
N ASP D 201 37.09 -6.11 -25.89
CA ASP D 201 36.69 -6.60 -27.21
C ASP D 201 35.17 -6.72 -27.32
N PRO D 202 34.56 -5.94 -28.22
CA PRO D 202 33.13 -6.06 -28.50
C PRO D 202 32.84 -6.93 -29.72
N GLY D 208 34.10 -10.48 -23.45
CA GLY D 208 34.45 -9.14 -23.91
C GLY D 208 34.82 -8.11 -22.85
N ILE D 209 34.43 -8.35 -21.60
CA ILE D 209 34.67 -7.39 -20.52
C ILE D 209 35.81 -7.85 -19.60
N THR D 210 36.55 -6.87 -19.07
CA THR D 210 37.68 -7.13 -18.19
C THR D 210 37.67 -6.13 -17.05
N ALA D 211 38.01 -6.59 -15.85
CA ALA D 211 38.16 -5.72 -14.70
C ALA D 211 39.62 -5.35 -14.47
N PHE D 212 39.86 -4.11 -14.06
CA PHE D 212 41.20 -3.61 -13.85
C PHE D 212 41.38 -2.96 -12.49
N LEU D 213 42.60 -3.00 -11.97
CA LEU D 213 42.97 -2.19 -10.84
C LEU D 213 43.62 -0.92 -11.38
N VAL D 214 43.01 0.23 -11.08
CA VAL D 214 43.52 1.51 -11.55
C VAL D 214 43.96 2.38 -10.38
N GLU D 215 45.10 3.04 -10.54
CA GLU D 215 45.59 3.97 -9.54
C GLU D 215 45.25 5.41 -9.91
N LYS D 216 44.82 6.17 -8.91
CA LYS D 216 44.65 7.61 -9.03
C LYS D 216 45.87 8.24 -9.71
N ALA D 217 47.05 7.74 -9.37
CA ALA D 217 48.31 8.27 -9.90
C ALA D 217 48.58 7.92 -11.36
N PHE D 218 47.86 6.94 -11.92
CA PHE D 218 48.05 6.61 -13.33
C PHE D 218 47.70 7.83 -14.18
N PRO D 219 48.63 8.25 -15.05
CA PRO D 219 48.34 9.39 -15.92
C PRO D 219 47.14 9.10 -16.82
N GLY D 220 46.36 10.13 -17.12
CA GLY D 220 45.18 9.97 -17.96
C GLY D 220 43.92 9.67 -17.17
N PHE D 221 44.08 9.48 -15.85
CA PHE D 221 42.93 9.23 -14.99
C PHE D 221 42.52 10.51 -14.29
N SER D 222 41.26 10.89 -14.39
CA SER D 222 40.82 12.08 -13.68
C SER D 222 39.41 11.95 -13.15
N ALA D 223 39.18 12.52 -11.99
CA ALA D 223 37.87 12.46 -11.39
C ALA D 223 37.17 13.79 -11.66
N GLY D 224 35.85 13.76 -11.83
CA GLY D 224 35.10 14.98 -12.04
C GLY D 224 34.70 15.59 -10.70
N GLN D 225 34.06 16.75 -10.71
CA GLN D 225 33.64 17.35 -9.46
C GLN D 225 32.48 16.57 -8.83
N LYS D 226 32.38 16.66 -7.51
CA LYS D 226 31.37 15.90 -6.77
C LYS D 226 29.97 16.35 -7.17
N LEU D 227 29.04 15.39 -7.22
CA LEU D 227 27.64 15.67 -7.54
C LEU D 227 26.95 16.38 -6.40
N ASP D 228 25.84 17.04 -6.74
CA ASP D 228 24.99 17.75 -5.79
C ASP D 228 23.67 16.96 -5.67
N LYS D 229 23.61 16.07 -4.68
CA LYS D 229 22.54 15.07 -4.57
C LYS D 229 21.49 15.40 -3.51
N LEU D 230 20.30 14.83 -3.69
CA LEU D 230 19.19 14.99 -2.75
C LEU D 230 19.60 14.57 -1.34
N GLY D 231 20.26 13.43 -1.26
CA GLY D 231 20.74 12.92 0.03
C GLY D 231 22.04 12.21 -0.22
N MSE D 232 22.52 11.46 0.77
CA MSE D 232 23.86 10.89 0.73
C MSE D 232 24.89 11.98 0.43
O MSE D 232 25.89 11.78 -0.24
CB MSE D 232 23.93 9.77 -0.32
CG MSE D 232 23.00 8.60 0.03
SE MSE D 232 23.37 7.98 1.87
CE MSE D 232 22.65 6.17 1.65
N ARG D 233 24.60 13.18 0.97
CA ARG D 233 25.42 14.34 0.67
C ARG D 233 26.84 14.26 1.26
N GLY D 234 27.01 13.61 2.39
CA GLY D 234 28.40 13.41 2.83
C GLY D 234 29.19 12.34 2.06
N SER D 235 28.60 11.78 1.02
CA SER D 235 29.24 10.71 0.29
C SER D 235 29.66 11.21 -1.08
N ASN D 236 30.97 11.29 -1.31
CA ASN D 236 31.50 11.97 -2.49
C ASN D 236 31.38 11.15 -3.76
N THR D 237 30.43 11.55 -4.60
CA THR D 237 30.16 10.83 -5.82
C THR D 237 30.62 11.68 -6.98
N SER D 238 31.27 11.06 -7.96
CA SER D 238 31.63 11.78 -9.18
C SER D 238 31.63 10.90 -10.43
N GLU D 239 31.79 11.54 -11.59
CA GLU D 239 32.15 10.81 -12.79
C GLU D 239 33.66 10.56 -12.79
N LEU D 240 34.09 9.63 -13.62
CA LEU D 240 35.50 9.43 -13.87
C LEU D 240 35.73 9.56 -15.37
N ILE D 241 36.92 10.04 -15.72
CA ILE D 241 37.30 10.21 -17.11
C ILE D 241 38.67 9.58 -17.34
N PHE D 242 38.75 8.74 -18.36
CA PHE D 242 39.98 8.07 -18.74
C PHE D 242 40.35 8.55 -20.15
N THR D 243 41.48 9.23 -20.26
CA THR D 243 41.97 9.64 -21.57
C THR D 243 43.38 9.09 -21.74
N ASP D 244 43.48 8.03 -22.53
CA ASP D 244 44.75 7.33 -22.73
C ASP D 244 45.39 6.93 -21.39
N CYS D 245 44.59 6.35 -20.52
CA CYS D 245 45.07 5.93 -19.20
C CYS D 245 45.72 4.57 -19.28
N GLU D 246 47.02 4.52 -19.03
CA GLU D 246 47.76 3.27 -19.12
C GLU D 246 47.68 2.44 -17.84
N VAL D 247 47.21 1.21 -18.00
CA VAL D 247 47.13 0.25 -16.91
C VAL D 247 48.03 -0.93 -17.27
N PRO D 248 48.98 -1.27 -16.40
CA PRO D 248 49.86 -2.41 -16.71
C PRO D 248 49.08 -3.71 -16.73
N GLU D 249 49.60 -4.73 -17.40
CA GLU D 249 48.83 -5.96 -17.57
C GLU D 249 48.73 -6.77 -16.28
N GLU D 250 49.65 -6.52 -15.35
CA GLU D 250 49.57 -7.19 -14.06
C GLU D 250 48.47 -6.60 -13.17
N ASN D 251 47.76 -5.59 -13.70
CA ASN D 251 46.62 -5.00 -13.00
C ASN D 251 45.26 -5.46 -13.52
N VAL D 252 45.28 -6.47 -14.39
CA VAL D 252 44.05 -7.13 -14.81
C VAL D 252 43.51 -7.91 -13.62
N LEU D 253 42.23 -7.73 -13.32
CA LEU D 253 41.62 -8.39 -12.17
C LEU D 253 40.69 -9.52 -12.58
N GLY D 254 41.14 -10.75 -12.38
CA GLY D 254 40.28 -11.90 -12.60
C GLY D 254 40.39 -12.56 -13.97
N GLY D 255 41.21 -11.97 -14.84
CA GLY D 255 41.45 -12.56 -16.14
C GLY D 255 40.79 -11.83 -17.29
N VAL D 256 41.55 -11.63 -18.36
CA VAL D 256 41.03 -10.94 -19.55
C VAL D 256 39.76 -11.58 -20.12
N GLY D 257 38.73 -10.77 -20.31
CA GLY D 257 37.48 -11.27 -20.87
C GLY D 257 36.59 -11.94 -19.83
N GLU D 258 37.02 -11.95 -18.58
CA GLU D 258 36.27 -12.61 -17.51
C GLU D 258 35.68 -11.61 -16.52
N GLY D 259 35.63 -10.34 -16.93
CA GLY D 259 35.14 -9.28 -16.08
C GLY D 259 33.71 -9.50 -15.64
N VAL D 260 32.91 -10.16 -16.47
CA VAL D 260 31.48 -10.32 -16.17
C VAL D 260 31.23 -11.36 -15.07
N LYS D 261 32.06 -12.39 -15.01
CA LYS D 261 32.04 -13.32 -13.88
C LYS D 261 32.44 -12.60 -12.59
N VAL D 262 33.55 -11.85 -12.66
CA VAL D 262 34.03 -11.03 -11.56
C VAL D 262 32.99 -10.05 -11.03
N LEU D 263 32.26 -9.41 -11.93
CA LEU D 263 31.24 -8.43 -11.60
C LEU D 263 30.04 -9.13 -10.94
N MSE D 264 29.53 -10.13 -11.65
CA MSE D 264 28.34 -10.86 -11.22
C MSE D 264 28.56 -11.33 -9.79
O MSE D 264 27.74 -11.06 -8.91
CB MSE D 264 28.10 -12.07 -12.10
CG MSE D 264 26.63 -12.36 -12.26
SE MSE D 264 25.86 -11.03 -13.44
CE MSE D 264 26.35 -11.94 -15.10
N SER D 265 29.68 -12.01 -9.58
CA SER D 265 30.10 -12.30 -8.23
C SER D 265 30.24 -10.99 -7.46
N GLY D 266 29.52 -10.89 -6.35
CA GLY D 266 29.70 -9.72 -5.51
C GLY D 266 28.92 -8.51 -5.98
N LEU D 267 28.23 -8.62 -7.10
CA LEU D 267 27.00 -7.85 -7.18
C LEU D 267 26.15 -8.43 -6.04
N ASP D 268 26.19 -9.75 -5.90
CA ASP D 268 25.48 -10.44 -4.83
C ASP D 268 25.89 -9.97 -3.43
N TYR D 269 27.16 -10.19 -3.09
CA TYR D 269 27.71 -9.78 -1.81
C TYR D 269 27.53 -8.28 -1.60
N GLU D 270 27.71 -7.50 -2.67
CA GLU D 270 27.39 -6.09 -2.58
C GLU D 270 25.95 -5.87 -2.11
N ARG D 271 25.02 -6.64 -2.67
CA ARG D 271 23.61 -6.40 -2.38
C ARG D 271 23.33 -6.72 -0.92
N VAL D 272 23.92 -7.81 -0.46
CA VAL D 272 23.75 -8.20 0.91
C VAL D 272 24.28 -7.12 1.85
N VAL D 273 25.54 -6.73 1.66
CA VAL D 273 26.13 -5.77 2.54
C VAL D 273 25.46 -4.40 2.46
N LEU D 274 25.11 -3.97 1.25
CA LEU D 274 24.51 -2.67 1.07
C LEU D 274 23.11 -2.62 1.70
N SER D 275 22.40 -3.74 1.69
CA SER D 275 21.06 -3.76 2.27
C SER D 275 21.08 -3.37 3.76
N ALA D 276 22.25 -3.44 4.39
CA ALA D 276 22.37 -2.97 5.78
C ALA D 276 22.42 -1.44 5.89
N GLY D 277 22.54 -0.75 4.77
CA GLY D 277 22.38 0.70 4.75
C GLY D 277 20.98 1.11 5.18
N PRO D 278 19.97 0.66 4.42
CA PRO D 278 18.55 0.83 4.79
C PRO D 278 18.25 0.33 6.22
N LEU D 279 18.84 -0.78 6.63
CA LEU D 279 18.72 -1.23 8.02
C LEU D 279 19.17 -0.14 9.03
N GLY D 280 20.35 0.44 8.81
CA GLY D 280 20.84 1.49 9.70
C GLY D 280 19.89 2.67 9.74
N ILE D 281 19.41 3.07 8.56
CA ILE D 281 18.47 4.18 8.46
C ILE D 281 17.19 3.91 9.25
N MSE D 282 16.63 2.71 9.08
CA MSE D 282 15.43 2.33 9.81
C MSE D 282 15.66 2.40 11.31
O MSE D 282 14.82 2.88 12.05
CB MSE D 282 14.98 0.92 9.42
CG MSE D 282 14.34 0.85 8.04
SE MSE D 282 13.69 -0.94 7.63
CE MSE D 282 15.16 -1.55 6.48
N ALA D 283 16.80 1.87 11.75
CA ALA D 283 17.15 1.96 13.16
C ALA D 283 17.16 3.43 13.58
N ALA D 284 17.69 4.29 12.71
CA ALA D 284 17.77 5.71 13.00
C ALA D 284 16.37 6.33 13.09
N CYS D 285 15.44 5.87 12.27
CA CYS D 285 14.07 6.39 12.31
C CYS D 285 13.45 6.14 13.69
N LEU D 286 13.60 4.92 14.18
CA LEU D 286 13.08 4.59 15.50
C LEU D 286 13.85 5.38 16.57
N ASP D 287 15.15 5.57 16.35
CA ASP D 287 15.95 6.37 17.27
C ASP D 287 15.36 7.77 17.45
N VAL D 288 14.89 8.40 16.37
CA VAL D 288 14.26 9.71 16.55
C VAL D 288 12.79 9.65 16.99
N VAL D 289 12.01 8.71 16.47
CA VAL D 289 10.58 8.71 16.74
C VAL D 289 10.20 8.35 18.17
N VAL D 290 10.78 7.27 18.70
CA VAL D 290 10.36 6.76 20.00
C VAL D 290 10.43 7.80 21.15
N PRO D 291 11.57 8.51 21.27
CA PRO D 291 11.60 9.48 22.37
C PRO D 291 10.56 10.58 22.21
N TYR D 292 10.41 11.07 20.99
CA TYR D 292 9.48 12.13 20.69
C TYR D 292 8.04 11.74 21.05
N LEU D 293 7.72 10.46 20.92
CA LEU D 293 6.36 10.02 21.19
C LEU D 293 6.01 10.06 22.68
N HIS D 294 7.02 10.25 23.52
CA HIS D 294 6.75 10.39 24.94
C HIS D 294 6.66 11.85 25.30
N GLU D 295 7.55 12.64 24.72
CA GLU D 295 7.71 14.03 25.11
C GLU D 295 6.59 14.92 24.58
N ARG D 296 6.21 14.72 23.33
CA ARG D 296 5.14 15.51 22.74
C ARG D 296 3.78 15.17 23.37
N LYS D 297 3.05 16.19 23.78
CA LYS D 297 1.72 16.01 24.37
C LYS D 297 0.66 16.89 23.70
N GLN D 298 -0.42 16.26 23.25
CA GLN D 298 -1.56 16.99 22.67
C GLN D 298 -2.85 16.38 23.22
N PHE D 299 -3.84 17.24 23.47
CA PHE D 299 -5.14 16.83 24.03
C PHE D 299 -5.00 16.20 25.43
N GLY D 300 -3.96 16.59 26.16
CA GLY D 300 -3.78 16.15 27.53
C GLY D 300 -3.00 14.84 27.71
N GLN D 301 -2.46 14.31 26.61
CA GLN D 301 -1.75 13.03 26.66
C GLN D 301 -0.53 13.04 25.74
N PRO D 302 0.51 12.26 26.10
CA PRO D 302 1.58 12.00 25.14
C PRO D 302 0.97 11.42 23.87
N ILE D 303 1.41 11.90 22.70
CA ILE D 303 0.82 11.48 21.43
C ILE D 303 0.91 9.97 21.19
N GLY D 304 1.84 9.33 21.87
CA GLY D 304 2.00 7.89 21.78
C GLY D 304 0.82 7.11 22.32
N GLU D 305 -0.08 7.76 23.05
CA GLU D 305 -1.27 7.09 23.55
C GLU D 305 -2.42 7.09 22.54
N PHE D 306 -2.28 7.87 21.46
CA PHE D 306 -3.29 7.88 20.41
C PHE D 306 -3.22 6.63 19.52
N GLN D 307 -4.38 6.03 19.32
CA GLN D 307 -4.50 4.72 18.69
C GLN D 307 -3.86 4.66 17.29
N LEU D 308 -4.06 5.69 16.47
CA LEU D 308 -3.41 5.71 15.14
C LEU D 308 -1.88 5.79 15.25
N MSE D 309 -1.42 6.51 16.25
CA MSE D 309 0.01 6.62 16.54
C MSE D 309 0.61 5.28 16.97
O MSE D 309 1.65 4.88 16.47
CB MSE D 309 0.27 7.67 17.62
CG MSE D 309 0.09 9.08 17.14
SE MSE D 309 0.93 9.40 15.40
CE MSE D 309 2.77 8.88 15.82
N GLN D 310 -0.06 4.60 17.90
CA GLN D 310 0.34 3.25 18.28
C GLN D 310 0.38 2.31 17.05
N GLY D 311 -0.63 2.42 16.17
CA GLY D 311 -0.66 1.66 14.95
C GLY D 311 0.58 1.86 14.12
N LYS D 312 0.88 3.14 13.88
CA LYS D 312 2.03 3.54 13.08
C LYS D 312 3.35 3.02 13.69
N LEU D 313 3.49 3.18 14.99
CA LEU D 313 4.73 2.79 15.67
C LEU D 313 4.89 1.27 15.60
N ALA D 314 3.76 0.57 15.72
CA ALA D 314 3.73 -0.89 15.59
C ALA D 314 4.24 -1.30 14.23
N ASP D 315 3.71 -0.66 13.18
CA ASP D 315 4.14 -0.99 11.80
C ASP D 315 5.62 -0.74 11.55
N MSE D 316 6.13 0.38 12.08
CA MSE D 316 7.57 0.63 12.07
C MSE D 316 8.39 -0.47 12.74
O MSE D 316 9.39 -0.94 12.17
CB MSE D 316 7.88 1.96 12.76
CG MSE D 316 7.43 3.18 11.97
SE MSE D 316 7.90 4.82 12.94
CE MSE D 316 9.85 4.74 12.78
N TYR D 317 8.00 -0.83 13.95
CA TYR D 317 8.75 -1.83 14.73
C TYR D 317 8.80 -3.19 14.02
N VAL D 318 7.63 -3.60 13.54
CA VAL D 318 7.50 -4.87 12.86
C VAL D 318 8.34 -4.87 11.59
N THR D 319 8.26 -3.78 10.83
CA THR D 319 9.04 -3.65 9.60
C THR D 319 10.55 -3.74 9.85
N MSE D 320 11.00 -3.02 10.87
CA MSE D 320 12.39 -3.07 11.32
C MSE D 320 12.83 -4.52 11.59
O MSE D 320 13.87 -4.98 11.09
CB MSE D 320 12.53 -2.24 12.59
CG MSE D 320 13.89 -2.31 13.28
SE MSE D 320 15.20 -1.05 12.51
CE MSE D 320 15.84 -2.15 11.03
N ASN D 321 12.04 -5.24 12.37
CA ASN D 321 12.42 -6.61 12.74
C ASN D 321 12.40 -7.61 11.56
N ALA D 322 11.40 -7.47 10.70
CA ALA D 322 11.28 -8.35 9.54
C ALA D 322 12.45 -8.15 8.58
N ALA D 323 12.76 -6.88 8.31
CA ALA D 323 13.88 -6.52 7.46
C ALA D 323 15.20 -7.05 8.01
N ARG D 324 15.45 -6.81 9.29
CA ARG D 324 16.67 -7.37 9.91
C ARG D 324 16.74 -8.88 9.76
N ALA D 325 15.64 -9.57 10.10
CA ALA D 325 15.56 -11.01 10.00
C ALA D 325 15.97 -11.50 8.61
N TYR D 326 15.44 -10.83 7.60
CA TYR D 326 15.66 -11.24 6.22
C TYR D 326 17.12 -11.00 5.76
N VAL D 327 17.61 -9.77 5.96
CA VAL D 327 19.02 -9.46 5.66
C VAL D 327 20.02 -10.39 6.42
N TYR D 328 19.80 -10.60 7.70
CA TYR D 328 20.71 -11.47 8.45
C TYR D 328 20.67 -12.91 7.96
N ALA D 329 19.47 -13.36 7.57
CA ALA D 329 19.36 -14.72 7.03
C ALA D 329 20.09 -14.84 5.69
N VAL D 330 20.00 -13.82 4.84
CA VAL D 330 20.68 -13.87 3.55
C VAL D 330 22.20 -13.84 3.77
N ALA D 331 22.66 -12.97 4.67
CA ALA D 331 24.08 -12.81 4.95
C ALA D 331 24.66 -14.10 5.51
N ALA D 332 23.90 -14.72 6.40
CA ALA D 332 24.34 -16.00 6.96
C ALA D 332 24.34 -17.05 5.87
N ALA D 333 23.41 -16.96 4.91
CA ALA D 333 23.45 -17.95 3.84
C ALA D 333 24.73 -17.78 3.01
N CYS D 334 25.06 -16.54 2.68
CA CYS D 334 26.33 -16.24 2.00
C CYS D 334 27.56 -16.74 2.76
N ASP D 335 27.59 -16.55 4.07
CA ASP D 335 28.71 -17.01 4.89
C ASP D 335 28.86 -18.54 4.90
N ARG D 336 27.76 -19.25 4.72
CA ARG D 336 27.81 -20.72 4.59
C ARG D 336 28.23 -21.12 3.17
N GLY D 337 28.52 -20.13 2.33
CA GLY D 337 28.89 -20.39 0.96
C GLY D 337 27.77 -20.88 0.07
N GLU D 338 26.53 -20.56 0.43
CA GLU D 338 25.39 -20.90 -0.41
C GLU D 338 25.18 -19.84 -1.46
N THR D 339 24.64 -20.25 -2.61
CA THR D 339 24.28 -19.30 -3.65
C THR D 339 23.04 -18.53 -3.20
N ALA D 340 22.98 -17.25 -3.52
CA ALA D 340 21.83 -16.44 -3.10
C ALA D 340 21.53 -15.26 -4.03
N ARG D 341 21.64 -15.48 -5.33
CA ARG D 341 21.38 -14.41 -6.30
C ARG D 341 20.02 -13.70 -6.06
N LYS D 342 18.96 -14.51 -6.04
CA LYS D 342 17.58 -14.04 -5.89
C LYS D 342 17.37 -13.43 -4.52
N ASP D 343 17.96 -14.05 -3.52
CA ASP D 343 17.71 -13.62 -2.16
C ASP D 343 18.52 -12.37 -1.78
N ALA D 344 19.71 -12.20 -2.36
CA ALA D 344 20.49 -10.97 -2.17
C ALA D 344 19.78 -9.79 -2.85
N ALA D 345 19.37 -10.03 -4.10
CA ALA D 345 18.59 -8.99 -4.77
C ALA D 345 17.30 -8.71 -3.99
N GLY D 346 16.68 -9.76 -3.48
CA GLY D 346 15.45 -9.63 -2.72
C GLY D 346 15.60 -8.83 -1.45
N CYS D 347 16.66 -9.08 -0.68
CA CYS D 347 16.78 -8.40 0.60
C CYS D 347 17.14 -6.94 0.42
N ILE D 348 17.91 -6.61 -0.63
CA ILE D 348 18.07 -5.16 -0.83
C ILE D 348 16.81 -4.47 -1.40
N LEU D 349 16.08 -5.19 -2.25
CA LEU D 349 14.82 -4.66 -2.79
C LEU D 349 13.91 -4.27 -1.62
N TYR D 350 13.69 -5.27 -0.79
CA TYR D 350 12.84 -5.18 0.37
C TYR D 350 13.30 -4.06 1.31
N ALA D 351 14.53 -4.16 1.78
CA ALA D 351 15.00 -3.24 2.82
C ALA D 351 15.04 -1.79 2.31
N ALA D 352 15.40 -1.58 1.04
CA ALA D 352 15.44 -0.20 0.52
C ALA D 352 14.06 0.47 0.49
N GLU D 353 13.07 -0.30 0.03
CA GLU D 353 11.71 0.26 -0.02
C GLU D 353 11.14 0.52 1.37
N LYS D 354 11.42 -0.42 2.28
CA LYS D 354 10.96 -0.25 3.66
C LYS D 354 11.61 0.97 4.35
N ALA D 355 12.90 1.18 4.14
CA ALA D 355 13.57 2.29 4.80
C ALA D 355 12.99 3.62 4.35
N THR D 356 12.78 3.76 3.04
CA THR D 356 12.15 5.00 2.58
C THR D 356 10.75 5.22 3.19
N ALA D 357 9.93 4.15 3.22
CA ALA D 357 8.59 4.30 3.77
C ALA D 357 8.63 4.68 5.27
N MSE D 358 9.59 4.10 5.97
CA MSE D 358 9.72 4.36 7.39
C MSE D 358 10.22 5.78 7.68
O MSE D 358 9.82 6.38 8.67
CB MSE D 358 10.63 3.33 8.07
CG MSE D 358 10.56 3.40 9.59
SE MSE D 358 11.55 1.97 10.48
CE MSE D 358 11.00 0.55 9.29
N ALA D 359 11.09 6.30 6.83
CA ALA D 359 11.54 7.68 7.03
C ALA D 359 10.39 8.66 6.86
N LEU D 360 9.55 8.38 5.85
CA LEU D 360 8.31 9.14 5.68
C LEU D 360 7.43 9.12 6.95
N GLU D 361 7.21 7.92 7.50
CA GLU D 361 6.42 7.85 8.74
C GLU D 361 7.11 8.58 9.89
N ALA D 362 8.43 8.63 9.88
CA ALA D 362 9.18 9.28 10.94
C ALA D 362 8.90 10.78 10.95
N ILE D 363 8.95 11.36 9.75
CA ILE D 363 8.57 12.75 9.58
C ILE D 363 7.13 12.97 10.03
N GLN D 364 6.24 12.07 9.62
CA GLN D 364 4.83 12.11 10.02
C GLN D 364 4.65 12.15 11.53
N ALA D 365 5.37 11.28 12.23
CA ALA D 365 5.21 11.12 13.66
C ALA D 365 5.70 12.37 14.39
N LEU D 366 6.71 13.03 13.83
CA LEU D 366 7.20 14.27 14.48
C LEU D 366 6.40 15.55 14.19
N GLY D 367 5.54 15.52 13.19
CA GLY D 367 4.76 16.69 12.84
C GLY D 367 5.61 17.82 12.25
N GLY D 368 5.22 19.06 12.55
CA GLY D 368 5.95 20.22 12.09
C GLY D 368 7.44 20.11 12.33
N ASN D 369 7.82 19.73 13.54
CA ASN D 369 9.24 19.51 13.86
C ASN D 369 9.93 18.52 12.93
N GLY D 370 9.24 17.43 12.58
CA GLY D 370 9.78 16.49 11.63
C GLY D 370 10.06 17.12 10.29
N TYR D 371 9.36 18.22 10.00
CA TYR D 371 9.54 18.90 8.71
C TYR D 371 10.67 19.94 8.73
N THR D 372 11.32 20.13 9.89
CA THR D 372 12.45 21.06 9.97
C THR D 372 13.80 20.35 9.91
N ASN D 373 14.81 21.09 9.50
CA ASN D 373 16.15 20.56 9.37
C ASN D 373 16.86 20.53 10.72
N ASP D 374 16.17 21.07 11.72
CA ASP D 374 16.58 20.95 13.13
C ASP D 374 16.59 19.49 13.60
N TYR D 375 15.70 18.68 13.04
CA TYR D 375 15.65 17.26 13.36
C TYR D 375 16.21 16.50 12.14
N PRO D 376 16.70 15.26 12.35
CA PRO D 376 17.31 14.44 11.29
C PRO D 376 16.34 13.70 10.35
N ALA D 377 15.03 13.68 10.64
CA ALA D 377 14.09 12.88 9.85
C ALA D 377 14.13 13.18 8.35
N GLY D 378 14.15 14.46 7.99
CA GLY D 378 14.21 14.84 6.59
C GLY D 378 15.44 14.26 5.91
N ARG D 379 16.57 14.34 6.60
CA ARG D 379 17.82 13.78 6.08
C ARG D 379 17.70 12.26 5.89
N LEU D 380 16.98 11.60 6.79
CA LEU D 380 16.86 10.15 6.70
C LEU D 380 16.06 9.78 5.47
N LEU D 381 14.98 10.52 5.22
CA LEU D 381 14.22 10.30 3.99
C LEU D 381 15.08 10.52 2.71
N ARG D 382 15.78 11.66 2.70
CA ARG D 382 16.62 12.00 1.57
C ARG D 382 17.67 10.92 1.31
N ASP D 383 18.35 10.49 2.37
CA ASP D 383 19.34 9.41 2.28
C ASP D 383 18.75 8.09 1.83
N ALA D 384 17.60 7.71 2.41
CA ALA D 384 17.02 6.39 2.16
C ALA D 384 16.68 6.22 0.69
N LYS D 385 16.09 7.25 0.08
CA LYS D 385 15.72 7.11 -1.34
C LYS D 385 16.86 6.61 -2.24
N LEU D 386 18.10 6.98 -1.93
CA LEU D 386 19.27 6.53 -2.72
C LEU D 386 19.30 5.00 -3.00
N TYR D 387 19.00 4.19 -1.97
CA TYR D 387 19.08 2.74 -2.13
C TYR D 387 18.05 2.09 -3.07
N GLU D 388 17.01 2.82 -3.45
CA GLU D 388 16.05 2.29 -4.42
C GLU D 388 16.47 2.63 -5.85
N ILE D 389 17.51 3.42 -5.97
CA ILE D 389 17.78 4.10 -7.21
C ILE D 389 19.28 4.07 -7.54
N GLY D 390 20.08 3.88 -6.49
CA GLY D 390 21.53 3.78 -6.63
C GLY D 390 21.97 2.38 -6.29
N ALA D 391 23.11 1.97 -6.81
CA ALA D 391 23.59 0.61 -6.66
C ALA D 391 22.48 -0.34 -7.07
N GLY D 392 22.05 -0.21 -8.32
CA GLY D 392 20.89 -0.94 -8.81
C GLY D 392 19.63 -0.14 -8.56
N THR D 393 18.52 -0.66 -9.08
CA THR D 393 17.20 -0.05 -8.89
C THR D 393 16.22 -1.14 -8.53
N SER D 394 15.13 -0.76 -7.86
CA SER D 394 14.09 -1.70 -7.50
C SER D 394 13.57 -2.46 -8.71
N GLU D 395 13.47 -1.76 -9.85
CA GLU D 395 12.92 -2.36 -11.06
C GLU D 395 13.85 -3.43 -11.60
N ILE D 396 15.15 -3.14 -11.60
CA ILE D 396 16.16 -4.10 -12.01
C ILE D 396 16.17 -5.33 -11.09
N ARG D 397 16.11 -5.10 -9.79
CA ARG D 397 16.04 -6.19 -8.80
C ARG D 397 14.80 -7.08 -9.00
N ARG D 398 13.65 -6.48 -9.26
CA ARG D 398 12.43 -7.26 -9.52
C ARG D 398 12.56 -8.08 -10.80
N MSE D 399 13.04 -7.47 -11.86
CA MSE D 399 13.24 -8.22 -13.10
C MSE D 399 14.23 -9.36 -12.96
O MSE D 399 14.04 -10.42 -13.52
CB MSE D 399 13.67 -7.30 -14.25
CG MSE D 399 12.57 -6.38 -14.70
SE MSE D 399 10.94 -7.40 -15.07
CE MSE D 399 10.05 -7.29 -13.35
N LEU D 400 15.30 -9.12 -12.20
CA LEU D 400 16.33 -10.12 -12.01
C LEU D 400 15.75 -11.31 -11.27
N ILE D 401 15.05 -11.03 -10.19
CA ILE D 401 14.46 -12.10 -9.39
C ILE D 401 13.42 -12.84 -10.21
N GLY D 402 12.58 -12.07 -10.89
CA GLY D 402 11.48 -12.62 -11.66
C GLY D 402 11.93 -13.43 -12.85
N ARG D 403 13.07 -13.07 -13.43
CA ARG D 403 13.60 -13.81 -14.57
C ARG D 403 14.28 -15.09 -14.10
N GLU D 404 15.00 -15.01 -12.99
CA GLU D 404 15.76 -16.15 -12.51
C GLU D 404 14.83 -17.21 -11.93
N LEU D 405 13.88 -16.77 -11.11
CA LEU D 405 12.71 -17.59 -10.89
C LEU D 405 12.20 -17.59 -12.27
N PHE D 406 11.89 -18.72 -12.86
CA PHE D 406 11.24 -18.62 -14.14
C PHE D 406 9.79 -18.34 -13.79
N ALA D 407 9.00 -17.59 -14.57
CA ALA D 407 9.15 -17.25 -16.00
C ALA D 407 8.87 -18.43 -16.92
PA FAD E . -4.52 -14.48 -19.15
O1A FAD E . -4.34 -13.55 -20.33
O2A FAD E . -4.20 -15.95 -19.26
O5B FAD E . -3.69 -13.87 -17.91
C5B FAD E . -2.59 -14.55 -17.29
C4B FAD E . -1.83 -13.52 -16.46
O4B FAD E . -0.76 -12.99 -17.24
C3B FAD E . -2.74 -12.35 -16.09
O3B FAD E . -2.53 -11.98 -14.73
C2B FAD E . -2.32 -11.21 -16.99
O2B FAD E . -2.42 -9.98 -16.26
C1B FAD E . -0.88 -11.57 -17.38
N9A FAD E . -0.49 -11.17 -18.75
C8A FAD E . -1.02 -11.64 -19.89
N7A FAD E . -0.43 -11.08 -20.97
C5A FAD E . 0.51 -10.22 -20.52
C6A FAD E . 1.48 -9.29 -21.14
N6A FAD E . 1.58 -9.17 -22.48
N1A FAD E . 2.28 -8.57 -20.30
C2A FAD E . 2.20 -8.67 -18.97
N3A FAD E . 1.33 -9.50 -18.35
C4A FAD E . 0.47 -10.28 -19.06
N1 FAD E . -14.75 -11.98 -22.84
C2 FAD E . -15.60 -11.64 -23.85
O2 FAD E . -15.13 -11.58 -25.00
N3 FAD E . -16.90 -11.37 -23.67
C4 FAD E . -17.47 -11.43 -22.46
O4 FAD E . -18.68 -11.18 -22.27
C4X FAD E . -16.62 -11.78 -21.31
N5 FAD E . -17.15 -11.85 -20.09
C5X FAD E . -16.37 -12.18 -19.04
C6 FAD E . -16.95 -12.24 -17.79
C7 FAD E . -16.20 -12.58 -16.68
C7M FAD E . -16.95 -12.63 -15.39
C8 FAD E . -14.74 -12.88 -16.84
C8M FAD E . -13.78 -13.24 -15.75
C9 FAD E . -14.19 -12.82 -18.10
C9A FAD E . -14.92 -12.48 -19.22
N10 FAD E . -14.32 -12.42 -20.50
C10 FAD E . -15.18 -12.07 -21.57
C1' FAD E . -12.89 -12.71 -20.73
C2' FAD E . -11.88 -11.89 -19.90
O2' FAD E . -11.65 -10.60 -20.48
C3' FAD E . -10.57 -12.66 -19.72
O3' FAD E . -10.70 -13.71 -18.73
C4' FAD E . -9.49 -11.69 -19.29
O4' FAD E . -9.26 -10.74 -20.33
C5' FAD E . -8.21 -12.47 -18.94
O5' FAD E . -8.05 -13.56 -19.85
P FAD E . -7.28 -14.90 -19.40
O1P FAD E . -6.77 -15.61 -20.63
O2P FAD E . -8.14 -15.65 -18.40
O3P FAD E . -6.02 -14.31 -18.59
C TRS F . -26.54 -6.99 -0.36
C1 TRS F . -26.55 -5.70 0.43
C2 TRS F . -26.86 -8.13 0.61
C3 TRS F . -25.21 -7.15 -1.06
N TRS F . -27.61 -6.98 -1.36
O1 TRS F . -25.25 -5.38 0.90
O2 TRS F . -27.91 -7.67 1.43
O3 TRS F . -25.12 -6.38 -2.23
PA FAD G . 1.63 17.63 16.54
O1A FAD G . 0.24 18.13 16.87
O2A FAD G . 2.73 17.72 17.59
O5B FAD G . 1.51 16.11 16.02
C5B FAD G . 2.51 15.13 16.27
C4B FAD G . 1.95 13.78 15.79
O4B FAD G . 0.93 13.33 16.69
C3B FAD G . 1.30 13.91 14.41
O3B FAD G . 1.70 12.82 13.59
C2B FAD G . -0.18 13.78 14.66
O2B FAD G . -0.82 13.09 13.58
C1B FAD G . -0.24 12.97 15.95
N9A FAD G . -1.48 13.27 16.69
C8A FAD G . -1.75 14.41 17.36
N7A FAD G . -2.98 14.35 17.92
C5A FAD G . -3.51 13.16 17.61
C6A FAD G . -4.78 12.45 17.88
N6A FAD G . -5.74 13.04 18.63
N1A FAD G . -4.94 11.21 17.36
C2A FAD G . -3.99 10.61 16.62
N3A FAD G . -2.81 11.20 16.34
C4A FAD G . -2.52 12.45 16.79
N1 FAD G . -0.63 27.05 11.27
C2 FAD G . -1.40 28.17 11.14
O2 FAD G . -2.24 28.41 12.04
N3 FAD G . -1.28 29.02 10.10
C4 FAD G . -0.40 28.83 9.10
O4 FAD G . -0.28 29.63 8.13
C4X FAD G . 0.46 27.63 9.16
N5 FAD G . 1.37 27.38 8.21
C5X FAD G . 2.15 26.29 8.30
C6 FAD G . 3.09 26.07 7.30
C7 FAD G . 3.91 24.96 7.34
C7M FAD G . 4.89 24.80 6.22
C8 FAD G . 3.80 24.00 8.49
C8M FAD G . 4.66 22.78 8.61
C9 FAD G . 2.87 24.24 9.49
C9A FAD G . 2.05 25.33 9.44
N10 FAD G . 1.10 25.58 10.46
C10 FAD G . 0.29 26.74 10.34
C1' FAD G . 0.95 24.67 11.61
C2' FAD G . 0.18 23.38 11.29
O2' FAD G . -1.24 23.60 11.33
C3' FAD G . 0.57 22.33 12.32
O3' FAD G . 1.88 21.87 12.01
C4' FAD G . -0.43 21.18 12.39
O4' FAD G . -1.77 21.69 12.52
C5' FAD G . -0.15 20.32 13.61
O5' FAD G . 1.23 19.97 13.61
P FAD G . 2.06 19.96 14.99
O1P FAD G . 3.45 20.49 14.69
O2P FAD G . 1.20 20.56 16.08
O3P FAD G . 2.12 18.37 15.19
C TRS H . 0.81 6.67 -6.76
C1 TRS H . 2.09 5.98 -6.31
C2 TRS H . -0.40 5.93 -6.17
C3 TRS H . 0.81 6.74 -8.28
N TRS H . 0.76 8.05 -6.25
O1 TRS H . 2.30 4.88 -7.16
O2 TRS H . -0.16 5.75 -4.78
O3 TRS H . 2.01 7.38 -8.68
PA FAD I . -15.15 -7.95 17.19
O1A FAD I . -14.29 -8.14 18.43
O2A FAD I . -16.54 -7.38 17.36
O5B FAD I . -14.35 -7.07 16.10
C5B FAD I . -15.03 -6.21 15.20
C4B FAD I . -14.05 -5.18 14.66
O4B FAD I . -13.80 -4.18 15.66
C3B FAD I . -12.70 -5.78 14.31
O3B FAD I . -12.27 -5.20 13.08
C2B FAD I . -11.76 -5.29 15.39
O2B FAD I . -10.44 -5.11 14.88
C1B FAD I . -12.39 -3.98 15.80
N9A FAD I . -12.05 -3.61 17.19
C8A FAD I . -12.46 -4.28 18.29
N7A FAD I . -11.99 -3.70 19.42
C5A FAD I . -11.24 -2.63 19.04
C6A FAD I . -10.46 -1.59 19.73
N6A FAD I . -10.39 -1.59 21.08
N1A FAD I . -9.83 -0.65 18.97
C2A FAD I . -9.91 -0.67 17.62
N3A FAD I . -10.61 -1.59 16.93
C4A FAD I . -11.29 -2.58 17.57
N1 FAD I . -11.77 -18.21 19.80
C2 FAD I . -11.29 -19.06 20.74
O2 FAD I . -11.27 -18.69 21.93
N3 FAD I . -10.83 -20.29 20.44
C4 FAD I . -10.82 -20.77 19.19
O4 FAD I . -10.39 -21.91 18.94
C4X FAD I . -11.30 -19.89 18.10
N5 FAD I . -11.34 -20.30 16.82
C5X FAD I . -11.81 -19.48 15.85
C6 FAD I . -11.83 -19.93 14.54
C7 FAD I . -12.32 -19.12 13.52
C7M FAD I . -12.31 -19.69 12.13
C8 FAD I . -12.82 -17.75 13.85
C8M FAD I . -13.37 -16.81 12.80
C9 FAD I . -12.81 -17.30 15.16
C9A FAD I . -12.32 -18.12 16.18
N10 FAD I . -12.31 -17.68 17.52
C10 FAD I . -11.81 -18.56 18.50
C1' FAD I . -12.78 -16.35 17.94
C2' FAD I . -11.85 -15.24 17.46
O2' FAD I . -10.74 -15.05 18.33
C3' FAD I . -12.73 -14.01 17.31
O3' FAD I . -13.32 -14.02 16.00
C4' FAD I . -12.01 -12.68 17.52
O4' FAD I . -10.82 -12.84 18.31
C5' FAD I . -12.98 -11.81 18.28
O5' FAD I . -13.57 -10.85 17.42
P FAD I . -15.17 -10.79 17.16
O1P FAD I . -15.93 -10.67 18.46
O2P FAD I . -15.50 -11.91 16.20
O3P FAD I . -15.27 -9.37 16.40
PA FAD J . 18.34 4.58 -15.40
O1A FAD J . 18.87 3.17 -15.36
O2A FAD J . 18.31 5.33 -16.71
O5B FAD J . 16.87 4.63 -14.74
C5B FAD J . 15.72 5.14 -15.44
C4B FAD J . 14.52 4.26 -15.12
O4B FAD J . 14.36 3.30 -16.17
C3B FAD J . 14.76 3.48 -13.83
O3B FAD J . 13.65 3.63 -12.93
C2B FAD J . 14.90 2.03 -14.24
O2B FAD J . 14.10 1.20 -13.41
C1B FAD J . 14.47 1.96 -15.70
N9A FAD J . 15.52 1.20 -16.45
C8A FAD J . 16.83 1.27 -16.19
N7A FAD J . 17.56 0.48 -17.01
C5A FAD J . 16.69 -0.14 -17.83
C6A FAD J . 16.80 -1.13 -18.93
N6A FAD J . 18.00 -1.63 -19.35
N1A FAD J . 15.65 -1.53 -19.53
C2A FAD J . 14.46 -1.05 -19.14
N3A FAD J . 14.29 -0.17 -18.14
C4A FAD J . 15.35 0.32 -17.45
N1 FAD J . 27.89 2.73 -9.97
C2 FAD J . 29.07 2.07 -9.86
O2 FAD J . 29.42 1.33 -10.81
N3 FAD J . 29.88 2.18 -8.78
C4 FAD J . 29.58 2.96 -7.73
O4 FAD J . 30.34 3.07 -6.74
C4X FAD J . 28.31 3.70 -7.78
N5 FAD J . 27.94 4.50 -6.76
C5X FAD J . 26.77 5.18 -6.82
C6 FAD J . 26.42 6.00 -5.77
C7 FAD J . 25.24 6.72 -5.79
C7M FAD J . 24.94 7.57 -4.59
C8 FAD J . 24.33 6.60 -6.96
C8M FAD J . 23.02 7.32 -7.08
C9 FAD J . 24.69 5.79 -8.02
C9A FAD J . 25.86 5.07 -8.00
N10 FAD J . 26.23 4.22 -9.08
C10 FAD J . 27.45 3.54 -8.98
C1' FAD J . 25.38 4.08 -10.28
C2' FAD J . 24.00 3.46 -10.03
O2' FAD J . 24.09 2.02 -10.05
C3' FAD J . 23.01 4.00 -11.06
O3' FAD J . 22.81 5.41 -10.88
C4' FAD J . 21.66 3.28 -11.01
O4' FAD J . 21.70 2.20 -10.07
C5' FAD J . 21.29 2.80 -12.41
O5' FAD J . 20.27 3.64 -12.99
P FAD J . 20.59 5.02 -13.77
O1P FAD J . 21.47 4.71 -14.97
O2P FAD J . 21.05 6.04 -12.75
O3P FAD J . 19.15 5.47 -14.32
C TRS K . 8.75 3.88 -3.19
C1 TRS K . 9.38 5.08 -2.47
C2 TRS K . 9.07 2.58 -2.46
C3 TRS K . 9.19 3.82 -4.65
N TRS K . 7.30 4.03 -3.20
O1 TRS K . 10.62 5.43 -3.05
O2 TRS K . 9.02 2.80 -1.06
O3 TRS K . 8.85 5.01 -5.32
#